data_1V8Z
#
_entry.id   1V8Z
#
_cell.length_a   84.835
_cell.length_b   110.530
_cell.length_c   159.999
_cell.angle_alpha   90.00
_cell.angle_beta   90.00
_cell.angle_gamma   90.00
#
_symmetry.space_group_name_H-M   'P 21 21 21'
#
loop_
_entity.id
_entity.type
_entity.pdbx_description
1 polymer 'Tryptophan synthase beta chain 1'
2 non-polymer 'SODIUM ION'
3 non-polymer "PYRIDOXAL-5'-PHOSPHATE"
4 water water
#
_entity_poly.entity_id   1
_entity_poly.type   'polypeptide(L)'
_entity_poly.pdbx_seq_one_letter_code
;MWFGEFGGQYVPETLIEPLKELEKAYKRFKDDEEFNRQLNYYLKTWAGRPTPLYYAKRLTEKIGGAKIYLKREDLVHGGA
HKTNNAIGQALLAKFMGKTRLIAETGAGQHGVATAMAGALLGMKVDIYMGAEDVERQKMNVFRMKLLGANVIPVNSGSRT
LKDAINEALRDWVATFEYTHYLIGSVVGPHPYPTIVRDFQSVIGREAKAQILEAEGQLPDVIVACVGGGSNAMGIFYPFV
NDKKVKLVGVEAGGKGLESGKHSASLNAGQVGVFHGMLSYFLQDEEGQIKPTHSIAPGLDYPGVGPEHAYLKKIQRAEYV
TVTDEEALKAFHELSRTEGIIPALESAHAVAYAMKLAKEMSRDEIIIVNLSGRGDKDLDIVLKVSGNV
;
_entity_poly.pdbx_strand_id   A,B,C,D
#
loop_
_chem_comp.id
_chem_comp.type
_chem_comp.name
_chem_comp.formula
NA non-polymer 'SODIUM ION' 'Na 1'
PLP non-polymer PYRIDOXAL-5'-PHOSPHATE 'C8 H10 N O6 P'
#
# COMPACT_ATOMS: atom_id res chain seq x y z
N MET A 1 8.83 18.86 46.22
CA MET A 1 9.71 19.13 45.06
C MET A 1 10.32 17.86 44.52
N TRP A 2 10.44 16.84 45.37
CA TRP A 2 11.00 15.57 44.95
C TRP A 2 10.06 14.38 45.15
N PHE A 3 10.33 13.33 44.39
CA PHE A 3 9.60 12.06 44.46
C PHE A 3 10.76 11.09 44.59
N GLY A 4 11.11 10.77 45.83
CA GLY A 4 12.24 9.90 46.09
C GLY A 4 13.41 10.81 45.77
N GLU A 5 14.33 10.34 44.94
CA GLU A 5 15.49 11.16 44.58
C GLU A 5 15.24 11.96 43.30
N PHE A 6 14.14 11.64 42.62
CA PHE A 6 13.79 12.27 41.36
C PHE A 6 13.04 13.60 41.47
N GLY A 7 13.20 14.44 40.45
CA GLY A 7 12.53 15.74 40.44
C GLY A 7 13.51 16.88 40.57
N GLY A 8 13.21 17.79 41.51
CA GLY A 8 14.08 18.94 41.77
C GLY A 8 13.89 20.17 40.91
N GLN A 9 14.86 21.09 41.01
CA GLN A 9 14.87 22.35 40.26
C GLN A 9 16.27 22.68 39.75
N TYR A 10 16.82 21.84 38.89
CA TYR A 10 18.15 22.08 38.34
C TYR A 10 18.07 23.13 37.23
N VAL A 11 18.04 24.39 37.64
CA VAL A 11 17.92 25.50 36.69
C VAL A 11 18.84 26.69 36.99
N PRO A 12 19.10 27.53 35.97
CA PRO A 12 19.95 28.72 36.12
C PRO A 12 19.36 29.68 37.14
N GLU A 13 20.24 30.45 37.77
CA GLU A 13 19.82 31.43 38.77
C GLU A 13 18.65 32.25 38.25
N THR A 14 18.69 32.55 36.95
CA THR A 14 17.68 33.34 36.26
C THR A 14 16.26 32.76 36.26
N LEU A 15 16.14 31.46 36.49
CA LEU A 15 14.82 30.84 36.48
C LEU A 15 14.21 30.65 37.86
N ILE A 16 15.00 30.89 38.90
CA ILE A 16 14.52 30.72 40.26
C ILE A 16 13.39 31.67 40.63
N GLU A 17 13.42 32.90 40.11
CA GLU A 17 12.39 33.87 40.43
C GLU A 17 11.03 33.49 39.81
N PRO A 18 11.01 33.11 38.51
CA PRO A 18 9.74 32.73 37.86
C PRO A 18 9.10 31.54 38.53
N LEU A 19 9.93 30.54 38.80
CA LEU A 19 9.46 29.31 39.43
C LEU A 19 8.96 29.55 40.85
N LYS A 20 9.55 30.52 41.54
CA LYS A 20 9.16 30.86 42.90
C LYS A 20 7.73 31.37 42.89
N GLU A 21 7.53 32.40 42.10
CA GLU A 21 6.22 33.02 41.96
C GLU A 21 5.23 31.97 41.48
N LEU A 22 5.58 31.24 40.42
CA LEU A 22 4.68 30.22 39.89
C LEU A 22 4.21 29.30 41.00
N GLU A 23 5.17 28.79 41.77
CA GLU A 23 4.86 27.89 42.86
C GLU A 23 3.98 28.59 43.89
N LYS A 24 4.21 29.89 44.06
CA LYS A 24 3.44 30.66 45.02
C LYS A 24 2.02 30.82 44.51
N ALA A 25 1.89 31.22 43.25
CA ALA A 25 0.59 31.42 42.63
C ALA A 25 -0.22 30.13 42.65
N TYR A 26 0.44 29.01 42.37
CA TYR A 26 -0.27 27.73 42.35
C TYR A 26 -0.79 27.41 43.75
N LYS A 27 0.05 27.60 44.76
CA LYS A 27 -0.32 27.31 46.13
C LYS A 27 -1.62 27.98 46.56
N ARG A 28 -1.73 29.28 46.30
CA ARG A 28 -2.95 30.00 46.68
C ARG A 28 -4.14 29.65 45.81
N PHE A 29 -3.93 29.60 44.51
CA PHE A 29 -5.00 29.29 43.59
C PHE A 29 -5.37 27.83 43.49
N LYS A 30 -4.38 26.96 43.74
CA LYS A 30 -4.59 25.51 43.66
C LYS A 30 -5.95 25.15 44.17
N ASP A 31 -6.29 25.75 45.30
CA ASP A 31 -7.55 25.44 45.91
C ASP A 31 -8.36 26.69 46.23
N ASP A 32 -8.40 27.65 45.31
CA ASP A 32 -9.18 28.89 45.51
C ASP A 32 -10.57 28.66 44.94
N GLU A 33 -11.59 29.16 45.64
CA GLU A 33 -12.97 28.99 45.20
C GLU A 33 -13.16 29.41 43.74
N GLU A 34 -12.98 30.70 43.48
CA GLU A 34 -13.15 31.26 42.14
C GLU A 34 -12.37 30.54 41.05
N PHE A 35 -11.07 30.32 41.26
CA PHE A 35 -10.26 29.65 40.25
C PHE A 35 -10.87 28.31 39.85
N ASN A 36 -11.13 27.47 40.86
CA ASN A 36 -11.70 26.15 40.63
C ASN A 36 -13.08 26.22 39.97
N ARG A 37 -13.84 27.25 40.30
CA ARG A 37 -15.16 27.42 39.72
C ARG A 37 -15.02 27.63 38.22
N GLN A 38 -14.04 28.45 37.86
CA GLN A 38 -13.78 28.75 36.46
C GLN A 38 -13.17 27.57 35.71
N LEU A 39 -12.25 26.86 36.36
CA LEU A 39 -11.61 25.71 35.73
C LEU A 39 -12.66 24.66 35.40
N ASN A 40 -13.50 24.32 36.36
CA ASN A 40 -14.53 23.32 36.12
C ASN A 40 -15.55 23.81 35.10
N TYR A 41 -15.76 25.11 35.03
CA TYR A 41 -16.68 25.68 34.08
C TYR A 41 -16.19 25.45 32.64
N TYR A 42 -14.91 25.74 32.39
CA TYR A 42 -14.34 25.54 31.06
C TYR A 42 -14.21 24.05 30.75
N LEU A 43 -13.76 23.29 31.74
CA LEU A 43 -13.59 21.85 31.57
C LEU A 43 -14.91 21.25 31.11
N LYS A 44 -16.00 21.73 31.69
CA LYS A 44 -17.31 21.23 31.37
C LYS A 44 -17.91 21.74 30.06
N THR A 45 -18.14 23.05 29.97
CA THR A 45 -18.76 23.65 28.81
C THR A 45 -17.91 23.79 27.55
N TRP A 46 -16.59 23.76 27.72
CA TRP A 46 -15.69 23.91 26.59
C TRP A 46 -15.01 22.58 26.21
N ALA A 47 -14.40 21.93 27.19
CA ALA A 47 -13.70 20.68 26.95
C ALA A 47 -14.62 19.47 26.88
N GLY A 48 -15.81 19.59 27.48
CA GLY A 48 -16.75 18.49 27.44
C GLY A 48 -16.57 17.43 28.50
N ARG A 49 -15.92 17.77 29.61
CA ARG A 49 -15.73 16.82 30.70
C ARG A 49 -17.04 16.74 31.46
N PRO A 50 -17.33 15.58 32.08
CA PRO A 50 -16.52 14.35 32.10
C PRO A 50 -16.60 13.48 30.85
N THR A 51 -15.55 12.72 30.60
CA THR A 51 -15.53 11.81 29.46
C THR A 51 -16.03 10.46 29.97
N PRO A 52 -16.76 9.71 29.12
CA PRO A 52 -17.27 8.40 29.55
C PRO A 52 -16.23 7.31 29.78
N LEU A 53 -16.69 6.25 30.44
CA LEU A 53 -15.90 5.07 30.70
C LEU A 53 -16.66 4.06 29.86
N TYR A 54 -16.03 3.53 28.83
CA TYR A 54 -16.71 2.59 27.95
C TYR A 54 -16.28 1.14 28.10
N TYR A 55 -17.25 0.24 27.99
CA TYR A 55 -16.99 -1.19 28.10
C TYR A 55 -16.87 -1.79 26.70
N ALA A 56 -15.66 -2.13 26.31
CA ALA A 56 -15.43 -2.72 24.99
C ALA A 56 -15.86 -4.18 25.03
N LYS A 57 -17.18 -4.40 25.06
CA LYS A 57 -17.74 -5.73 25.14
C LYS A 57 -17.28 -6.67 24.04
N ARG A 58 -17.39 -6.23 22.78
CA ARG A 58 -16.98 -7.07 21.67
C ARG A 58 -15.50 -7.44 21.80
N LEU A 59 -14.66 -6.46 22.12
CA LEU A 59 -13.24 -6.71 22.26
C LEU A 59 -12.97 -7.68 23.39
N THR A 60 -13.56 -7.43 24.56
CA THR A 60 -13.33 -8.33 25.68
C THR A 60 -13.66 -9.78 25.32
N GLU A 61 -14.84 -10.01 24.76
CA GLU A 61 -15.27 -11.37 24.39
C GLU A 61 -14.38 -12.02 23.33
N LYS A 62 -13.96 -11.26 22.33
CA LYS A 62 -13.12 -11.80 21.26
C LYS A 62 -11.82 -12.31 21.85
N ILE A 63 -11.45 -11.79 23.01
CA ILE A 63 -10.20 -12.18 23.68
C ILE A 63 -10.51 -13.21 24.77
N GLY A 64 -11.73 -13.16 25.30
CA GLY A 64 -12.16 -14.09 26.32
C GLY A 64 -11.35 -14.07 27.59
N GLY A 65 -11.01 -12.88 28.06
CA GLY A 65 -10.24 -12.75 29.28
C GLY A 65 -10.91 -11.75 30.20
N ALA A 66 -10.11 -10.85 30.76
CA ALA A 66 -10.63 -9.84 31.66
C ALA A 66 -11.48 -8.83 30.90
N LYS A 67 -12.35 -8.13 31.62
CA LYS A 67 -13.19 -7.11 31.04
C LYS A 67 -12.29 -5.94 30.68
N ILE A 68 -12.47 -5.39 29.48
CA ILE A 68 -11.66 -4.26 29.04
C ILE A 68 -12.51 -3.00 29.00
N TYR A 69 -12.18 -2.05 29.86
CA TYR A 69 -12.88 -0.78 29.91
C TYR A 69 -11.97 0.29 29.34
N LEU A 70 -12.55 1.27 28.67
CA LEU A 70 -11.76 2.34 28.08
C LEU A 70 -12.14 3.71 28.66
N LYS A 71 -11.18 4.40 29.25
CA LYS A 71 -11.45 5.74 29.76
C LYS A 71 -11.31 6.55 28.48
N ARG A 72 -12.43 7.12 28.04
CA ARG A 72 -12.51 7.86 26.78
C ARG A 72 -12.00 9.30 26.70
N GLU A 73 -10.71 9.50 26.94
CA GLU A 73 -10.15 10.85 26.84
C GLU A 73 -10.09 11.33 25.39
N ASP A 74 -10.34 10.42 24.45
CA ASP A 74 -10.35 10.74 23.03
C ASP A 74 -11.53 11.63 22.70
N LEU A 75 -12.48 11.70 23.62
CA LEU A 75 -13.68 12.51 23.41
C LEU A 75 -13.58 13.96 23.95
N VAL A 76 -12.47 14.31 24.59
CA VAL A 76 -12.32 15.66 25.12
C VAL A 76 -12.03 16.62 23.96
N HIS A 77 -12.45 17.88 24.11
CA HIS A 77 -12.21 18.87 23.08
C HIS A 77 -10.74 18.85 22.67
N GLY A 78 -10.50 18.69 21.38
CA GLY A 78 -9.14 18.63 20.89
C GLY A 78 -8.73 17.22 20.50
N GLY A 79 -9.38 16.23 21.11
CA GLY A 79 -9.06 14.84 20.79
C GLY A 79 -8.07 14.15 21.72
N ALA A 80 -7.51 14.88 22.66
CA ALA A 80 -6.54 14.29 23.60
C ALA A 80 -6.60 14.89 25.00
N HIS A 81 -6.03 14.16 25.93
CA HIS A 81 -6.00 14.58 27.33
C HIS A 81 -5.21 15.86 27.56
N LYS A 82 -4.29 16.19 26.66
CA LYS A 82 -3.46 17.39 26.81
C LYS A 82 -4.28 18.62 27.16
N THR A 83 -5.47 18.70 26.59
CA THR A 83 -6.37 19.82 26.83
C THR A 83 -6.66 20.12 28.30
N ASN A 84 -6.77 19.07 29.13
CA ASN A 84 -7.06 19.26 30.56
C ASN A 84 -5.97 20.13 31.17
N ASN A 85 -4.73 19.81 30.84
CA ASN A 85 -3.58 20.53 31.34
C ASN A 85 -3.44 21.94 30.78
N ALA A 86 -3.75 22.11 29.50
CA ALA A 86 -3.66 23.41 28.86
C ALA A 86 -4.65 24.39 29.48
N ILE A 87 -5.88 23.92 29.71
CA ILE A 87 -6.89 24.77 30.32
C ILE A 87 -6.42 25.19 31.71
N GLY A 88 -6.03 24.21 32.51
CA GLY A 88 -5.56 24.49 33.86
C GLY A 88 -4.47 25.54 33.96
N GLN A 89 -3.39 25.36 33.20
CA GLN A 89 -2.27 26.30 33.24
C GLN A 89 -2.56 27.64 32.62
N ALA A 90 -3.32 27.64 31.54
CA ALA A 90 -3.65 28.89 30.87
C ALA A 90 -4.53 29.73 31.80
N LEU A 91 -5.41 29.06 32.53
CA LEU A 91 -6.32 29.74 33.46
C LEU A 91 -5.51 30.26 34.65
N LEU A 92 -4.51 29.49 35.09
CA LEU A 92 -3.66 29.92 36.20
C LEU A 92 -2.91 31.17 35.76
N ALA A 93 -2.36 31.10 34.55
CA ALA A 93 -1.63 32.22 33.97
C ALA A 93 -2.51 33.46 33.99
N LYS A 94 -3.77 33.27 33.60
CA LYS A 94 -4.73 34.36 33.58
C LYS A 94 -4.85 34.98 34.97
N PHE A 95 -5.02 34.12 35.97
CA PHE A 95 -5.14 34.57 37.35
C PHE A 95 -3.88 35.26 37.86
N MET A 96 -2.74 34.96 37.23
CA MET A 96 -1.49 35.57 37.63
C MET A 96 -1.25 36.82 36.80
N GLY A 97 -2.30 37.26 36.10
CA GLY A 97 -2.19 38.46 35.30
C GLY A 97 -1.36 38.36 34.03
N LYS A 98 -0.89 37.15 33.70
CA LYS A 98 -0.09 36.98 32.50
C LYS A 98 -0.98 37.23 31.28
N THR A 99 -0.38 37.63 30.17
CA THR A 99 -1.14 37.91 28.95
C THR A 99 -0.56 37.13 27.78
N ARG A 100 0.44 36.30 28.05
CA ARG A 100 1.08 35.54 26.99
C ARG A 100 1.43 34.14 27.45
N LEU A 101 1.35 33.19 26.52
CA LEU A 101 1.67 31.79 26.81
C LEU A 101 2.70 31.33 25.80
N ILE A 102 3.75 30.65 26.29
CA ILE A 102 4.75 30.10 25.40
C ILE A 102 4.85 28.64 25.77
N ALA A 103 5.33 27.83 24.84
CA ALA A 103 5.49 26.41 25.12
C ALA A 103 6.27 25.83 23.99
N GLU A 104 6.80 24.64 24.22
CA GLU A 104 7.56 23.94 23.20
C GLU A 104 6.69 22.75 22.82
N THR A 105 6.99 22.14 21.69
CA THR A 105 6.24 20.98 21.26
C THR A 105 7.07 20.13 20.32
N GLY A 106 6.84 18.82 20.36
CA GLY A 106 7.58 17.92 19.49
C GLY A 106 6.71 17.55 18.31
N ALA A 107 5.66 16.78 18.58
CA ALA A 107 4.74 16.35 17.53
C ALA A 107 3.84 17.51 17.13
N GLY A 108 3.60 18.42 18.06
CA GLY A 108 2.75 19.56 17.78
C GLY A 108 1.43 19.44 18.50
N GLN A 109 1.21 18.29 19.12
CA GLN A 109 -0.01 18.05 19.85
C GLN A 109 -0.14 18.99 21.05
N HIS A 110 0.91 19.13 21.85
CA HIS A 110 0.81 20.05 22.98
C HIS A 110 0.76 21.48 22.44
N GLY A 111 1.41 21.70 21.31
CA GLY A 111 1.39 23.02 20.70
C GLY A 111 -0.03 23.42 20.35
N VAL A 112 -0.81 22.44 19.89
CA VAL A 112 -2.21 22.70 19.53
C VAL A 112 -3.09 22.93 20.75
N ALA A 113 -2.91 22.13 21.81
CA ALA A 113 -3.70 22.29 23.02
C ALA A 113 -3.44 23.69 23.64
N THR A 114 -2.19 24.10 23.64
CA THR A 114 -1.83 25.40 24.17
C THR A 114 -2.49 26.51 23.36
N ALA A 115 -2.48 26.36 22.04
CA ALA A 115 -3.11 27.37 21.19
C ALA A 115 -4.62 27.41 21.46
N MET A 116 -5.21 26.25 21.66
CA MET A 116 -6.65 26.22 21.93
C MET A 116 -6.95 26.98 23.22
N ALA A 117 -6.22 26.64 24.27
CA ALA A 117 -6.39 27.26 25.58
C ALA A 117 -6.12 28.77 25.54
N GLY A 118 -5.07 29.14 24.82
CA GLY A 118 -4.73 30.54 24.71
C GLY A 118 -5.86 31.29 24.05
N ALA A 119 -6.37 30.76 22.95
CA ALA A 119 -7.46 31.39 22.22
C ALA A 119 -8.70 31.49 23.10
N LEU A 120 -8.94 30.46 23.90
CA LEU A 120 -10.11 30.47 24.79
C LEU A 120 -10.05 31.63 25.77
N LEU A 121 -8.87 31.89 26.31
CA LEU A 121 -8.70 32.96 27.30
C LEU A 121 -8.13 34.27 26.76
N GLY A 122 -8.17 34.42 25.44
CA GLY A 122 -7.67 35.63 24.79
C GLY A 122 -6.22 35.99 25.04
N MET A 123 -5.36 35.00 25.22
CA MET A 123 -3.95 35.27 25.45
C MET A 123 -3.12 35.09 24.21
N LYS A 124 -1.96 35.74 24.18
CA LYS A 124 -1.09 35.62 23.02
C LYS A 124 -0.37 34.29 23.16
N VAL A 125 -0.15 33.60 22.06
CA VAL A 125 0.50 32.31 22.13
C VAL A 125 1.66 32.15 21.15
N ASP A 126 2.83 31.83 21.67
CA ASP A 126 4.02 31.61 20.85
C ASP A 126 4.43 30.16 21.14
N ILE A 127 4.63 29.39 20.10
CA ILE A 127 5.00 27.99 20.24
C ILE A 127 6.37 27.69 19.62
N TYR A 128 7.31 27.25 20.44
CA TYR A 128 8.65 26.93 19.95
C TYR A 128 8.64 25.48 19.49
N MET A 129 9.11 25.25 18.26
CA MET A 129 9.11 23.90 17.71
C MET A 129 10.37 23.69 16.85
N GLY A 130 11.03 22.56 17.04
CA GLY A 130 12.23 22.26 16.27
C GLY A 130 11.90 22.21 14.79
N ALA A 131 12.68 22.92 13.98
CA ALA A 131 12.46 22.95 12.53
C ALA A 131 12.31 21.56 11.96
N GLU A 132 13.07 20.61 12.49
CA GLU A 132 12.99 19.24 12.02
C GLU A 132 11.54 18.74 12.15
N ASP A 133 10.92 19.00 13.30
CA ASP A 133 9.54 18.58 13.55
C ASP A 133 8.56 19.44 12.76
N VAL A 134 8.81 20.74 12.69
CA VAL A 134 7.95 21.66 11.96
C VAL A 134 7.70 21.10 10.58
N GLU A 135 8.79 20.77 9.90
CA GLU A 135 8.75 20.22 8.55
C GLU A 135 8.19 18.81 8.55
N ARG A 136 7.76 18.33 9.71
CA ARG A 136 7.23 16.98 9.82
C ARG A 136 5.71 17.00 10.00
N GLN A 137 5.27 17.84 10.91
CA GLN A 137 3.86 17.99 11.27
C GLN A 137 3.20 19.20 10.63
N LYS A 138 3.16 19.20 9.30
CA LYS A 138 2.56 20.29 8.55
C LYS A 138 1.15 20.62 9.04
N MET A 139 0.32 19.60 9.26
CA MET A 139 -1.04 19.88 9.69
C MET A 139 -1.14 20.43 11.10
N ASN A 140 -0.30 19.97 12.02
CA ASN A 140 -0.34 20.50 13.37
C ASN A 140 0.12 21.96 13.41
N VAL A 141 1.06 22.32 12.54
CA VAL A 141 1.55 23.68 12.50
C VAL A 141 0.43 24.58 11.99
N PHE A 142 -0.24 24.10 10.95
CA PHE A 142 -1.35 24.81 10.34
C PHE A 142 -2.48 24.97 11.38
N ARG A 143 -2.70 23.92 12.16
CA ARG A 143 -3.75 23.93 13.18
C ARG A 143 -3.48 25.00 14.25
N MET A 144 -2.23 25.10 14.70
CA MET A 144 -1.86 26.09 15.72
C MET A 144 -2.09 27.51 15.21
N LYS A 145 -1.80 27.73 13.93
CA LYS A 145 -1.99 29.03 13.31
C LYS A 145 -3.46 29.36 13.16
N LEU A 146 -4.25 28.38 12.73
CA LEU A 146 -5.69 28.61 12.61
C LEU A 146 -6.19 29.10 13.95
N LEU A 147 -5.64 28.55 15.02
CA LEU A 147 -6.03 28.91 16.37
C LEU A 147 -5.46 30.26 16.81
N GLY A 148 -4.74 30.92 15.91
CA GLY A 148 -4.19 32.22 16.22
C GLY A 148 -2.84 32.22 16.92
N ALA A 149 -2.27 31.04 17.13
CA ALA A 149 -0.97 30.96 17.79
C ALA A 149 0.12 31.19 16.76
N ASN A 150 1.30 31.56 17.24
CA ASN A 150 2.46 31.82 16.37
C ASN A 150 3.48 30.69 16.54
N VAL A 151 3.86 30.04 15.45
CA VAL A 151 4.82 28.95 15.51
C VAL A 151 6.23 29.45 15.18
N ILE A 152 7.10 29.40 16.18
CA ILE A 152 8.47 29.85 16.04
C ILE A 152 9.40 28.67 15.79
N PRO A 153 9.82 28.48 14.52
CA PRO A 153 10.71 27.36 14.19
C PRO A 153 12.08 27.59 14.81
N VAL A 154 12.68 26.51 15.30
CA VAL A 154 14.00 26.60 15.93
C VAL A 154 15.03 25.85 15.07
N ASN A 155 15.98 26.59 14.52
CA ASN A 155 17.01 26.02 13.65
C ASN A 155 18.35 25.81 14.36
N SER A 156 18.46 26.29 15.59
CA SER A 156 19.69 26.12 16.35
C SER A 156 19.82 24.65 16.77
N GLY A 157 21.01 24.26 17.20
CA GLY A 157 21.23 22.89 17.62
C GLY A 157 20.83 21.86 16.57
N SER A 158 20.22 20.76 17.02
CA SER A 158 19.79 19.69 16.11
C SER A 158 18.37 19.92 15.57
N ARG A 159 17.89 21.16 15.70
CA ARG A 159 16.57 21.56 15.21
C ARG A 159 15.44 20.62 15.67
N THR A 160 15.53 20.16 16.92
CA THR A 160 14.53 19.26 17.47
C THR A 160 13.97 19.77 18.80
N LEU A 161 13.23 18.89 19.49
CA LEU A 161 12.60 19.20 20.76
C LEU A 161 13.51 19.79 21.84
N LYS A 162 14.66 19.16 22.08
CA LYS A 162 15.56 19.67 23.10
C LYS A 162 15.95 21.11 22.80
N ASP A 163 16.05 21.44 21.52
CA ASP A 163 16.42 22.80 21.11
C ASP A 163 15.26 23.75 21.36
N ALA A 164 14.04 23.27 21.16
CA ALA A 164 12.87 24.08 21.39
C ALA A 164 12.74 24.37 22.88
N ILE A 165 12.98 23.35 23.70
CA ILE A 165 12.91 23.51 25.14
C ILE A 165 13.87 24.59 25.61
N ASN A 166 15.06 24.60 25.04
CA ASN A 166 16.05 25.62 25.39
C ASN A 166 15.53 27.01 25.07
N GLU A 167 15.02 27.18 23.85
CA GLU A 167 14.49 28.47 23.43
C GLU A 167 13.33 28.92 24.31
N ALA A 168 12.45 28.00 24.67
CA ALA A 168 11.31 28.34 25.52
C ALA A 168 11.81 28.86 26.86
N LEU A 169 12.76 28.15 27.47
CA LEU A 169 13.31 28.58 28.75
C LEU A 169 13.92 29.97 28.60
N ARG A 170 14.66 30.17 27.52
CA ARG A 170 15.30 31.44 27.25
C ARG A 170 14.25 32.54 27.27
N ASP A 171 13.20 32.35 26.47
CA ASP A 171 12.12 33.31 26.37
C ASP A 171 11.53 33.66 27.73
N TRP A 172 11.16 32.63 28.49
CA TRP A 172 10.57 32.82 29.80
C TRP A 172 11.43 33.67 30.72
N VAL A 173 12.73 33.36 30.77
CA VAL A 173 13.65 34.11 31.62
C VAL A 173 13.48 35.60 31.38
N ALA A 174 13.35 35.97 30.11
CA ALA A 174 13.20 37.36 29.71
C ALA A 174 11.79 37.95 29.77
N THR A 175 10.77 37.12 29.67
CA THR A 175 9.41 37.62 29.64
C THR A 175 8.47 37.10 30.72
N PHE A 176 8.97 36.30 31.64
CA PHE A 176 8.10 35.73 32.66
C PHE A 176 7.15 36.71 33.33
N GLU A 177 7.52 37.99 33.32
CA GLU A 177 6.69 39.03 33.93
C GLU A 177 5.23 38.94 33.48
N TYR A 178 5.04 38.80 32.17
CA TYR A 178 3.69 38.71 31.62
C TYR A 178 3.47 37.41 30.84
N THR A 179 4.52 36.61 30.73
CA THR A 179 4.46 35.34 30.01
C THR A 179 4.51 34.12 30.91
N HIS A 180 3.61 33.17 30.67
CA HIS A 180 3.60 31.94 31.44
C HIS A 180 4.13 30.81 30.54
N TYR A 181 5.02 30.00 31.10
CA TYR A 181 5.60 28.88 30.37
C TYR A 181 4.69 27.68 30.64
N LEU A 182 4.03 27.22 29.59
CA LEU A 182 3.09 26.12 29.70
C LEU A 182 3.71 24.77 29.33
N ILE A 183 4.28 24.07 30.31
CA ILE A 183 4.88 22.77 30.04
C ILE A 183 3.78 21.75 29.74
N GLY A 184 4.04 20.89 28.75
CA GLY A 184 3.08 19.91 28.29
C GLY A 184 2.96 18.54 28.93
N SER A 185 3.82 18.21 29.88
CA SER A 185 3.71 16.91 30.54
C SER A 185 4.17 17.01 32.00
N VAL A 186 4.21 15.88 32.70
CA VAL A 186 4.64 15.87 34.09
C VAL A 186 6.16 15.87 34.18
N VAL A 187 6.77 16.82 33.46
CA VAL A 187 8.22 16.95 33.43
C VAL A 187 8.64 18.38 33.73
N GLY A 188 9.95 18.60 33.70
CA GLY A 188 10.48 19.92 33.97
C GLY A 188 10.74 20.19 35.44
N PRO A 189 11.25 21.37 35.77
CA PRO A 189 11.53 21.70 37.16
C PRO A 189 10.28 21.92 38.00
N HIS A 190 10.38 21.59 39.28
CA HIS A 190 9.27 21.77 40.21
C HIS A 190 8.88 23.24 40.03
N PRO A 191 7.57 23.57 40.16
CA PRO A 191 6.39 22.75 40.43
C PRO A 191 5.60 22.15 39.26
N TYR A 192 6.22 22.05 38.08
CA TYR A 192 5.52 21.52 36.91
C TYR A 192 5.12 20.04 36.98
N PRO A 193 6.04 19.14 37.38
CA PRO A 193 5.63 17.74 37.45
C PRO A 193 4.41 17.53 38.33
N THR A 194 4.31 18.33 39.38
CA THR A 194 3.19 18.25 40.31
C THR A 194 1.94 18.96 39.76
N ILE A 195 2.11 20.16 39.22
CA ILE A 195 0.98 20.90 38.68
C ILE A 195 0.27 20.18 37.53
N VAL A 196 1.04 19.63 36.60
CA VAL A 196 0.46 18.91 35.46
C VAL A 196 -0.30 17.67 35.94
N ARG A 197 0.29 16.92 36.86
CA ARG A 197 -0.40 15.74 37.37
C ARG A 197 -1.72 16.14 38.02
N ASP A 198 -1.70 17.26 38.74
CA ASP A 198 -2.91 17.73 39.40
C ASP A 198 -4.02 18.10 38.41
N PHE A 199 -3.64 18.59 37.23
CA PHE A 199 -4.62 18.97 36.22
C PHE A 199 -5.12 17.79 35.39
N GLN A 200 -4.39 16.69 35.45
CA GLN A 200 -4.74 15.46 34.73
C GLN A 200 -5.41 14.43 35.66
N SER A 201 -5.28 14.61 36.98
CA SER A 201 -5.84 13.66 37.95
C SER A 201 -7.36 13.60 37.88
N VAL A 202 -7.96 14.54 37.18
CA VAL A 202 -9.40 14.55 37.00
C VAL A 202 -9.77 13.30 36.20
N ILE A 203 -8.86 12.82 35.35
CA ILE A 203 -9.15 11.63 34.57
C ILE A 203 -9.37 10.44 35.50
N GLY A 204 -8.47 10.29 36.47
CA GLY A 204 -8.56 9.19 37.42
C GLY A 204 -9.75 9.25 38.35
N ARG A 205 -10.08 10.45 38.82
CA ARG A 205 -11.22 10.63 39.72
C ARG A 205 -12.52 10.21 39.04
N GLU A 206 -12.76 10.69 37.82
CA GLU A 206 -13.96 10.31 37.11
C GLU A 206 -13.98 8.81 36.89
N ALA A 207 -12.85 8.27 36.44
CA ALA A 207 -12.73 6.84 36.16
C ALA A 207 -12.99 5.97 37.39
N LYS A 208 -12.53 6.45 38.54
CA LYS A 208 -12.71 5.72 39.80
C LYS A 208 -14.20 5.60 40.09
N ALA A 209 -14.88 6.74 40.00
CA ALA A 209 -16.31 6.80 40.25
C ALA A 209 -17.08 5.95 39.24
N GLN A 210 -16.76 6.11 37.97
CA GLN A 210 -17.44 5.39 36.90
C GLN A 210 -17.26 3.88 36.94
N ILE A 211 -16.12 3.41 37.42
CA ILE A 211 -15.90 1.97 37.48
C ILE A 211 -16.65 1.42 38.70
N LEU A 212 -16.84 2.26 39.71
CA LEU A 212 -17.57 1.85 40.89
C LEU A 212 -19.04 1.76 40.56
N GLU A 213 -19.49 2.63 39.66
CA GLU A 213 -20.88 2.64 39.27
C GLU A 213 -21.18 1.51 38.32
N ALA A 214 -20.21 1.15 37.49
CA ALA A 214 -20.41 0.08 36.52
C ALA A 214 -20.13 -1.34 37.02
N GLU A 215 -19.17 -1.47 37.94
CA GLU A 215 -18.80 -2.79 38.45
C GLU A 215 -18.81 -2.89 39.97
N GLY A 216 -19.15 -1.79 40.63
CA GLY A 216 -19.18 -1.79 42.08
C GLY A 216 -17.86 -2.08 42.76
N GLN A 217 -16.78 -2.11 41.97
CA GLN A 217 -15.46 -2.38 42.53
C GLN A 217 -14.37 -1.71 41.73
N LEU A 218 -13.22 -1.52 42.37
CA LEU A 218 -12.08 -0.91 41.71
C LEU A 218 -11.51 -1.92 40.71
N PRO A 219 -10.73 -1.43 39.75
CA PRO A 219 -10.13 -2.32 38.74
C PRO A 219 -8.91 -3.10 39.22
N ASP A 220 -8.64 -4.20 38.55
CA ASP A 220 -7.50 -5.02 38.89
C ASP A 220 -6.26 -4.39 38.28
N VAL A 221 -6.40 -3.91 37.05
CA VAL A 221 -5.30 -3.30 36.32
C VAL A 221 -5.70 -2.06 35.52
N ILE A 222 -4.90 -1.00 35.66
CA ILE A 222 -5.09 0.24 34.91
C ILE A 222 -3.89 0.35 33.95
N VAL A 223 -4.16 0.50 32.67
CA VAL A 223 -3.09 0.59 31.67
C VAL A 223 -3.10 1.89 30.87
N ALA A 224 -1.96 2.59 30.86
CA ALA A 224 -1.83 3.86 30.15
C ALA A 224 -0.49 3.95 29.43
N CYS A 225 -0.47 4.66 28.29
CA CYS A 225 0.77 4.82 27.55
C CYS A 225 1.56 5.91 28.25
N VAL A 226 2.87 5.89 28.07
CA VAL A 226 3.72 6.87 28.70
C VAL A 226 4.74 7.55 27.79
N GLY A 227 4.57 8.85 27.61
CA GLY A 227 5.52 9.62 26.83
C GLY A 227 6.27 10.33 27.94
N GLY A 228 5.80 11.53 28.27
CA GLY A 228 6.36 12.29 29.37
C GLY A 228 5.69 11.71 30.60
N GLY A 229 4.48 11.19 30.40
CA GLY A 229 3.74 10.58 31.50
C GLY A 229 2.57 11.32 32.09
N SER A 230 2.05 12.34 31.41
CA SER A 230 0.92 13.08 31.98
C SER A 230 -0.42 12.34 32.01
N ASN A 231 -0.79 11.63 30.95
CA ASN A 231 -2.09 10.93 30.99
C ASN A 231 -2.07 9.74 31.95
N ALA A 232 -0.92 9.08 32.08
CA ALA A 232 -0.78 7.93 32.98
C ALA A 232 -0.89 8.40 34.43
N MET A 233 -0.15 9.45 34.79
CA MET A 233 -0.21 9.95 36.15
C MET A 233 -1.62 10.41 36.46
N GLY A 234 -2.24 11.08 35.50
CA GLY A 234 -3.59 11.56 35.70
C GLY A 234 -4.59 10.49 36.11
N ILE A 235 -4.50 9.33 35.48
CA ILE A 235 -5.41 8.23 35.79
C ILE A 235 -4.84 7.33 36.91
N PHE A 236 -3.53 7.32 37.08
CA PHE A 236 -2.90 6.51 38.13
C PHE A 236 -3.12 7.10 39.52
N TYR A 237 -2.79 8.38 39.65
CA TYR A 237 -2.86 9.08 40.93
C TYR A 237 -4.01 8.79 41.88
N PRO A 238 -5.26 8.83 41.40
CA PRO A 238 -6.37 8.57 42.32
C PRO A 238 -6.45 7.15 42.86
N PHE A 239 -5.66 6.24 42.27
CA PHE A 239 -5.66 4.85 42.68
C PHE A 239 -4.38 4.43 43.39
N VAL A 240 -3.39 5.32 43.42
CA VAL A 240 -2.11 5.02 44.05
C VAL A 240 -2.21 4.32 45.40
N ASN A 241 -3.09 4.83 46.26
CA ASN A 241 -3.28 4.28 47.60
C ASN A 241 -4.27 3.12 47.70
N ASP A 242 -4.72 2.60 46.56
CA ASP A 242 -5.63 1.46 46.56
C ASP A 242 -4.74 0.30 46.17
N LYS A 243 -3.90 -0.09 47.10
CA LYS A 243 -2.92 -1.16 46.92
C LYS A 243 -3.31 -2.35 46.04
N LYS A 244 -4.60 -2.66 45.96
CA LYS A 244 -5.03 -3.79 45.13
C LYS A 244 -5.06 -3.45 43.63
N VAL A 245 -5.10 -2.17 43.30
CA VAL A 245 -5.14 -1.77 41.91
C VAL A 245 -3.74 -1.73 41.32
N LYS A 246 -3.50 -2.60 40.36
CA LYS A 246 -2.21 -2.67 39.70
C LYS A 246 -2.11 -1.58 38.63
N LEU A 247 -0.96 -0.93 38.58
CA LEU A 247 -0.71 0.16 37.62
C LEU A 247 0.36 -0.25 36.61
N VAL A 248 0.05 -0.09 35.33
CA VAL A 248 0.98 -0.43 34.26
C VAL A 248 1.13 0.69 33.23
N GLY A 249 2.34 1.17 33.07
CA GLY A 249 2.60 2.20 32.09
C GLY A 249 3.26 1.54 30.89
N VAL A 250 2.84 1.93 29.69
CA VAL A 250 3.41 1.34 28.48
C VAL A 250 4.25 2.37 27.75
N GLU A 251 5.50 2.03 27.44
CA GLU A 251 6.39 2.93 26.72
C GLU A 251 6.54 2.50 25.28
N ALA A 252 7.07 3.39 24.46
CA ALA A 252 7.27 3.09 23.05
C ALA A 252 8.47 2.18 22.80
N GLY A 253 8.18 0.97 22.31
CA GLY A 253 9.24 0.03 22.01
C GLY A 253 9.84 0.29 20.63
N GLY A 254 9.15 1.11 19.83
CA GLY A 254 9.62 1.45 18.51
C GLY A 254 9.84 0.28 17.56
N LYS A 255 11.05 0.18 17.02
CA LYS A 255 11.42 -0.89 16.09
C LYS A 255 11.77 -2.15 16.85
N GLY A 256 12.20 -1.98 18.09
CA GLY A 256 12.60 -3.11 18.89
C GLY A 256 13.48 -2.50 19.94
N LEU A 257 13.32 -2.97 21.16
CA LEU A 257 14.09 -2.44 22.27
C LEU A 257 15.61 -2.65 22.08
N GLU A 258 15.98 -3.77 21.47
CA GLU A 258 17.39 -4.08 21.22
C GLU A 258 17.88 -3.48 19.90
N SER A 259 17.04 -2.67 19.27
CA SER A 259 17.39 -2.03 18.00
C SER A 259 17.70 -0.56 18.23
N GLY A 260 17.57 -0.12 19.49
CA GLY A 260 17.85 1.27 19.84
C GLY A 260 16.91 2.30 19.25
N LYS A 261 15.94 1.86 18.45
CA LYS A 261 14.96 2.75 17.82
C LYS A 261 13.63 2.70 18.57
N HIS A 262 13.57 3.37 19.71
CA HIS A 262 12.38 3.40 20.55
C HIS A 262 12.38 4.71 21.33
N SER A 263 11.65 4.73 22.44
CA SER A 263 11.58 5.92 23.28
C SER A 263 11.29 5.48 24.71
N ALA A 264 11.78 4.30 25.07
CA ALA A 264 11.59 3.71 26.38
C ALA A 264 12.59 4.18 27.44
N SER A 265 12.36 5.37 27.98
CA SER A 265 13.24 5.93 28.99
C SER A 265 13.34 5.09 30.27
N LEU A 266 12.21 4.67 30.80
CA LEU A 266 12.20 3.86 32.02
C LEU A 266 12.81 2.48 31.87
N ASN A 267 12.62 1.86 30.71
CA ASN A 267 13.14 0.52 30.49
C ASN A 267 14.50 0.42 29.84
N ALA A 268 15.05 1.53 29.35
CA ALA A 268 16.36 1.47 28.70
C ALA A 268 17.12 2.78 28.76
N GLY A 269 16.66 3.70 29.60
CA GLY A 269 17.36 4.98 29.72
C GLY A 269 18.29 4.94 30.91
N GLN A 270 18.79 6.09 31.30
CA GLN A 270 19.70 6.19 32.45
C GLN A 270 19.38 7.47 33.20
N VAL A 271 19.47 7.42 34.53
CA VAL A 271 19.18 8.58 35.34
C VAL A 271 20.08 9.75 34.94
N GLY A 272 19.49 10.94 34.88
CA GLY A 272 20.25 12.11 34.51
C GLY A 272 19.51 13.40 34.80
N VAL A 273 20.00 14.49 34.23
CA VAL A 273 19.38 15.80 34.41
C VAL A 273 19.12 16.48 33.09
N PHE A 274 17.85 16.81 32.85
CA PHE A 274 17.45 17.48 31.63
C PHE A 274 16.15 18.20 31.95
N HIS A 275 15.88 19.28 31.23
CA HIS A 275 14.64 20.03 31.45
C HIS A 275 14.53 20.43 32.93
N GLY A 276 15.69 20.52 33.59
CA GLY A 276 15.74 20.92 34.98
C GLY A 276 15.22 19.97 36.04
N MET A 277 15.33 18.66 35.79
CA MET A 277 14.86 17.67 36.76
C MET A 277 15.70 16.40 36.67
N LEU A 278 15.68 15.63 37.75
CA LEU A 278 16.42 14.38 37.78
C LEU A 278 15.43 13.26 37.52
N SER A 279 15.73 12.47 36.50
CA SER A 279 14.87 11.36 36.13
C SER A 279 15.58 10.53 35.05
N TYR A 280 14.85 9.62 34.41
CA TYR A 280 15.44 8.80 33.36
C TYR A 280 15.37 9.52 32.01
N PHE A 281 16.44 9.43 31.24
CA PHE A 281 16.50 10.03 29.91
C PHE A 281 17.25 9.09 28.99
N LEU A 282 16.93 9.15 27.70
CA LEU A 282 17.62 8.31 26.73
C LEU A 282 18.80 9.14 26.26
N GLN A 283 20.00 8.77 26.70
CA GLN A 283 21.20 9.52 26.33
C GLN A 283 22.25 8.64 25.68
N ASP A 284 23.13 9.27 24.90
CA ASP A 284 24.21 8.54 24.24
C ASP A 284 25.37 8.44 25.23
N GLU A 285 26.44 7.78 24.82
CA GLU A 285 27.62 7.59 25.66
C GLU A 285 28.27 8.88 26.17
N GLU A 286 27.78 10.03 25.70
CA GLU A 286 28.35 11.31 26.12
C GLU A 286 27.42 12.17 26.97
N GLY A 287 26.37 11.56 27.50
CA GLY A 287 25.43 12.31 28.33
C GLY A 287 24.54 13.27 27.56
N GLN A 288 24.51 13.12 26.24
CA GLN A 288 23.69 13.98 25.40
C GLN A 288 22.37 13.29 25.06
N ILE A 289 21.31 14.08 24.93
CA ILE A 289 19.99 13.53 24.61
C ILE A 289 20.04 12.78 23.29
N LYS A 290 19.72 11.49 23.35
CA LYS A 290 19.72 10.61 22.18
C LYS A 290 18.37 10.69 21.45
N PRO A 291 18.38 10.49 20.12
CA PRO A 291 17.14 10.55 19.34
C PRO A 291 16.16 9.46 19.73
N THR A 292 14.87 9.80 19.76
CA THR A 292 13.84 8.83 20.11
C THR A 292 13.00 8.52 18.88
N HIS A 293 12.37 7.35 18.87
CA HIS A 293 11.54 6.96 17.76
C HIS A 293 10.31 6.18 18.21
N SER A 294 9.22 6.38 17.49
CA SER A 294 7.97 5.68 17.75
C SER A 294 7.04 6.06 16.62
N ILE A 295 6.16 5.14 16.26
CA ILE A 295 5.19 5.38 15.23
C ILE A 295 4.19 6.40 15.78
N ALA A 296 4.14 6.49 17.11
CA ALA A 296 3.27 7.43 17.78
C ALA A 296 4.06 8.71 17.98
N PRO A 297 3.62 9.79 17.34
CA PRO A 297 4.29 11.09 17.43
C PRO A 297 4.46 11.60 18.87
N GLY A 298 3.37 11.56 19.62
CA GLY A 298 3.38 12.05 21.01
C GLY A 298 4.24 11.32 22.02
N LEU A 299 4.73 10.14 21.66
CA LEU A 299 5.60 9.36 22.54
C LEU A 299 7.02 9.66 22.09
N ASP A 300 7.34 10.95 21.97
CA ASP A 300 8.67 11.34 21.50
C ASP A 300 9.61 11.93 22.56
N TYR A 301 9.05 12.48 23.63
CA TYR A 301 9.89 13.05 24.69
C TYR A 301 11.04 12.09 25.02
N PRO A 302 12.26 12.62 25.11
CA PRO A 302 13.48 11.86 25.41
C PRO A 302 13.65 11.52 26.89
N GLY A 303 12.59 11.70 27.65
CA GLY A 303 12.66 11.41 29.07
C GLY A 303 11.33 10.94 29.62
N VAL A 304 11.19 11.06 30.92
CA VAL A 304 9.97 10.66 31.60
C VAL A 304 9.83 11.46 32.89
N GLY A 305 8.60 11.63 33.36
CA GLY A 305 8.36 12.38 34.57
C GLY A 305 9.03 11.78 35.79
N PRO A 306 9.45 12.61 36.76
CA PRO A 306 10.11 12.12 37.97
C PRO A 306 9.19 11.23 38.81
N GLU A 307 7.91 11.55 38.83
CA GLU A 307 6.95 10.77 39.61
C GLU A 307 6.84 9.33 39.10
N HIS A 308 7.02 9.13 37.79
CA HIS A 308 6.97 7.77 37.25
C HIS A 308 8.24 7.04 37.64
N ALA A 309 9.36 7.75 37.60
CA ALA A 309 10.65 7.18 37.98
C ALA A 309 10.51 6.61 39.39
N TYR A 310 9.92 7.43 40.26
CA TYR A 310 9.69 7.06 41.65
C TYR A 310 8.81 5.83 41.79
N LEU A 311 7.63 5.86 41.18
CA LEU A 311 6.72 4.71 41.27
C LEU A 311 7.41 3.46 40.77
N LYS A 312 8.26 3.61 39.76
CA LYS A 312 8.98 2.47 39.18
C LYS A 312 9.93 1.89 40.23
N LYS A 313 10.58 2.78 40.98
CA LYS A 313 11.50 2.32 41.99
C LYS A 313 10.78 1.60 43.13
N ILE A 314 9.84 2.28 43.78
CA ILE A 314 9.11 1.64 44.88
C ILE A 314 8.19 0.54 44.38
N GLN A 315 8.35 0.19 43.11
CA GLN A 315 7.58 -0.85 42.47
C GLN A 315 6.07 -0.74 42.67
N ARG A 316 5.57 0.48 42.80
CA ARG A 316 4.14 0.68 42.95
C ARG A 316 3.49 0.52 41.58
N ALA A 317 4.29 0.76 40.54
CA ALA A 317 3.80 0.66 39.18
C ALA A 317 4.80 -0.09 38.32
N GLU A 318 4.29 -0.87 37.39
CA GLU A 318 5.14 -1.65 36.49
C GLU A 318 5.15 -1.00 35.11
N TYR A 319 6.33 -0.85 34.53
CA TYR A 319 6.43 -0.23 33.22
C TYR A 319 6.93 -1.19 32.15
N VAL A 320 6.14 -1.33 31.08
CA VAL A 320 6.46 -2.21 29.96
C VAL A 320 6.66 -1.44 28.66
N THR A 321 6.78 -2.18 27.57
CA THR A 321 6.95 -1.57 26.26
C THR A 321 6.16 -2.35 25.22
N VAL A 322 5.83 -1.68 24.13
CA VAL A 322 5.08 -2.26 23.02
C VAL A 322 5.72 -1.70 21.75
N THR A 323 5.93 -2.55 20.75
CA THR A 323 6.55 -2.12 19.50
C THR A 323 5.57 -1.42 18.56
N ASP A 324 6.13 -0.64 17.64
CA ASP A 324 5.34 0.07 16.64
C ASP A 324 4.36 -0.90 16.00
N GLU A 325 4.82 -2.10 15.67
CA GLU A 325 3.99 -3.10 15.03
C GLU A 325 2.77 -3.49 15.86
N GLU A 326 2.98 -3.68 17.16
CA GLU A 326 1.89 -4.05 18.03
C GLU A 326 0.89 -2.91 18.11
N ALA A 327 1.40 -1.69 18.29
CA ALA A 327 0.54 -0.52 18.37
C ALA A 327 -0.36 -0.42 17.15
N LEU A 328 0.26 -0.49 15.98
CA LEU A 328 -0.46 -0.41 14.72
C LEU A 328 -1.56 -1.47 14.65
N LYS A 329 -1.26 -2.68 15.12
CA LYS A 329 -2.26 -3.75 15.09
C LYS A 329 -3.44 -3.41 15.99
N ALA A 330 -3.13 -2.94 17.20
CA ALA A 330 -4.17 -2.60 18.15
C ALA A 330 -5.05 -1.48 17.58
N PHE A 331 -4.41 -0.56 16.86
CA PHE A 331 -5.09 0.58 16.23
C PHE A 331 -6.18 0.06 15.29
N HIS A 332 -5.80 -0.86 14.40
CA HIS A 332 -6.72 -1.45 13.44
C HIS A 332 -7.79 -2.30 14.13
N GLU A 333 -7.42 -2.93 15.22
CA GLU A 333 -8.34 -3.78 15.99
C GLU A 333 -9.45 -2.96 16.65
N LEU A 334 -9.07 -1.93 17.40
CA LEU A 334 -10.05 -1.10 18.09
C LEU A 334 -11.03 -0.47 17.10
N SER A 335 -10.52 -0.04 15.94
CA SER A 335 -11.35 0.57 14.93
C SER A 335 -12.48 -0.33 14.42
N ARG A 336 -12.14 -1.53 13.96
CA ARG A 336 -13.17 -2.41 13.44
C ARG A 336 -13.91 -3.20 14.49
N THR A 337 -13.41 -3.21 15.72
CA THR A 337 -14.09 -4.00 16.73
C THR A 337 -15.01 -3.19 17.64
N GLU A 338 -14.62 -1.97 17.96
CA GLU A 338 -15.47 -1.13 18.81
C GLU A 338 -15.95 0.14 18.08
N GLY A 339 -15.48 0.34 16.86
CA GLY A 339 -15.87 1.53 16.12
C GLY A 339 -15.22 2.79 16.66
N ILE A 340 -14.06 2.62 17.28
CA ILE A 340 -13.31 3.71 17.86
C ILE A 340 -11.91 3.74 17.27
N ILE A 341 -11.56 4.84 16.60
CA ILE A 341 -10.22 5.01 16.04
C ILE A 341 -9.38 5.72 17.10
N PRO A 342 -8.42 5.01 17.70
CA PRO A 342 -7.54 5.52 18.75
C PRO A 342 -6.28 6.21 18.27
N ALA A 343 -5.73 7.07 19.12
CA ALA A 343 -4.48 7.75 18.81
C ALA A 343 -3.43 6.63 18.81
N LEU A 344 -2.35 6.81 18.06
CA LEU A 344 -1.32 5.77 18.02
C LEU A 344 -0.64 5.68 19.37
N GLU A 345 -0.63 6.77 20.12
CA GLU A 345 -0.03 6.72 21.43
C GLU A 345 -0.85 5.74 22.24
N SER A 346 -2.16 5.98 22.33
CA SER A 346 -3.10 5.15 23.08
C SER A 346 -3.14 3.69 22.59
N ALA A 347 -2.92 3.48 21.30
CA ALA A 347 -2.91 2.14 20.75
C ALA A 347 -1.87 1.30 21.48
N HIS A 348 -0.85 1.95 22.01
CA HIS A 348 0.19 1.24 22.74
C HIS A 348 -0.39 0.59 24.00
N ALA A 349 -1.23 1.35 24.72
CA ALA A 349 -1.87 0.86 25.93
C ALA A 349 -2.88 -0.22 25.57
N VAL A 350 -3.59 -0.02 24.46
CA VAL A 350 -4.58 -1.00 24.03
C VAL A 350 -3.88 -2.33 23.74
N ALA A 351 -2.83 -2.28 22.92
CA ALA A 351 -2.06 -3.46 22.55
C ALA A 351 -1.70 -4.27 23.80
N TYR A 352 -1.05 -3.62 24.76
CA TYR A 352 -0.66 -4.31 25.97
C TYR A 352 -1.85 -4.80 26.77
N ALA A 353 -2.89 -3.97 26.86
CA ALA A 353 -4.08 -4.35 27.61
C ALA A 353 -4.73 -5.61 27.03
N MET A 354 -4.59 -5.82 25.73
CA MET A 354 -5.17 -6.99 25.07
C MET A 354 -4.40 -8.25 25.42
N LYS A 355 -3.08 -8.14 25.53
CA LYS A 355 -2.25 -9.28 25.88
C LYS A 355 -2.55 -9.67 27.32
N LEU A 356 -2.59 -8.66 28.18
CA LEU A 356 -2.85 -8.82 29.59
C LEU A 356 -4.20 -9.47 29.85
N ALA A 357 -5.22 -9.01 29.13
CA ALA A 357 -6.57 -9.54 29.29
C ALA A 357 -6.66 -11.03 29.05
N LYS A 358 -6.00 -11.49 27.99
CA LYS A 358 -6.02 -12.90 27.63
C LYS A 358 -5.63 -13.80 28.79
N GLU A 359 -4.65 -13.35 29.56
CA GLU A 359 -4.15 -14.12 30.69
C GLU A 359 -4.82 -13.79 32.01
N MET A 360 -6.06 -13.31 31.95
CA MET A 360 -6.80 -12.99 33.16
C MET A 360 -8.16 -13.66 33.12
N SER A 361 -8.89 -13.60 34.23
CA SER A 361 -10.21 -14.22 34.30
C SER A 361 -11.30 -13.26 33.85
N ARG A 362 -12.44 -13.82 33.46
CA ARG A 362 -13.57 -13.02 32.97
C ARG A 362 -14.23 -12.14 34.01
N ASP A 363 -13.80 -12.26 35.27
CA ASP A 363 -14.38 -11.45 36.32
C ASP A 363 -13.42 -10.34 36.73
N GLU A 364 -12.23 -10.35 36.14
CA GLU A 364 -11.25 -9.31 36.43
C GLU A 364 -11.47 -8.08 35.54
N ILE A 365 -11.13 -6.92 36.07
CA ILE A 365 -11.34 -5.64 35.38
C ILE A 365 -10.06 -4.93 34.95
N ILE A 366 -10.02 -4.51 33.69
CA ILE A 366 -8.89 -3.75 33.18
C ILE A 366 -9.40 -2.42 32.63
N ILE A 367 -8.76 -1.33 33.03
CA ILE A 367 -9.15 -0.02 32.52
C ILE A 367 -7.99 0.50 31.69
N VAL A 368 -8.28 0.87 30.45
CA VAL A 368 -7.24 1.41 29.59
C VAL A 368 -7.52 2.90 29.40
N ASN A 369 -6.49 3.72 29.51
CA ASN A 369 -6.69 5.13 29.33
C ASN A 369 -6.58 5.40 27.83
N LEU A 370 -7.70 5.68 27.18
CA LEU A 370 -7.64 5.97 25.76
C LEU A 370 -7.35 7.47 25.70
N SER A 371 -6.07 7.80 25.86
CA SER A 371 -5.60 9.19 25.88
C SER A 371 -6.05 10.08 24.73
N GLY A 372 -6.39 9.50 23.58
CA GLY A 372 -6.82 10.32 22.47
C GLY A 372 -7.35 9.63 21.24
N ARG A 373 -7.86 10.40 20.29
CA ARG A 373 -8.41 9.86 19.04
C ARG A 373 -7.36 9.82 17.94
N GLY A 374 -7.58 8.94 16.96
CA GLY A 374 -6.62 8.77 15.88
C GLY A 374 -6.81 9.53 14.59
N ASP A 375 -7.76 10.46 14.55
CA ASP A 375 -7.99 11.24 13.35
C ASP A 375 -6.65 11.82 12.87
N LYS A 376 -5.85 12.32 13.82
CA LYS A 376 -4.55 12.91 13.54
C LYS A 376 -3.52 11.94 12.94
N ASP A 377 -3.71 10.64 13.14
CA ASP A 377 -2.74 9.66 12.64
C ASP A 377 -3.16 8.95 11.35
N LEU A 378 -4.30 9.30 10.80
CA LEU A 378 -4.78 8.65 9.59
C LEU A 378 -3.76 8.72 8.46
N ASP A 379 -3.10 9.85 8.29
CA ASP A 379 -2.11 9.96 7.23
C ASP A 379 -0.99 8.95 7.41
N ILE A 380 -0.28 9.03 8.54
CA ILE A 380 0.84 8.14 8.78
C ILE A 380 0.43 6.68 8.69
N VAL A 381 -0.79 6.35 9.11
CA VAL A 381 -1.24 4.97 9.04
C VAL A 381 -1.55 4.58 7.61
N LEU A 382 -2.03 5.55 6.82
CA LEU A 382 -2.35 5.31 5.43
C LEU A 382 -1.06 4.90 4.71
N LYS A 383 0.01 5.66 4.95
CA LYS A 383 1.31 5.39 4.35
C LYS A 383 1.91 4.07 4.85
N VAL A 384 2.01 3.94 6.16
CA VAL A 384 2.58 2.74 6.78
C VAL A 384 1.85 1.46 6.41
N SER A 385 0.52 1.48 6.46
CA SER A 385 -0.27 0.29 6.14
C SER A 385 -0.50 0.11 4.65
N GLY A 386 -0.06 1.08 3.86
CA GLY A 386 -0.24 0.99 2.43
C GLY A 386 0.67 1.93 1.67
N MET B 1 -46.49 10.55 7.81
CA MET B 1 -45.97 10.39 6.42
C MET B 1 -45.97 11.70 5.65
N TRP B 2 -46.84 12.63 6.05
CA TRP B 2 -46.93 13.93 5.39
C TRP B 2 -46.83 15.09 6.37
N PHE B 3 -46.04 16.08 5.98
CA PHE B 3 -45.87 17.30 6.77
C PHE B 3 -46.47 18.32 5.80
N GLY B 4 -47.77 18.54 5.92
CA GLY B 4 -48.41 19.44 5.00
C GLY B 4 -48.48 18.63 3.72
N GLU B 5 -48.07 19.20 2.60
CA GLU B 5 -48.09 18.48 1.32
C GLU B 5 -46.76 17.79 1.03
N PHE B 6 -45.82 17.90 1.95
CA PHE B 6 -44.50 17.31 1.76
C PHE B 6 -44.28 15.98 2.46
N GLY B 7 -43.52 15.09 1.83
CA GLY B 7 -43.24 13.80 2.42
C GLY B 7 -43.65 12.68 1.49
N GLY B 8 -44.36 11.69 2.03
CA GLY B 8 -44.84 10.57 1.23
C GLY B 8 -43.92 9.36 1.12
N GLN B 9 -44.28 8.46 0.23
CA GLN B 9 -43.52 7.23 -0.02
C GLN B 9 -43.46 6.95 -1.50
N TYR B 10 -42.93 7.88 -2.27
CA TYR B 10 -42.85 7.69 -3.72
C TYR B 10 -41.78 6.67 -4.08
N VAL B 11 -42.13 5.39 -3.94
CA VAL B 11 -41.21 4.30 -4.22
C VAL B 11 -41.89 3.15 -4.97
N PRO B 12 -41.10 2.27 -5.65
CA PRO B 12 -41.62 1.13 -6.40
C PRO B 12 -42.35 0.21 -5.46
N GLU B 13 -43.24 -0.59 -6.00
CA GLU B 13 -44.01 -1.50 -5.17
C GLU B 13 -43.15 -2.43 -4.30
N THR B 14 -42.00 -2.83 -4.85
CA THR B 14 -41.01 -3.71 -4.21
C THR B 14 -40.54 -3.22 -2.85
N LEU B 15 -40.49 -1.91 -2.69
CA LEU B 15 -40.06 -1.29 -1.43
C LEU B 15 -41.16 -1.04 -0.41
N ILE B 16 -42.42 -1.24 -0.79
CA ILE B 16 -43.52 -1.00 0.15
C ILE B 16 -43.46 -1.94 1.36
N GLU B 17 -43.09 -3.19 1.09
CA GLU B 17 -42.99 -4.22 2.12
C GLU B 17 -41.95 -3.84 3.17
N PRO B 18 -40.66 -3.74 2.78
CA PRO B 18 -39.66 -3.38 3.78
C PRO B 18 -39.98 -2.07 4.51
N LEU B 19 -40.60 -1.11 3.82
CA LEU B 19 -40.94 0.15 4.46
C LEU B 19 -42.04 -0.02 5.52
N LYS B 20 -42.99 -0.91 5.27
CA LYS B 20 -44.06 -1.12 6.24
C LYS B 20 -43.50 -1.88 7.44
N GLU B 21 -42.62 -2.83 7.18
CA GLU B 21 -42.00 -3.60 8.25
C GLU B 21 -41.22 -2.68 9.17
N LEU B 22 -40.40 -1.81 8.55
CA LEU B 22 -39.60 -0.84 9.27
C LEU B 22 -40.50 0.05 10.13
N GLU B 23 -41.58 0.55 9.55
CA GLU B 23 -42.48 1.41 10.29
C GLU B 23 -43.10 0.68 11.48
N LYS B 24 -43.46 -0.58 11.26
CA LYS B 24 -44.05 -1.40 12.33
C LYS B 24 -43.05 -1.59 13.44
N ALA B 25 -41.83 -1.97 13.06
CA ALA B 25 -40.75 -2.18 14.01
C ALA B 25 -40.46 -0.90 14.81
N TYR B 26 -40.47 0.25 14.14
CA TYR B 26 -40.21 1.52 14.82
C TYR B 26 -41.35 1.91 15.75
N LYS B 27 -42.56 1.52 15.39
CA LYS B 27 -43.71 1.84 16.21
C LYS B 27 -43.60 1.18 17.56
N ARG B 28 -43.24 -0.10 17.57
CA ARG B 28 -43.11 -0.83 18.83
C ARG B 28 -41.87 -0.46 19.64
N PHE B 29 -40.70 -0.51 19.01
CA PHE B 29 -39.46 -0.20 19.70
C PHE B 29 -39.28 1.27 20.05
N LYS B 30 -39.94 2.15 19.30
CA LYS B 30 -39.82 3.58 19.55
C LYS B 30 -39.87 3.89 21.04
N ASP B 31 -40.79 3.26 21.74
CA ASP B 31 -41.01 3.48 23.16
C ASP B 31 -40.73 2.26 24.05
N ASP B 32 -40.13 1.22 23.46
CA ASP B 32 -39.82 0.00 24.20
C ASP B 32 -38.81 0.36 25.27
N GLU B 33 -38.92 -0.25 26.43
CA GLU B 33 -38.01 0.12 27.51
C GLU B 33 -36.62 -0.52 27.41
N GLU B 34 -36.49 -1.63 26.71
CA GLU B 34 -35.19 -2.27 26.58
C GLU B 34 -34.39 -1.56 25.49
N PHE B 35 -35.07 -1.22 24.40
CA PHE B 35 -34.45 -0.53 23.28
C PHE B 35 -33.90 0.81 23.72
N ASN B 36 -34.70 1.59 24.43
CA ASN B 36 -34.26 2.88 24.91
C ASN B 36 -33.17 2.82 25.95
N ARG B 37 -33.17 1.76 26.76
CA ARG B 37 -32.15 1.62 27.79
C ARG B 37 -30.80 1.45 27.09
N GLN B 38 -30.79 0.61 26.06
CA GLN B 38 -29.58 0.34 25.29
C GLN B 38 -29.12 1.58 24.50
N LEU B 39 -30.05 2.24 23.82
CA LEU B 39 -29.75 3.42 23.01
C LEU B 39 -29.05 4.46 23.86
N ASN B 40 -29.63 4.75 25.02
CA ASN B 40 -29.09 5.72 25.96
C ASN B 40 -27.78 5.23 26.56
N TYR B 41 -27.63 3.90 26.63
CA TYR B 41 -26.41 3.30 27.15
C TYR B 41 -25.27 3.60 26.17
N TYR B 42 -25.48 3.29 24.89
CA TYR B 42 -24.47 3.53 23.88
C TYR B 42 -24.25 5.03 23.62
N LEU B 43 -25.33 5.79 23.62
CA LEU B 43 -25.23 7.23 23.41
C LEU B 43 -24.35 7.84 24.50
N LYS B 44 -24.51 7.33 25.71
CA LYS B 44 -23.73 7.85 26.84
C LYS B 44 -22.30 7.35 26.96
N THR B 45 -22.10 6.03 27.01
CA THR B 45 -20.76 5.49 27.19
C THR B 45 -19.90 5.42 25.93
N TRP B 46 -20.54 5.41 24.76
CA TRP B 46 -19.80 5.31 23.52
C TRP B 46 -19.75 6.62 22.73
N ALA B 47 -20.86 7.35 22.70
CA ALA B 47 -20.91 8.61 21.94
C ALA B 47 -20.53 9.83 22.77
N GLY B 48 -20.62 9.70 24.10
CA GLY B 48 -20.28 10.81 24.97
C GLY B 48 -21.40 11.81 25.19
N ARG B 49 -22.65 11.38 25.05
CA ARG B 49 -23.75 12.31 25.27
C ARG B 49 -23.94 12.41 26.78
N PRO B 50 -24.43 13.55 27.28
CA PRO B 50 -24.84 14.76 26.55
C PRO B 50 -23.63 15.61 26.18
N THR B 51 -23.75 16.41 25.12
CA THR B 51 -22.68 17.30 24.73
C THR B 51 -22.97 18.60 25.46
N PRO B 52 -21.95 19.43 25.66
CA PRO B 52 -22.23 20.67 26.38
C PRO B 52 -22.84 21.81 25.57
N LEU B 53 -23.24 22.86 26.26
CA LEU B 53 -23.77 24.07 25.63
C LEU B 53 -22.74 25.09 26.08
N TYR B 54 -21.99 25.64 25.12
CA TYR B 54 -20.93 26.60 25.41
C TYR B 54 -21.31 28.06 25.14
N TYR B 55 -20.92 28.94 26.05
CA TYR B 55 -21.17 30.37 25.88
C TYR B 55 -19.93 30.96 25.23
N ALA B 56 -20.05 31.36 23.97
CA ALA B 56 -18.92 31.95 23.26
C ALA B 56 -18.86 33.42 23.63
N LYS B 57 -18.35 33.69 24.83
CA LYS B 57 -18.25 35.04 25.38
C LYS B 57 -17.35 35.99 24.60
N ARG B 58 -16.16 35.52 24.21
CA ARG B 58 -15.24 36.36 23.47
C ARG B 58 -15.84 36.77 22.13
N LEU B 59 -16.57 35.85 21.52
CA LEU B 59 -17.19 36.13 20.24
C LEU B 59 -18.36 37.08 20.43
N THR B 60 -19.17 36.81 21.45
CA THR B 60 -20.33 37.64 21.75
C THR B 60 -19.95 39.10 21.98
N GLU B 61 -18.90 39.32 22.76
CA GLU B 61 -18.43 40.67 23.07
C GLU B 61 -17.78 41.34 21.87
N LYS B 62 -16.98 40.59 21.12
CA LYS B 62 -16.32 41.13 19.94
C LYS B 62 -17.36 41.65 18.94
N ILE B 63 -18.57 41.11 18.99
CA ILE B 63 -19.63 41.55 18.09
C ILE B 63 -20.53 42.56 18.78
N GLY B 64 -20.61 42.47 20.10
CA GLY B 64 -21.42 43.41 20.87
C GLY B 64 -22.91 43.34 20.66
N GLY B 65 -23.43 42.14 20.44
CA GLY B 65 -24.86 41.99 20.24
C GLY B 65 -25.43 40.96 21.18
N ALA B 66 -26.29 40.11 20.67
CA ALA B 66 -26.91 39.07 21.48
C ALA B 66 -25.86 38.09 21.99
N LYS B 67 -26.27 37.26 22.94
CA LYS B 67 -25.39 36.23 23.49
C LYS B 67 -25.34 35.07 22.51
N ILE B 68 -24.15 34.59 22.22
CA ILE B 68 -24.00 33.46 21.30
C ILE B 68 -23.63 32.18 22.02
N TYR B 69 -24.56 31.23 22.03
CA TYR B 69 -24.34 29.93 22.67
C TYR B 69 -24.17 28.85 21.60
N LEU B 70 -23.23 27.95 21.85
CA LEU B 70 -22.92 26.90 20.90
C LEU B 70 -23.24 25.50 21.41
N LYS B 71 -24.22 24.84 20.79
CA LYS B 71 -24.56 23.48 21.19
C LYS B 71 -23.43 22.67 20.55
N ARG B 72 -22.51 22.23 21.39
CA ARG B 72 -21.33 21.50 20.95
C ARG B 72 -21.48 20.07 20.40
N GLU B 73 -22.16 19.91 19.27
CA GLU B 73 -22.28 18.56 18.70
C GLU B 73 -20.95 18.13 18.11
N ASP B 74 -19.98 19.06 18.11
CA ASP B 74 -18.65 18.77 17.61
C ASP B 74 -17.91 17.83 18.55
N LEU B 75 -18.39 17.74 19.78
CA LEU B 75 -17.75 16.88 20.76
C LEU B 75 -18.29 15.45 20.85
N VAL B 76 -19.27 15.10 20.02
CA VAL B 76 -19.80 13.73 20.04
C VAL B 76 -18.81 12.80 19.31
N HIS B 77 -18.78 11.54 19.70
CA HIS B 77 -17.87 10.57 19.07
C HIS B 77 -18.02 10.59 17.56
N GLY B 78 -16.91 10.83 16.88
CA GLY B 78 -16.92 10.89 15.42
C GLY B 78 -16.83 12.33 14.92
N GLY B 79 -17.04 13.30 15.79
CA GLY B 79 -16.95 14.71 15.40
C GLY B 79 -18.19 15.35 14.79
N ALA B 80 -19.30 14.63 14.71
CA ALA B 80 -20.52 15.21 14.14
C ALA B 80 -21.80 14.59 14.69
N HIS B 81 -22.90 15.34 14.59
CA HIS B 81 -24.20 14.91 15.08
C HIS B 81 -24.69 13.63 14.40
N LYS B 82 -24.19 13.37 13.18
CA LYS B 82 -24.58 12.19 12.42
C LYS B 82 -24.54 10.90 13.21
N THR B 83 -23.70 10.86 14.24
CA THR B 83 -23.58 9.68 15.08
C THR B 83 -24.86 9.35 15.85
N ASN B 84 -25.62 10.37 16.26
CA ASN B 84 -26.85 10.12 17.02
C ASN B 84 -27.81 9.26 16.22
N ASN B 85 -27.93 9.57 14.94
CA ASN B 85 -28.81 8.84 14.06
C ASN B 85 -28.25 7.48 13.63
N ALA B 86 -26.94 7.39 13.49
CA ALA B 86 -26.31 6.13 13.09
C ALA B 86 -26.51 5.08 14.19
N ILE B 87 -26.27 5.47 15.44
CA ILE B 87 -26.47 4.54 16.55
C ILE B 87 -27.94 4.15 16.66
N GLY B 88 -28.82 5.15 16.59
CA GLY B 88 -30.24 4.88 16.68
C GLY B 88 -30.77 3.87 15.65
N GLN B 89 -30.46 4.08 14.38
CA GLN B 89 -30.95 3.17 13.34
C GLN B 89 -30.23 1.82 13.37
N ALA B 90 -28.93 1.85 13.60
CA ALA B 90 -28.18 0.62 13.66
C ALA B 90 -28.75 -0.25 14.80
N LEU B 91 -29.06 0.37 15.93
CA LEU B 91 -29.62 -0.38 17.07
C LEU B 91 -30.97 -0.97 16.72
N LEU B 92 -31.80 -0.15 16.09
CA LEU B 92 -33.12 -0.58 15.70
C LEU B 92 -33.03 -1.79 14.80
N ALA B 93 -32.11 -1.72 13.84
CA ALA B 93 -31.89 -2.81 12.90
C ALA B 93 -31.49 -4.09 13.65
N LYS B 94 -30.74 -3.92 14.73
CA LYS B 94 -30.31 -5.05 15.54
C LYS B 94 -31.58 -5.64 16.16
N PHE B 95 -32.38 -4.78 16.79
CA PHE B 95 -33.63 -5.22 17.40
C PHE B 95 -34.58 -5.83 16.36
N MET B 96 -34.29 -5.63 15.08
CA MET B 96 -35.12 -6.18 14.00
C MET B 96 -34.50 -7.45 13.43
N GLY B 97 -33.40 -7.88 14.03
CA GLY B 97 -32.73 -9.07 13.56
C GLY B 97 -31.94 -8.85 12.28
N LYS B 98 -31.59 -7.61 11.96
CA LYS B 98 -30.82 -7.39 10.75
C LYS B 98 -29.36 -7.65 11.01
N THR B 99 -28.63 -8.07 10.01
CA THR B 99 -27.24 -8.38 10.27
C THR B 99 -26.31 -7.48 9.49
N ARG B 100 -26.91 -6.78 8.55
CA ARG B 100 -26.19 -5.91 7.65
C ARG B 100 -26.82 -4.53 7.60
N LEU B 101 -25.99 -3.54 7.29
CA LEU B 101 -26.41 -2.16 7.14
C LEU B 101 -25.83 -1.67 5.83
N ILE B 102 -26.63 -0.94 5.06
CA ILE B 102 -26.18 -0.36 3.80
C ILE B 102 -26.52 1.12 3.93
N ALA B 103 -25.81 1.98 3.21
CA ALA B 103 -26.07 3.41 3.26
C ALA B 103 -25.37 4.07 2.08
N GLU B 104 -25.86 5.26 1.71
CA GLU B 104 -25.24 6.02 0.62
C GLU B 104 -24.58 7.21 1.31
N THR B 105 -23.58 7.79 0.68
CA THR B 105 -22.91 8.94 1.27
C THR B 105 -22.23 9.75 0.19
N GLY B 106 -22.33 11.08 0.31
CA GLY B 106 -21.72 11.94 -0.68
C GLY B 106 -20.36 12.39 -0.23
N ALA B 107 -20.33 13.09 0.90
CA ALA B 107 -19.07 13.59 1.46
C ALA B 107 -18.35 12.48 2.20
N GLY B 108 -19.06 11.38 2.46
CA GLY B 108 -18.48 10.25 3.17
C GLY B 108 -18.60 10.38 4.67
N GLN B 109 -19.22 11.46 5.14
CA GLN B 109 -19.39 11.69 6.57
C GLN B 109 -20.45 10.78 7.22
N HIS B 110 -21.53 10.53 6.50
CA HIS B 110 -22.56 9.65 6.99
C HIS B 110 -22.03 8.23 6.77
N GLY B 111 -21.19 8.07 5.76
CA GLY B 111 -20.58 6.77 5.50
C GLY B 111 -19.77 6.37 6.71
N VAL B 112 -19.02 7.33 7.25
CA VAL B 112 -18.19 7.08 8.42
C VAL B 112 -19.05 6.85 9.67
N ALA B 113 -20.08 7.66 9.86
CA ALA B 113 -20.96 7.51 11.01
C ALA B 113 -21.56 6.09 10.98
N THR B 114 -22.10 5.71 9.83
CA THR B 114 -22.71 4.40 9.65
C THR B 114 -21.71 3.27 9.95
N ALA B 115 -20.50 3.38 9.42
CA ALA B 115 -19.47 2.37 9.62
C ALA B 115 -19.09 2.21 11.10
N MET B 116 -19.11 3.32 11.84
CA MET B 116 -18.76 3.28 13.25
C MET B 116 -19.79 2.49 14.05
N ALA B 117 -21.05 2.81 13.84
CA ALA B 117 -22.15 2.15 14.54
C ALA B 117 -22.20 0.67 14.17
N GLY B 118 -21.91 0.36 12.91
CA GLY B 118 -21.92 -1.02 12.47
C GLY B 118 -20.82 -1.79 13.18
N ALA B 119 -19.66 -1.17 13.31
CA ALA B 119 -18.54 -1.81 13.98
C ALA B 119 -18.89 -1.97 15.46
N LEU B 120 -19.63 -1.01 15.99
CA LEU B 120 -20.03 -1.02 17.39
C LEU B 120 -21.02 -2.14 17.70
N LEU B 121 -21.97 -2.37 16.80
CA LEU B 121 -22.98 -3.39 17.02
C LEU B 121 -22.72 -4.70 16.27
N GLY B 122 -21.48 -4.88 15.82
CA GLY B 122 -21.09 -6.08 15.11
C GLY B 122 -21.91 -6.42 13.88
N MET B 123 -22.18 -5.42 13.05
CA MET B 123 -22.95 -5.65 11.83
C MET B 123 -22.09 -5.46 10.58
N LYS B 124 -22.47 -6.11 9.50
CA LYS B 124 -21.75 -5.99 8.25
C LYS B 124 -22.11 -4.65 7.68
N VAL B 125 -21.15 -3.96 7.08
CA VAL B 125 -21.43 -2.65 6.53
C VAL B 125 -20.94 -2.42 5.10
N ASP B 126 -21.87 -2.07 4.23
CA ASP B 126 -21.57 -1.77 2.84
C ASP B 126 -22.00 -0.32 2.56
N ILE B 127 -21.07 0.50 2.07
CA ILE B 127 -21.39 1.89 1.78
C ILE B 127 -21.33 2.24 0.29
N TYR B 128 -22.44 2.69 -0.29
CA TYR B 128 -22.46 3.06 -1.70
C TYR B 128 -22.05 4.53 -1.80
N MET B 129 -21.11 4.81 -2.69
CA MET B 129 -20.59 6.16 -2.86
C MET B 129 -20.24 6.43 -4.32
N GLY B 130 -20.73 7.55 -4.85
CA GLY B 130 -20.43 7.89 -6.23
C GLY B 130 -18.94 7.89 -6.47
N ALA B 131 -18.49 7.22 -7.53
CA ALA B 131 -17.07 7.16 -7.86
C ALA B 131 -16.48 8.57 -7.86
N GLU B 132 -17.29 9.55 -8.27
CA GLU B 132 -16.86 10.93 -8.30
C GLU B 132 -16.49 11.38 -6.88
N ASP B 133 -17.38 11.10 -5.93
CA ASP B 133 -17.14 11.48 -4.53
C ASP B 133 -16.01 10.67 -3.93
N VAL B 134 -15.98 9.37 -4.22
CA VAL B 134 -14.93 8.50 -3.71
C VAL B 134 -13.56 9.13 -3.99
N GLU B 135 -13.28 9.33 -5.26
CA GLU B 135 -12.02 9.90 -5.71
C GLU B 135 -11.78 11.32 -5.18
N ARG B 136 -12.71 11.82 -4.38
CA ARG B 136 -12.59 13.17 -3.84
C ARG B 136 -12.55 13.20 -2.31
N GLN B 137 -12.79 12.05 -1.69
CA GLN B 137 -12.79 11.92 -0.24
C GLN B 137 -11.91 10.74 0.20
N LYS B 138 -10.67 10.73 -0.27
CA LYS B 138 -9.75 9.65 0.06
C LYS B 138 -9.74 9.29 1.55
N MET B 139 -9.62 10.30 2.41
CA MET B 139 -9.57 10.07 3.85
C MET B 139 -10.85 9.51 4.48
N ASN B 140 -12.03 9.96 4.06
CA ASN B 140 -13.27 9.42 4.65
C ASN B 140 -13.43 7.95 4.20
N VAL B 141 -13.03 7.68 2.96
CA VAL B 141 -13.09 6.33 2.39
C VAL B 141 -12.16 5.42 3.19
N PHE B 142 -11.00 5.94 3.55
CA PHE B 142 -10.03 5.20 4.34
C PHE B 142 -10.57 4.98 5.75
N ARG B 143 -11.25 5.99 6.27
CA ARG B 143 -11.79 5.90 7.62
C ARG B 143 -12.82 4.79 7.68
N MET B 144 -13.66 4.71 6.65
CA MET B 144 -14.69 3.69 6.57
C MET B 144 -14.10 2.30 6.52
N LYS B 145 -12.96 2.17 5.84
CA LYS B 145 -12.32 0.87 5.75
C LYS B 145 -11.68 0.49 7.09
N LEU B 146 -11.06 1.45 7.77
CA LEU B 146 -10.44 1.19 9.08
C LEU B 146 -11.48 0.66 10.04
N LEU B 147 -12.71 1.16 9.87
CA LEU B 147 -13.82 0.77 10.72
C LEU B 147 -14.45 -0.53 10.29
N GLY B 148 -13.88 -1.18 9.29
CA GLY B 148 -14.41 -2.46 8.84
C GLY B 148 -15.61 -2.44 7.93
N ALA B 149 -15.78 -1.36 7.18
CA ALA B 149 -16.90 -1.27 6.26
C ALA B 149 -16.37 -1.43 4.85
N ASN B 150 -17.25 -1.82 3.95
CA ASN B 150 -16.88 -1.98 2.56
C ASN B 150 -17.44 -0.79 1.78
N VAL B 151 -16.56 -0.11 1.04
CA VAL B 151 -16.98 1.03 0.24
C VAL B 151 -17.20 0.56 -1.18
N ILE B 152 -18.41 0.77 -1.69
CA ILE B 152 -18.73 0.34 -3.03
C ILE B 152 -18.81 1.50 -4.02
N PRO B 153 -17.78 1.68 -4.84
CA PRO B 153 -17.76 2.75 -5.85
C PRO B 153 -18.90 2.54 -6.84
N VAL B 154 -19.59 3.61 -7.21
CA VAL B 154 -20.69 3.51 -8.16
C VAL B 154 -20.31 4.31 -9.39
N ASN B 155 -20.10 3.61 -10.50
CA ASN B 155 -19.71 4.25 -11.74
C ASN B 155 -20.86 4.48 -12.70
N SER B 156 -21.99 3.87 -12.40
CA SER B 156 -23.18 4.04 -13.22
C SER B 156 -23.61 5.51 -13.17
N GLY B 157 -24.48 5.90 -14.09
CA GLY B 157 -24.96 7.27 -14.12
C GLY B 157 -23.84 8.29 -14.08
N SER B 158 -24.08 9.39 -13.38
CA SER B 158 -23.09 10.46 -13.25
C SER B 158 -22.05 10.19 -12.17
N ARG B 159 -21.96 8.94 -11.72
CA ARG B 159 -20.98 8.56 -10.70
C ARG B 159 -21.03 9.49 -9.48
N THR B 160 -22.25 9.90 -9.10
CA THR B 160 -22.42 10.79 -7.97
C THR B 160 -23.46 10.30 -6.95
N LEU B 161 -23.78 11.16 -5.99
CA LEU B 161 -24.74 10.82 -4.93
C LEU B 161 -26.05 10.20 -5.37
N LYS B 162 -26.70 10.79 -6.37
CA LYS B 162 -27.98 10.24 -6.81
C LYS B 162 -27.82 8.81 -7.27
N ASP B 163 -26.69 8.51 -7.90
CA ASP B 163 -26.41 7.17 -8.41
C ASP B 163 -26.22 6.22 -7.22
N ALA B 164 -25.50 6.70 -6.20
CA ALA B 164 -25.28 5.93 -4.98
C ALA B 164 -26.64 5.56 -4.38
N ILE B 165 -27.52 6.56 -4.28
CA ILE B 165 -28.87 6.36 -3.75
C ILE B 165 -29.61 5.27 -4.53
N ASN B 166 -29.57 5.33 -5.85
CA ASN B 166 -30.25 4.33 -6.67
C ASN B 166 -29.73 2.93 -6.40
N GLU B 167 -28.42 2.79 -6.29
CA GLU B 167 -27.84 1.48 -6.03
C GLU B 167 -28.26 1.02 -4.64
N ALA B 168 -28.24 1.95 -3.69
CA ALA B 168 -28.63 1.63 -2.32
C ALA B 168 -30.05 1.05 -2.28
N LEU B 169 -30.98 1.69 -2.99
CA LEU B 169 -32.36 1.22 -3.03
C LEU B 169 -32.44 -0.17 -3.64
N ARG B 170 -31.69 -0.36 -4.72
CA ARG B 170 -31.63 -1.64 -5.41
C ARG B 170 -31.26 -2.75 -4.42
N ASP B 171 -30.11 -2.57 -3.78
CA ASP B 171 -29.61 -3.53 -2.81
C ASP B 171 -30.67 -3.88 -1.78
N TRP B 172 -31.24 -2.87 -1.14
CA TRP B 172 -32.25 -3.06 -0.11
C TRP B 172 -33.43 -3.90 -0.59
N VAL B 173 -33.91 -3.60 -1.78
CA VAL B 173 -35.04 -4.35 -2.32
C VAL B 173 -34.77 -5.86 -2.21
N ALA B 174 -33.58 -6.28 -2.63
CA ALA B 174 -33.20 -7.69 -2.59
C ALA B 174 -32.63 -8.23 -1.28
N THR B 175 -32.28 -7.34 -0.35
CA THR B 175 -31.69 -7.82 0.90
C THR B 175 -32.34 -7.33 2.19
N PHE B 176 -33.48 -6.64 2.09
CA PHE B 176 -34.12 -6.11 3.30
C PHE B 176 -34.40 -7.13 4.40
N GLU B 177 -34.46 -8.41 4.03
CA GLU B 177 -34.72 -9.46 5.01
C GLU B 177 -33.73 -9.38 6.16
N TYR B 178 -32.45 -9.28 5.84
CA TYR B 178 -31.41 -9.22 6.86
C TYR B 178 -30.60 -7.90 6.81
N THR B 179 -30.93 -7.03 5.86
CA THR B 179 -30.22 -5.77 5.70
C THR B 179 -31.04 -4.53 6.00
N HIS B 180 -30.43 -3.59 6.72
CA HIS B 180 -31.12 -2.34 7.02
C HIS B 180 -30.51 -1.20 6.22
N TYR B 181 -31.38 -0.39 5.62
CA TYR B 181 -30.98 0.77 4.82
C TYR B 181 -30.98 1.97 5.76
N LEU B 182 -29.78 2.42 6.14
CA LEU B 182 -29.62 3.53 7.07
C LEU B 182 -29.46 4.90 6.42
N ILE B 183 -30.59 5.61 6.28
CA ILE B 183 -30.60 6.95 5.69
C ILE B 183 -29.95 7.96 6.66
N GLY B 184 -29.10 8.82 6.13
CA GLY B 184 -28.37 9.79 6.94
C GLY B 184 -28.95 11.13 7.28
N SER B 185 -30.06 11.50 6.69
CA SER B 185 -30.67 12.78 7.01
C SER B 185 -32.19 12.63 7.09
N VAL B 186 -32.89 13.72 7.38
CA VAL B 186 -34.34 13.72 7.49
C VAL B 186 -35.02 13.70 6.12
N VAL B 187 -34.49 12.84 5.26
CA VAL B 187 -34.95 12.70 3.89
C VAL B 187 -35.38 11.27 3.62
N GLY B 188 -35.83 11.01 2.39
CA GLY B 188 -36.24 9.67 2.03
C GLY B 188 -37.70 9.42 2.26
N PRO B 189 -38.21 8.24 1.88
CA PRO B 189 -39.62 7.91 2.07
C PRO B 189 -39.94 7.72 3.53
N HIS B 190 -41.20 7.93 3.88
CA HIS B 190 -41.63 7.72 5.24
C HIS B 190 -41.31 6.25 5.52
N PRO B 191 -40.97 5.91 6.77
CA PRO B 191 -40.86 6.74 7.99
C PRO B 191 -39.50 7.38 8.27
N TYR B 192 -38.59 7.36 7.30
CA TYR B 192 -37.26 7.92 7.53
C TYR B 192 -37.19 9.37 8.00
N PRO B 193 -37.87 10.29 7.31
CA PRO B 193 -37.77 11.67 7.81
C PRO B 193 -38.18 11.75 9.28
N THR B 194 -39.17 10.97 9.68
CA THR B 194 -39.61 10.96 11.08
C THR B 194 -38.59 10.31 12.00
N ILE B 195 -38.12 9.13 11.61
CA ILE B 195 -37.16 8.41 12.43
C ILE B 195 -35.87 9.20 12.71
N VAL B 196 -35.27 9.76 11.67
CA VAL B 196 -34.05 10.52 11.82
C VAL B 196 -34.24 11.74 12.73
N ARG B 197 -35.36 12.43 12.59
CA ARG B 197 -35.61 13.59 13.42
C ARG B 197 -35.73 13.16 14.89
N ASP B 198 -36.38 12.03 15.12
CA ASP B 198 -36.53 11.52 16.49
C ASP B 198 -35.19 11.18 17.11
N PHE B 199 -34.29 10.59 16.32
CA PHE B 199 -32.98 10.23 16.84
C PHE B 199 -32.05 11.43 17.00
N GLN B 200 -32.44 12.59 16.46
CA GLN B 200 -31.61 13.80 16.59
C GLN B 200 -32.20 14.81 17.56
N SER B 201 -33.47 14.63 17.90
CA SER B 201 -34.16 15.57 18.79
C SER B 201 -33.54 15.60 20.17
N VAL B 202 -32.66 14.66 20.45
CA VAL B 202 -31.97 14.64 21.72
C VAL B 202 -31.12 15.90 21.83
N ILE B 203 -30.65 16.40 20.69
CA ILE B 203 -29.81 17.61 20.70
C ILE B 203 -30.63 18.77 21.30
N GLY B 204 -31.82 19.00 20.76
CA GLY B 204 -32.68 20.07 21.23
C GLY B 204 -33.10 19.95 22.69
N ARG B 205 -33.45 18.75 23.12
CA ARG B 205 -33.87 18.53 24.50
C ARG B 205 -32.74 18.94 25.44
N GLU B 206 -31.53 18.46 25.18
CA GLU B 206 -30.39 18.79 26.01
C GLU B 206 -30.20 20.30 25.98
N ALA B 207 -30.20 20.84 24.76
CA ALA B 207 -30.02 22.26 24.52
C ALA B 207 -31.06 23.09 25.26
N LYS B 208 -32.26 22.53 25.40
CA LYS B 208 -33.33 23.24 26.07
C LYS B 208 -33.06 23.27 27.57
N ALA B 209 -32.75 22.10 28.13
CA ALA B 209 -32.46 22.01 29.56
C ALA B 209 -31.22 22.82 29.94
N GLN B 210 -30.23 22.82 29.06
CA GLN B 210 -28.98 23.55 29.31
C GLN B 210 -29.08 25.06 29.28
N ILE B 211 -29.80 25.61 28.32
CA ILE B 211 -29.93 27.06 28.22
C ILE B 211 -30.81 27.54 29.39
N LEU B 212 -31.70 26.68 29.86
CA LEU B 212 -32.55 27.05 30.99
C LEU B 212 -31.72 27.11 32.26
N GLU B 213 -30.71 26.26 32.36
CA GLU B 213 -29.84 26.25 33.52
C GLU B 213 -28.86 27.42 33.50
N ALA B 214 -28.44 27.80 32.30
CA ALA B 214 -27.48 28.89 32.14
C ALA B 214 -28.11 30.28 32.07
N GLU B 215 -29.36 30.37 31.61
CA GLU B 215 -30.03 31.66 31.46
C GLU B 215 -31.42 31.73 32.07
N GLY B 216 -31.92 30.59 32.56
CA GLY B 216 -33.24 30.57 33.16
C GLY B 216 -34.36 30.86 32.18
N GLN B 217 -34.02 30.97 30.89
CA GLN B 217 -35.03 31.23 29.88
C GLN B 217 -34.68 30.59 28.54
N LEU B 218 -35.68 30.49 27.67
CA LEU B 218 -35.49 29.91 26.36
C LEU B 218 -34.79 30.95 25.50
N PRO B 219 -34.12 30.51 24.43
CA PRO B 219 -33.39 31.42 23.53
C PRO B 219 -34.30 32.20 22.60
N ASP B 220 -33.80 33.33 22.11
CA ASP B 220 -34.55 34.17 21.19
C ASP B 220 -34.43 33.62 19.76
N VAL B 221 -33.30 32.98 19.46
CA VAL B 221 -33.11 32.42 18.15
C VAL B 221 -32.20 31.18 18.17
N ILE B 222 -32.56 30.18 17.37
CA ILE B 222 -31.76 28.97 17.23
C ILE B 222 -31.38 28.94 15.76
N VAL B 223 -30.09 28.79 15.49
CA VAL B 223 -29.56 28.77 14.13
C VAL B 223 -28.81 27.47 13.85
N ALA B 224 -29.12 26.85 12.72
CA ALA B 224 -28.46 25.61 12.35
C ALA B 224 -28.34 25.51 10.84
N CYS B 225 -27.22 24.96 10.36
CA CYS B 225 -27.03 24.80 8.93
C CYS B 225 -27.98 23.71 8.46
N VAL B 226 -28.30 23.73 7.17
CA VAL B 226 -29.23 22.78 6.62
C VAL B 226 -28.76 22.08 5.34
N GLY B 227 -28.49 20.78 5.44
CA GLY B 227 -28.12 19.99 4.29
C GLY B 227 -29.44 19.30 4.00
N GLY B 228 -29.58 18.08 4.49
CA GLY B 228 -30.84 17.37 4.34
C GLY B 228 -31.75 17.96 5.41
N GLY B 229 -31.14 18.39 6.52
CA GLY B 229 -31.91 19.01 7.57
C GLY B 229 -31.96 18.32 8.91
N SER B 230 -31.14 17.29 9.10
CA SER B 230 -31.17 16.54 10.35
C SER B 230 -30.64 17.23 11.59
N ASN B 231 -29.50 17.92 11.53
CA ASN B 231 -29.00 18.56 12.74
C ASN B 231 -29.93 19.73 13.08
N ALA B 232 -30.57 20.33 12.07
CA ALA B 232 -31.50 21.44 12.31
C ALA B 232 -32.81 20.95 12.91
N MET B 233 -33.38 19.88 12.36
CA MET B 233 -34.62 19.36 12.92
C MET B 233 -34.32 18.90 14.34
N GLY B 234 -33.14 18.32 14.51
CA GLY B 234 -32.73 17.80 15.81
C GLY B 234 -32.81 18.82 16.95
N ILE B 235 -32.33 20.03 16.67
CA ILE B 235 -32.32 21.09 17.67
C ILE B 235 -33.58 21.98 17.59
N PHE B 236 -34.26 21.97 16.44
CA PHE B 236 -35.47 22.76 16.25
C PHE B 236 -36.66 22.10 16.95
N TYR B 237 -36.89 20.84 16.63
CA TYR B 237 -38.04 20.12 17.13
C TYR B 237 -38.52 20.45 18.54
N PRO B 238 -37.70 20.18 19.57
CA PRO B 238 -38.12 20.48 20.93
C PRO B 238 -38.54 21.94 21.21
N PHE B 239 -38.37 22.82 20.24
CA PHE B 239 -38.70 24.23 20.41
C PHE B 239 -39.87 24.69 19.54
N VAL B 240 -40.33 23.81 18.66
CA VAL B 240 -41.42 24.14 17.74
C VAL B 240 -42.67 24.71 18.41
N ASN B 241 -43.02 24.17 19.59
CA ASN B 241 -44.20 24.65 20.28
C ASN B 241 -43.95 25.87 21.17
N ASP B 242 -42.70 26.31 21.24
CA ASP B 242 -42.35 27.49 22.02
C ASP B 242 -42.37 28.65 21.03
N LYS B 243 -43.58 29.12 20.74
CA LYS B 243 -43.81 30.19 19.79
C LYS B 243 -42.85 31.37 19.80
N LYS B 244 -42.29 31.69 20.96
CA LYS B 244 -41.36 32.81 21.05
C LYS B 244 -39.96 32.50 20.50
N VAL B 245 -39.64 31.21 20.35
CA VAL B 245 -38.34 30.81 19.85
C VAL B 245 -38.30 30.85 18.32
N LYS B 246 -37.48 31.75 17.80
CA LYS B 246 -37.30 31.92 16.37
C LYS B 246 -36.36 30.83 15.87
N LEU B 247 -36.73 30.15 14.80
CA LEU B 247 -35.92 29.09 14.23
C LEU B 247 -35.40 29.55 12.86
N VAL B 248 -34.09 29.46 12.65
CA VAL B 248 -33.48 29.85 11.37
C VAL B 248 -32.55 28.77 10.81
N GLY B 249 -32.85 28.29 9.61
CA GLY B 249 -32.00 27.30 8.98
C GLY B 249 -31.10 27.98 7.96
N VAL B 250 -29.83 27.61 7.92
CA VAL B 250 -28.90 28.24 6.97
C VAL B 250 -28.43 27.28 5.89
N GLU B 251 -28.74 27.59 4.63
CA GLU B 251 -28.32 26.76 3.49
C GLU B 251 -27.05 27.31 2.83
N ALA B 252 -26.42 26.47 2.03
CA ALA B 252 -25.19 26.81 1.33
C ALA B 252 -25.42 27.75 0.16
N GLY B 253 -24.93 28.98 0.29
CA GLY B 253 -25.07 29.96 -0.77
C GLY B 253 -23.97 29.77 -1.79
N GLY B 254 -23.01 28.90 -1.47
CA GLY B 254 -21.90 28.64 -2.37
C GLY B 254 -21.22 29.89 -2.92
N LYS B 255 -21.11 29.97 -4.24
CA LYS B 255 -20.50 31.11 -4.92
C LYS B 255 -21.49 32.26 -5.01
N GLY B 256 -22.64 32.11 -4.38
CA GLY B 256 -23.66 33.13 -4.43
C GLY B 256 -24.86 32.52 -5.15
N LEU B 257 -26.05 32.83 -4.67
CA LEU B 257 -27.29 32.29 -5.25
C LEU B 257 -27.47 32.56 -6.74
N GLU B 258 -27.23 33.79 -7.18
CA GLU B 258 -27.39 34.13 -8.58
C GLU B 258 -26.32 33.52 -9.49
N SER B 259 -25.36 32.80 -8.90
CA SER B 259 -24.30 32.18 -9.70
C SER B 259 -24.62 30.73 -10.04
N GLY B 260 -25.73 30.23 -9.51
CA GLY B 260 -26.10 28.85 -9.79
C GLY B 260 -25.26 27.82 -9.06
N LYS B 261 -24.12 28.26 -8.50
CA LYS B 261 -23.21 27.37 -7.76
C LYS B 261 -23.45 27.42 -6.25
N HIS B 262 -24.45 26.67 -5.80
CA HIS B 262 -24.80 26.63 -4.38
C HIS B 262 -25.53 25.34 -4.11
N SER B 263 -26.25 25.30 -2.99
CA SER B 263 -27.02 24.13 -2.63
C SER B 263 -28.15 24.57 -1.70
N ALA B 264 -28.81 25.64 -2.11
CA ALA B 264 -29.91 26.21 -1.35
C ALA B 264 -31.24 25.73 -1.92
N SER B 265 -31.62 24.49 -1.60
CA SER B 265 -32.87 23.92 -2.08
C SER B 265 -34.12 24.71 -1.69
N LEU B 266 -34.24 25.11 -0.43
CA LEU B 266 -35.41 25.87 0.02
C LEU B 266 -35.50 27.27 -0.59
N ASN B 267 -34.35 27.93 -0.69
CA ASN B 267 -34.31 29.29 -1.23
C ASN B 267 -34.24 29.39 -2.74
N ALA B 268 -33.82 28.32 -3.42
CA ALA B 268 -33.69 28.38 -4.88
C ALA B 268 -34.13 27.12 -5.62
N GLY B 269 -34.56 26.10 -4.89
CA GLY B 269 -35.00 24.90 -5.57
C GLY B 269 -36.48 24.99 -5.83
N GLN B 270 -37.06 23.90 -6.32
CA GLN B 270 -38.50 23.87 -6.55
C GLN B 270 -39.02 22.55 -6.03
N VAL B 271 -40.33 22.43 -5.95
CA VAL B 271 -40.96 21.22 -5.47
C VAL B 271 -40.77 20.11 -6.51
N GLY B 272 -40.44 18.91 -6.02
CA GLY B 272 -40.23 17.77 -6.90
C GLY B 272 -40.26 16.46 -6.11
N VAL B 273 -39.96 15.36 -6.77
CA VAL B 273 -39.94 14.06 -6.11
C VAL B 273 -38.58 13.43 -6.37
N PHE B 274 -37.93 13.00 -5.30
CA PHE B 274 -36.63 12.38 -5.38
C PHE B 274 -36.37 11.66 -4.06
N HIS B 275 -35.59 10.59 -4.12
CA HIS B 275 -35.28 9.81 -2.93
C HIS B 275 -36.55 9.33 -2.25
N GLY B 276 -37.62 9.15 -3.03
CA GLY B 276 -38.89 8.69 -2.51
C GLY B 276 -39.66 9.69 -1.67
N MET B 277 -39.43 10.99 -1.89
CA MET B 277 -40.14 11.98 -1.10
C MET B 277 -40.47 13.21 -1.93
N LEU B 278 -41.58 13.86 -1.57
CA LEU B 278 -41.98 15.08 -2.25
C LEU B 278 -41.49 16.22 -1.36
N SER B 279 -40.59 17.05 -1.91
CA SER B 279 -40.01 18.17 -1.16
C SER B 279 -39.38 19.14 -2.15
N TYR B 280 -38.47 19.98 -1.65
CA TYR B 280 -37.74 20.94 -2.50
C TYR B 280 -36.39 20.34 -2.91
N PHE B 281 -36.08 20.42 -4.20
CA PHE B 281 -34.81 19.93 -4.73
C PHE B 281 -34.25 20.93 -5.72
N LEU B 282 -32.98 20.73 -6.07
CA LEU B 282 -32.33 21.58 -7.06
C LEU B 282 -32.34 20.77 -8.35
N GLN B 283 -33.31 21.04 -9.22
CA GLN B 283 -33.44 20.34 -10.49
C GLN B 283 -33.22 21.23 -11.70
N ASP B 284 -32.83 20.63 -12.83
CA ASP B 284 -32.62 21.41 -14.04
C ASP B 284 -33.96 21.60 -14.76
N GLU B 285 -33.93 22.31 -15.88
CA GLU B 285 -35.14 22.55 -16.65
C GLU B 285 -35.88 21.26 -17.06
N GLU B 286 -35.20 20.12 -16.97
CA GLU B 286 -35.78 18.84 -17.34
C GLU B 286 -36.11 17.94 -16.16
N GLY B 287 -36.28 18.53 -14.98
CA GLY B 287 -36.61 17.75 -13.81
C GLY B 287 -35.52 16.82 -13.32
N GLN B 288 -34.30 17.00 -13.79
CA GLN B 288 -33.19 16.16 -13.38
C GLN B 288 -32.39 16.82 -12.27
N ILE B 289 -31.93 16.02 -11.30
CA ILE B 289 -31.14 16.55 -10.20
C ILE B 289 -29.92 17.31 -10.69
N LYS B 290 -29.81 18.56 -10.25
CA LYS B 290 -28.72 19.44 -10.63
C LYS B 290 -27.51 19.29 -9.70
N PRO B 291 -26.29 19.50 -10.23
CA PRO B 291 -25.10 19.37 -9.40
C PRO B 291 -25.12 20.48 -8.34
N THR B 292 -24.70 20.17 -7.12
CA THR B 292 -24.70 21.18 -6.07
C THR B 292 -23.27 21.58 -5.77
N HIS B 293 -23.13 22.74 -5.13
CA HIS B 293 -21.81 23.20 -4.76
C HIS B 293 -21.81 23.95 -3.44
N SER B 294 -20.78 23.69 -2.66
CA SER B 294 -20.57 24.34 -1.39
C SER B 294 -19.17 24.00 -0.94
N ILE B 295 -18.51 24.93 -0.26
CA ILE B 295 -17.19 24.66 0.25
C ILE B 295 -17.33 23.64 1.39
N ALA B 296 -18.56 23.46 1.89
CA ALA B 296 -18.83 22.50 2.95
C ALA B 296 -19.30 21.18 2.33
N PRO B 297 -18.48 20.14 2.43
CA PRO B 297 -18.77 18.80 1.90
C PRO B 297 -20.17 18.32 2.24
N GLY B 298 -20.50 18.37 3.52
CA GLY B 298 -21.81 17.93 3.97
C GLY B 298 -23.05 18.66 3.52
N LEU B 299 -22.91 19.84 2.90
CA LEU B 299 -24.10 20.57 2.44
C LEU B 299 -24.31 20.27 0.95
N ASP B 300 -23.99 19.04 0.55
CA ASP B 300 -24.12 18.62 -0.84
C ASP B 300 -25.47 18.04 -1.26
N TYR B 301 -26.20 17.40 -0.34
CA TYR B 301 -27.49 16.79 -0.67
C TYR B 301 -28.31 17.74 -1.57
N PRO B 302 -28.79 17.25 -2.72
CA PRO B 302 -29.58 18.05 -3.69
C PRO B 302 -31.04 18.35 -3.35
N GLY B 303 -31.35 18.40 -2.07
CA GLY B 303 -32.70 18.70 -1.67
C GLY B 303 -32.75 18.94 -0.19
N VAL B 304 -33.92 18.80 0.40
CA VAL B 304 -34.08 19.02 1.83
C VAL B 304 -35.24 18.20 2.39
N GLY B 305 -35.15 17.83 3.66
CA GLY B 305 -36.22 17.04 4.29
C GLY B 305 -37.57 17.71 4.16
N PRO B 306 -38.66 16.92 4.08
CA PRO B 306 -39.99 17.51 3.95
C PRO B 306 -40.49 18.27 5.17
N GLU B 307 -39.96 17.98 6.36
CA GLU B 307 -40.42 18.70 7.53
C GLU B 307 -39.96 20.15 7.50
N HIS B 308 -38.85 20.42 6.81
CA HIS B 308 -38.34 21.78 6.69
C HIS B 308 -39.18 22.52 5.66
N ALA B 309 -39.50 21.86 4.56
CA ALA B 309 -40.33 22.48 3.54
C ALA B 309 -41.62 22.94 4.20
N TYR B 310 -42.14 22.09 5.09
CA TYR B 310 -43.36 22.37 5.80
C TYR B 310 -43.20 23.58 6.71
N LEU B 311 -42.16 23.54 7.55
CA LEU B 311 -41.88 24.62 8.50
C LEU B 311 -41.69 25.95 7.78
N LYS B 312 -41.21 25.90 6.54
CA LYS B 312 -41.02 27.10 5.75
C LYS B 312 -42.39 27.58 5.30
N LYS B 313 -43.22 26.64 4.84
CA LYS B 313 -44.56 26.96 4.36
C LYS B 313 -45.42 27.64 5.43
N ILE B 314 -45.53 27.02 6.60
CA ILE B 314 -46.33 27.61 7.67
C ILE B 314 -45.54 28.71 8.38
N GLN B 315 -44.38 29.02 7.83
CA GLN B 315 -43.50 30.07 8.35
C GLN B 315 -43.10 29.93 9.82
N ARG B 316 -42.95 28.70 10.28
CA ARG B 316 -42.54 28.50 11.66
C ARG B 316 -41.04 28.77 11.73
N ALA B 317 -40.34 28.38 10.66
CA ALA B 317 -38.90 28.57 10.58
C ALA B 317 -38.53 29.44 9.38
N GLU B 318 -37.40 30.13 9.49
CA GLU B 318 -36.90 30.97 8.41
C GLU B 318 -35.65 30.31 7.85
N TYR B 319 -35.48 30.35 6.54
CA TYR B 319 -34.31 29.75 5.91
C TYR B 319 -33.54 30.76 5.10
N VAL B 320 -32.25 30.89 5.39
CA VAL B 320 -31.39 31.84 4.70
C VAL B 320 -30.20 31.12 4.09
N THR B 321 -29.32 31.88 3.44
CA THR B 321 -28.13 31.29 2.84
C THR B 321 -26.92 32.09 3.27
N VAL B 322 -25.76 31.42 3.27
CA VAL B 322 -24.48 32.04 3.62
C VAL B 322 -23.52 31.51 2.56
N THR B 323 -22.70 32.40 2.01
CA THR B 323 -21.75 32.01 0.95
C THR B 323 -20.54 31.27 1.49
N ASP B 324 -19.77 30.66 0.58
CA ASP B 324 -18.55 29.94 0.92
C ASP B 324 -17.62 30.90 1.67
N GLU B 325 -17.49 32.10 1.12
CA GLU B 325 -16.62 33.12 1.71
C GLU B 325 -17.02 33.44 3.15
N GLU B 326 -18.31 33.66 3.39
CA GLU B 326 -18.77 33.98 4.73
C GLU B 326 -18.56 32.79 5.67
N ALA B 327 -18.80 31.59 5.15
CA ALA B 327 -18.62 30.40 5.97
C ALA B 327 -17.17 30.29 6.36
N LEU B 328 -16.31 30.43 5.36
CA LEU B 328 -14.88 30.34 5.55
C LEU B 328 -14.37 31.37 6.57
N LYS B 329 -14.82 32.62 6.45
CA LYS B 329 -14.40 33.64 7.40
C LYS B 329 -14.82 33.24 8.80
N ALA B 330 -16.04 32.71 8.93
CA ALA B 330 -16.53 32.28 10.24
C ALA B 330 -15.67 31.13 10.76
N PHE B 331 -15.21 30.27 9.86
CA PHE B 331 -14.37 29.14 10.25
C PHE B 331 -13.11 29.66 10.96
N HIS B 332 -12.44 30.63 10.35
CA HIS B 332 -11.23 31.23 10.92
C HIS B 332 -11.53 32.01 12.20
N GLU B 333 -12.67 32.70 12.24
CA GLU B 333 -13.05 33.50 13.39
C GLU B 333 -13.23 32.70 14.67
N LEU B 334 -14.01 31.63 14.60
CA LEU B 334 -14.29 30.78 15.75
C LEU B 334 -13.01 30.16 16.27
N SER B 335 -12.21 29.66 15.33
CA SER B 335 -10.96 29.00 15.66
C SER B 335 -10.05 29.87 16.49
N ARG B 336 -9.83 31.11 16.05
CA ARG B 336 -8.96 32.03 16.78
C ARG B 336 -9.61 32.73 17.97
N THR B 337 -10.94 32.84 17.96
CA THR B 337 -11.68 33.54 19.02
C THR B 337 -12.16 32.68 20.19
N GLU B 338 -12.53 31.43 19.93
CA GLU B 338 -12.98 30.56 21.01
C GLU B 338 -12.17 29.28 21.12
N GLY B 339 -11.20 29.11 20.24
CA GLY B 339 -10.37 27.93 20.30
C GLY B 339 -11.11 26.70 19.84
N ILE B 340 -12.18 26.89 19.08
CA ILE B 340 -12.95 25.76 18.57
C ILE B 340 -12.91 25.79 17.04
N ILE B 341 -12.40 24.72 16.44
CA ILE B 341 -12.33 24.63 14.98
C ILE B 341 -13.62 23.90 14.53
N PRO B 342 -14.56 24.63 13.93
CA PRO B 342 -15.83 24.08 13.47
C PRO B 342 -15.78 23.42 12.11
N ALA B 343 -16.77 22.56 11.84
CA ALA B 343 -16.88 21.92 10.54
C ALA B 343 -17.33 23.06 9.63
N LEU B 344 -16.97 22.99 8.36
CA LEU B 344 -17.36 24.05 7.43
C LEU B 344 -18.88 24.15 7.33
N GLU B 345 -19.57 23.04 7.58
CA GLU B 345 -21.02 23.00 7.53
C GLU B 345 -21.56 23.95 8.59
N SER B 346 -21.15 23.70 9.82
CA SER B 346 -21.52 24.46 11.00
C SER B 346 -21.09 25.93 10.89
N ALA B 347 -20.00 26.17 10.16
CA ALA B 347 -19.50 27.52 9.99
C ALA B 347 -20.57 28.39 9.34
N HIS B 348 -21.40 27.78 8.50
CA HIS B 348 -22.46 28.53 7.86
C HIS B 348 -23.42 29.10 8.89
N ALA B 349 -23.76 28.28 9.88
CA ALA B 349 -24.68 28.70 10.93
C ALA B 349 -24.00 29.75 11.80
N VAL B 350 -22.71 29.54 12.10
CA VAL B 350 -21.94 30.47 12.90
C VAL B 350 -21.91 31.83 12.21
N ALA B 351 -21.65 31.81 10.90
CA ALA B 351 -21.55 33.04 10.14
C ALA B 351 -22.85 33.82 10.24
N TYR B 352 -23.97 33.13 10.05
CA TYR B 352 -25.24 33.82 10.11
C TYR B 352 -25.59 34.33 11.50
N ALA B 353 -25.27 33.55 12.52
CA ALA B 353 -25.55 33.97 13.88
C ALA B 353 -24.74 35.22 14.18
N MET B 354 -23.56 35.34 13.58
CA MET B 354 -22.71 36.51 13.79
C MET B 354 -23.34 37.78 13.23
N LYS B 355 -23.98 37.68 12.08
CA LYS B 355 -24.63 38.84 11.47
C LYS B 355 -25.89 39.15 12.27
N LEU B 356 -26.60 38.10 12.65
CA LEU B 356 -27.83 38.24 13.41
C LEU B 356 -27.58 38.81 14.80
N ALA B 357 -26.51 38.36 15.43
CA ALA B 357 -26.16 38.81 16.77
C ALA B 357 -25.92 40.33 16.82
N LYS B 358 -25.15 40.83 15.87
CA LYS B 358 -24.82 42.25 15.78
C LYS B 358 -26.05 43.16 15.78
N GLU B 359 -27.17 42.66 15.28
CA GLU B 359 -28.39 43.44 15.21
C GLU B 359 -29.40 43.07 16.29
N MET B 360 -28.89 42.57 17.41
CA MET B 360 -29.74 42.19 18.52
C MET B 360 -29.25 42.84 19.80
N SER B 361 -30.05 42.76 20.86
CA SER B 361 -29.69 43.34 22.14
C SER B 361 -28.89 42.40 23.02
N ARG B 362 -27.96 42.96 23.78
CA ARG B 362 -27.09 42.21 24.66
C ARG B 362 -27.80 41.27 25.64
N ASP B 363 -29.11 41.34 25.74
CA ASP B 363 -29.82 40.46 26.67
C ASP B 363 -30.53 39.33 25.94
N GLU B 364 -30.44 39.35 24.61
CA GLU B 364 -31.05 38.31 23.80
C GLU B 364 -30.09 37.15 23.62
N ILE B 365 -30.65 35.95 23.45
CA ILE B 365 -29.86 34.73 23.32
C ILE B 365 -30.03 34.02 21.98
N ILE B 366 -28.90 33.63 21.40
CA ILE B 366 -28.89 32.90 20.14
C ILE B 366 -28.22 31.56 20.43
N ILE B 367 -28.84 30.47 20.01
CA ILE B 367 -28.22 29.16 20.18
C ILE B 367 -27.85 28.70 18.77
N VAL B 368 -26.57 28.43 18.55
CA VAL B 368 -26.11 27.95 17.26
C VAL B 368 -25.81 26.48 17.46
N ASN B 369 -26.24 25.67 16.52
CA ASN B 369 -25.98 24.26 16.62
C ASN B 369 -24.65 23.98 15.89
N LEU B 370 -23.59 23.77 16.67
CA LEU B 370 -22.28 23.48 16.08
C LEU B 370 -22.27 21.99 15.70
N SER B 371 -22.92 21.67 14.59
CA SER B 371 -23.05 20.30 14.12
C SER B 371 -21.77 19.45 14.06
N GLY B 372 -20.61 20.06 13.90
CA GLY B 372 -19.41 19.26 13.84
C GLY B 372 -18.10 19.97 14.02
N ARG B 373 -17.03 19.20 14.17
CA ARG B 373 -15.69 19.80 14.32
C ARG B 373 -15.05 19.89 12.93
N GLY B 374 -14.04 20.75 12.80
CA GLY B 374 -13.41 20.94 11.50
C GLY B 374 -12.09 20.26 11.20
N ASP B 375 -11.71 19.25 11.98
CA ASP B 375 -10.45 18.55 11.72
C ASP B 375 -10.50 17.97 10.32
N LYS B 376 -11.68 17.52 9.91
CA LYS B 376 -11.87 16.93 8.59
C LYS B 376 -11.72 17.92 7.44
N ASP B 377 -11.91 19.21 7.72
CA ASP B 377 -11.85 20.24 6.69
C ASP B 377 -10.54 21.03 6.60
N LEU B 378 -9.53 20.64 7.36
CA LEU B 378 -8.26 21.35 7.35
C LEU B 378 -7.57 21.34 5.98
N ASP B 379 -7.58 20.20 5.30
CA ASP B 379 -6.96 20.11 4.00
C ASP B 379 -7.59 21.11 3.04
N ILE B 380 -8.92 21.11 2.95
CA ILE B 380 -9.57 22.01 2.01
C ILE B 380 -9.35 23.47 2.39
N VAL B 381 -9.39 23.79 3.68
CA VAL B 381 -9.18 25.17 4.10
C VAL B 381 -7.74 25.63 3.82
N LEU B 382 -6.79 24.71 3.98
CA LEU B 382 -5.38 25.00 3.71
C LEU B 382 -5.21 25.34 2.22
N LYS B 383 -5.91 24.60 1.36
CA LYS B 383 -5.81 24.84 -0.08
C LYS B 383 -6.52 26.12 -0.49
N VAL B 384 -7.74 26.31 0.01
CA VAL B 384 -8.52 27.48 -0.31
C VAL B 384 -7.97 28.76 0.32
N SER B 385 -7.52 28.68 1.56
CA SER B 385 -6.99 29.86 2.23
C SER B 385 -5.48 29.98 2.08
N GLY B 386 -4.82 28.87 1.76
CA GLY B 386 -3.37 28.88 1.60
C GLY B 386 -2.63 28.94 2.92
N ASN B 387 -1.30 29.00 2.88
CA ASN B 387 -0.48 29.10 4.08
C ASN B 387 -0.55 27.85 4.95
N MET C 1 31.61 -18.48 11.03
CA MET C 1 32.58 -17.48 10.49
C MET C 1 33.78 -18.18 9.86
N TRP C 2 34.01 -19.42 10.26
CA TRP C 2 35.13 -20.19 9.72
C TRP C 2 34.67 -21.53 9.20
N PHE C 3 35.13 -21.88 8.01
CA PHE C 3 34.80 -23.15 7.42
C PHE C 3 36.15 -23.84 7.39
N GLY C 4 36.49 -24.49 8.49
CA GLY C 4 37.78 -25.12 8.59
C GLY C 4 38.68 -23.92 8.81
N GLU C 5 39.75 -23.81 8.03
CA GLU C 5 40.68 -22.70 8.16
C GLU C 5 40.38 -21.54 7.18
N PHE C 6 39.30 -21.67 6.42
CA PHE C 6 38.95 -20.66 5.43
C PHE C 6 37.81 -19.75 5.90
N GLY C 7 37.93 -18.46 5.56
CA GLY C 7 36.90 -17.49 5.94
C GLY C 7 37.46 -16.27 6.62
N GLY C 8 36.89 -15.91 7.77
CA GLY C 8 37.37 -14.78 8.53
C GLY C 8 36.86 -13.40 8.13
N GLN C 9 37.46 -12.39 8.76
CA GLN C 9 37.12 -10.99 8.51
C GLN C 9 38.36 -10.16 8.26
N TYR C 10 39.27 -10.64 7.43
CA TYR C 10 40.50 -9.90 7.16
C TYR C 10 40.22 -8.53 6.55
N VAL C 11 39.79 -7.59 7.39
CA VAL C 11 39.46 -6.23 6.96
C VAL C 11 40.06 -5.14 7.84
N PRO C 12 39.91 -3.87 7.42
CA PRO C 12 40.43 -2.76 8.20
C PRO C 12 39.55 -2.51 9.43
N GLU C 13 40.13 -1.87 10.44
CA GLU C 13 39.43 -1.55 11.69
C GLU C 13 38.11 -0.86 11.42
N THR C 14 38.11 0.04 10.44
CA THR C 14 36.94 0.80 10.06
C THR C 14 35.74 -0.05 9.60
N LEU C 15 36.01 -1.29 9.20
CA LEU C 15 34.96 -2.18 8.73
C LEU C 15 34.38 -3.13 9.76
N ILE C 16 35.03 -3.22 10.92
CA ILE C 16 34.55 -4.11 11.96
C ILE C 16 33.20 -3.72 12.55
N GLU C 17 32.91 -2.42 12.56
CA GLU C 17 31.65 -1.93 13.10
C GLU C 17 30.49 -2.31 12.20
N PRO C 18 30.49 -1.81 10.94
CA PRO C 18 29.39 -2.17 10.06
C PRO C 18 29.16 -3.68 9.96
N LEU C 19 30.25 -4.44 9.90
CA LEU C 19 30.15 -5.90 9.80
C LEU C 19 29.45 -6.49 11.00
N LYS C 20 29.78 -6.00 12.20
CA LYS C 20 29.15 -6.52 13.40
C LYS C 20 27.67 -6.13 13.40
N GLU C 21 27.38 -4.92 12.94
CA GLU C 21 25.99 -4.44 12.89
C GLU C 21 25.19 -5.31 11.94
N LEU C 22 25.80 -5.63 10.80
CA LEU C 22 25.15 -6.46 9.79
C LEU C 22 24.88 -7.85 10.33
N GLU C 23 25.90 -8.45 10.93
CA GLU C 23 25.76 -9.78 11.49
C GLU C 23 24.69 -9.79 12.57
N LYS C 24 24.64 -8.72 13.37
CA LYS C 24 23.66 -8.64 14.43
C LYS C 24 22.27 -8.60 13.78
N ALA C 25 22.11 -7.68 12.84
CA ALA C 25 20.85 -7.51 12.12
C ALA C 25 20.40 -8.81 11.45
N TYR C 26 21.32 -9.52 10.83
CA TYR C 26 20.98 -10.78 10.18
C TYR C 26 20.53 -11.82 11.18
N LYS C 27 21.21 -11.88 12.32
CA LYS C 27 20.87 -12.84 13.36
C LYS C 27 19.40 -12.75 13.75
N ARG C 28 18.94 -11.56 14.07
CA ARG C 28 17.54 -11.39 14.46
C ARG C 28 16.56 -11.63 13.32
N PHE C 29 16.73 -10.90 12.22
CA PHE C 29 15.83 -11.04 11.07
C PHE C 29 15.90 -12.38 10.35
N LYS C 30 16.98 -13.11 10.57
CA LYS C 30 17.17 -14.41 9.93
C LYS C 30 15.88 -15.23 9.94
N ASP C 31 15.24 -15.31 11.09
CA ASP C 31 14.02 -16.09 11.21
C ASP C 31 12.82 -15.30 11.72
N ASP C 32 12.89 -13.98 11.64
CA ASP C 32 11.78 -13.13 12.07
C ASP C 32 10.56 -13.47 11.21
N GLU C 33 9.36 -13.36 11.79
CA GLU C 33 8.12 -13.67 11.08
C GLU C 33 7.81 -12.75 9.92
N GLU C 34 7.86 -11.45 10.18
CA GLU C 34 7.58 -10.44 9.18
C GLU C 34 8.60 -10.49 8.04
N PHE C 35 9.87 -10.31 8.37
CA PHE C 35 10.94 -10.34 7.37
C PHE C 35 10.73 -11.48 6.39
N ASN C 36 10.60 -12.69 6.93
CA ASN C 36 10.42 -13.87 6.08
C ASN C 36 9.12 -13.84 5.29
N ARG C 37 8.09 -13.21 5.84
CA ARG C 37 6.81 -13.15 5.13
C ARG C 37 7.01 -12.27 3.90
N GLN C 38 7.73 -11.17 4.08
CA GLN C 38 7.98 -10.27 2.96
C GLN C 38 8.90 -10.91 1.93
N LEU C 39 9.95 -11.57 2.41
CA LEU C 39 10.91 -12.22 1.53
C LEU C 39 10.22 -13.25 0.65
N ASN C 40 9.42 -14.10 1.26
CA ASN C 40 8.69 -15.13 0.50
C ASN C 40 7.65 -14.52 -0.42
N TYR C 41 7.17 -13.34 -0.05
CA TYR C 41 6.17 -12.64 -0.83
C TYR C 41 6.81 -12.20 -2.16
N TYR C 42 7.92 -11.48 -2.07
CA TYR C 42 8.65 -10.99 -3.22
C TYR C 42 9.26 -12.13 -4.07
N LEU C 43 9.81 -13.14 -3.40
CA LEU C 43 10.41 -14.28 -4.07
C LEU C 43 9.37 -14.97 -4.95
N LYS C 44 8.12 -14.90 -4.52
CA LYS C 44 7.02 -15.57 -5.23
C LYS C 44 6.34 -14.76 -6.33
N THR C 45 5.79 -13.60 -5.97
CA THR C 45 5.06 -12.75 -6.90
C THR C 45 5.93 -11.90 -7.82
N TRP C 46 7.17 -11.65 -7.43
CA TRP C 46 8.06 -10.84 -8.24
C TRP C 46 9.14 -11.65 -8.96
N ALA C 47 9.75 -12.61 -8.26
CA ALA C 47 10.80 -13.43 -8.85
C ALA C 47 10.27 -14.72 -9.46
N GLY C 48 9.05 -15.08 -9.09
CA GLY C 48 8.43 -16.27 -9.64
C GLY C 48 8.89 -17.60 -9.06
N ARG C 49 9.36 -17.60 -7.83
CA ARG C 49 9.76 -18.86 -7.23
C ARG C 49 8.47 -19.60 -6.89
N PRO C 50 8.50 -20.94 -6.89
CA PRO C 50 9.65 -21.80 -7.17
C PRO C 50 9.87 -22.01 -8.66
N THR C 51 11.10 -22.32 -9.03
CA THR C 51 11.44 -22.59 -10.42
C THR C 51 11.22 -24.10 -10.54
N PRO C 52 10.83 -24.58 -11.72
CA PRO C 52 10.61 -26.02 -11.83
C PRO C 52 11.89 -26.84 -11.86
N LEU C 53 11.72 -28.16 -11.91
CA LEU C 53 12.81 -29.11 -12.02
C LEU C 53 12.43 -29.89 -13.27
N TYR C 54 13.09 -29.56 -14.38
CA TYR C 54 12.82 -30.18 -15.66
C TYR C 54 13.66 -31.42 -15.96
N TYR C 55 13.04 -32.41 -16.62
CA TYR C 55 13.74 -33.63 -16.99
C TYR C 55 14.08 -33.56 -18.48
N ALA C 56 15.37 -33.47 -18.78
CA ALA C 56 15.83 -33.38 -20.16
C ALA C 56 15.81 -34.73 -20.83
N LYS C 57 14.62 -35.30 -20.95
CA LYS C 57 14.45 -36.61 -21.56
C LYS C 57 15.21 -36.76 -22.88
N ARG C 58 15.03 -35.82 -23.80
CA ARG C 58 15.72 -35.91 -25.07
C ARG C 58 17.23 -35.92 -24.91
N LEU C 59 17.75 -35.10 -24.00
CA LEU C 59 19.19 -35.05 -23.77
C LEU C 59 19.70 -36.35 -23.14
N THR C 60 19.05 -36.79 -22.08
CA THR C 60 19.43 -38.01 -21.39
C THR C 60 19.54 -39.17 -22.38
N GLU C 61 18.47 -39.39 -23.13
CA GLU C 61 18.43 -40.46 -24.12
C GLU C 61 19.50 -40.33 -25.18
N LYS C 62 19.69 -39.11 -25.68
CA LYS C 62 20.70 -38.88 -26.70
C LYS C 62 22.10 -39.24 -26.20
N ILE C 63 22.23 -39.43 -24.90
CA ILE C 63 23.51 -39.79 -24.30
C ILE C 63 23.44 -41.23 -23.80
N GLY C 64 22.22 -41.70 -23.55
CA GLY C 64 22.04 -43.06 -23.08
C GLY C 64 22.81 -43.32 -21.81
N GLY C 65 22.56 -42.52 -20.79
CA GLY C 65 23.25 -42.69 -19.53
C GLY C 65 22.30 -42.44 -18.38
N ALA C 66 22.76 -41.66 -17.40
CA ALA C 66 21.93 -41.35 -16.25
C ALA C 66 20.83 -40.38 -16.67
N LYS C 67 19.86 -40.19 -15.77
CA LYS C 67 18.78 -39.27 -16.03
C LYS C 67 19.38 -37.89 -15.75
N ILE C 68 19.09 -36.95 -16.64
CA ILE C 68 19.59 -35.60 -16.48
C ILE C 68 18.45 -34.65 -16.13
N TYR C 69 18.45 -34.17 -14.89
CA TYR C 69 17.43 -33.22 -14.46
C TYR C 69 18.02 -31.81 -14.44
N LEU C 70 17.18 -30.81 -14.67
CA LEU C 70 17.63 -29.43 -14.69
C LEU C 70 16.85 -28.54 -13.73
N LYS C 71 17.54 -27.99 -12.73
CA LYS C 71 16.88 -27.09 -11.79
C LYS C 71 16.88 -25.75 -12.53
N ARG C 72 15.71 -25.34 -12.99
CA ARG C 72 15.53 -24.14 -13.80
C ARG C 72 15.64 -22.75 -13.15
N GLU C 73 16.83 -22.41 -12.69
CA GLU C 73 17.05 -21.10 -12.10
C GLU C 73 17.09 -20.07 -13.23
N ASP C 74 17.03 -20.55 -14.47
CA ASP C 74 17.04 -19.69 -15.64
C ASP C 74 15.67 -19.03 -15.78
N LEU C 75 14.65 -19.60 -15.12
CA LEU C 75 13.31 -19.03 -15.20
C LEU C 75 13.00 -17.99 -14.13
N VAL C 76 13.90 -17.81 -13.17
CA VAL C 76 13.66 -16.82 -12.13
C VAL C 76 13.72 -15.45 -12.79
N HIS C 77 13.03 -14.48 -12.21
CA HIS C 77 13.00 -13.13 -12.73
C HIS C 77 14.43 -12.60 -12.86
N GLY C 78 14.78 -12.13 -14.06
CA GLY C 78 16.12 -11.62 -14.29
C GLY C 78 16.96 -12.62 -15.08
N GLY C 79 16.53 -13.87 -15.09
CA GLY C 79 17.24 -14.90 -15.84
C GLY C 79 18.43 -15.57 -15.15
N ALA C 80 18.62 -15.30 -13.86
CA ALA C 80 19.73 -15.89 -13.12
C ALA C 80 19.46 -16.00 -11.60
N HIS C 81 20.06 -17.01 -10.96
CA HIS C 81 19.88 -17.24 -9.51
C HIS C 81 20.30 -16.05 -8.65
N LYS C 82 21.13 -15.17 -9.20
CA LYS C 82 21.62 -13.98 -8.47
C LYS C 82 20.50 -13.17 -7.80
N THR C 83 19.34 -13.14 -8.46
CA THR C 83 18.18 -12.44 -7.95
C THR C 83 17.79 -12.90 -6.53
N ASN C 84 17.90 -14.20 -6.24
CA ASN C 84 17.56 -14.72 -4.91
C ASN C 84 18.31 -13.97 -3.81
N ASN C 85 19.61 -13.80 -4.01
CA ASN C 85 20.47 -13.11 -3.05
C ASN C 85 20.26 -11.59 -3.06
N ALA C 86 20.03 -11.03 -4.24
CA ALA C 86 19.81 -9.61 -4.36
C ALA C 86 18.59 -9.19 -3.53
N ILE C 87 17.48 -9.93 -3.68
CA ILE C 87 16.26 -9.67 -2.94
C ILE C 87 16.48 -9.80 -1.44
N GLY C 88 17.02 -10.94 -1.04
CA GLY C 88 17.30 -11.18 0.37
C GLY C 88 18.10 -10.08 1.05
N GLN C 89 19.20 -9.67 0.44
CA GLN C 89 20.03 -8.63 1.04
C GLN C 89 19.42 -7.25 0.94
N ALA C 90 18.75 -6.95 -0.17
CA ALA C 90 18.10 -5.66 -0.35
C ALA C 90 17.05 -5.54 0.75
N LEU C 91 16.25 -6.60 0.90
CA LEU C 91 15.21 -6.62 1.92
C LEU C 91 15.82 -6.45 3.32
N LEU C 92 16.89 -7.20 3.60
CA LEU C 92 17.54 -7.10 4.90
C LEU C 92 17.98 -5.67 5.14
N ALA C 93 18.52 -5.03 4.11
CA ALA C 93 18.99 -3.65 4.21
C ALA C 93 17.82 -2.72 4.51
N LYS C 94 16.66 -3.05 3.93
CA LYS C 94 15.46 -2.27 4.14
C LYS C 94 15.13 -2.31 5.63
N PHE C 95 15.05 -3.52 6.18
CA PHE C 95 14.73 -3.73 7.59
C PHE C 95 15.77 -3.06 8.52
N MET C 96 16.97 -2.84 8.02
CA MET C 96 18.02 -2.21 8.80
C MET C 96 17.91 -0.70 8.71
N GLY C 97 16.97 -0.24 7.89
CA GLY C 97 16.77 1.18 7.74
C GLY C 97 17.70 1.81 6.74
N LYS C 98 18.41 0.99 5.98
CA LYS C 98 19.33 1.49 4.96
C LYS C 98 18.48 2.04 3.82
N THR C 99 19.01 3.03 3.12
CA THR C 99 18.27 3.64 2.01
C THR C 99 19.08 3.58 0.72
N ARG C 100 20.29 3.05 0.81
CA ARG C 100 21.16 2.95 -0.35
C ARG C 100 21.83 1.59 -0.43
N LEU C 101 22.02 1.13 -1.66
CA LEU C 101 22.65 -0.16 -1.89
C LEU C 101 23.83 0.07 -2.78
N ILE C 102 24.98 -0.51 -2.41
CA ILE C 102 26.19 -0.41 -3.21
C ILE C 102 26.65 -1.82 -3.55
N ALA C 103 27.43 -1.96 -4.61
CA ALA C 103 27.93 -3.25 -4.98
C ALA C 103 28.93 -3.14 -6.12
N GLU C 104 29.81 -4.13 -6.19
CA GLU C 104 30.80 -4.16 -7.24
C GLU C 104 30.29 -5.26 -8.16
N THR C 105 30.77 -5.26 -9.40
CA THR C 105 30.35 -6.26 -10.36
C THR C 105 31.44 -6.36 -11.43
N GLY C 106 31.67 -7.57 -11.92
CA GLY C 106 32.67 -7.80 -12.95
C GLY C 106 32.03 -7.79 -14.32
N ALA C 107 31.11 -8.73 -14.55
CA ALA C 107 30.42 -8.84 -15.83
C ALA C 107 29.21 -7.91 -15.86
N GLY C 108 28.75 -7.53 -14.68
CA GLY C 108 27.59 -6.65 -14.58
C GLY C 108 26.32 -7.43 -14.28
N GLN C 109 26.44 -8.75 -14.17
CA GLN C 109 25.29 -9.59 -13.88
C GLN C 109 24.79 -9.37 -12.45
N HIS C 110 25.72 -9.33 -11.49
CA HIS C 110 25.32 -9.07 -10.11
C HIS C 110 24.87 -7.61 -10.04
N GLY C 111 25.48 -6.79 -10.89
CA GLY C 111 25.13 -5.39 -10.95
C GLY C 111 23.67 -5.25 -11.31
N VAL C 112 23.25 -6.01 -12.31
CA VAL C 112 21.86 -6.00 -12.76
C VAL C 112 20.91 -6.53 -11.71
N ALA C 113 21.28 -7.62 -11.04
CA ALA C 113 20.40 -8.20 -10.03
C ALA C 113 20.24 -7.25 -8.84
N THR C 114 21.27 -6.46 -8.53
CA THR C 114 21.18 -5.53 -7.41
C THR C 114 20.32 -4.32 -7.83
N ALA C 115 20.49 -3.88 -9.07
CA ALA C 115 19.73 -2.77 -9.61
C ALA C 115 18.22 -3.06 -9.56
N MET C 116 17.85 -4.29 -9.93
CA MET C 116 16.44 -4.71 -9.96
C MET C 116 15.81 -4.73 -8.58
N ALA C 117 16.54 -5.30 -7.62
CA ALA C 117 16.05 -5.40 -6.26
C ALA C 117 15.97 -4.02 -5.63
N GLY C 118 16.91 -3.14 -5.99
CA GLY C 118 16.91 -1.79 -5.48
C GLY C 118 15.68 -1.07 -6.02
N ALA C 119 15.44 -1.21 -7.32
CA ALA C 119 14.29 -0.59 -7.94
C ALA C 119 13.01 -1.10 -7.26
N LEU C 120 12.95 -2.39 -7.01
CA LEU C 120 11.79 -3.01 -6.38
C LEU C 120 11.46 -2.44 -5.00
N LEU C 121 12.49 -2.09 -4.23
CA LEU C 121 12.30 -1.58 -2.88
C LEU C 121 12.58 -0.08 -2.73
N GLY C 122 12.53 0.65 -3.84
CA GLY C 122 12.76 2.07 -3.79
C GLY C 122 14.05 2.51 -3.12
N MET C 123 15.13 1.78 -3.36
CA MET C 123 16.41 2.15 -2.77
C MET C 123 17.33 2.70 -3.82
N LYS C 124 18.24 3.56 -3.40
CA LYS C 124 19.20 4.15 -4.31
C LYS C 124 20.26 3.07 -4.54
N VAL C 125 20.69 2.92 -5.79
CA VAL C 125 21.68 1.89 -6.10
C VAL C 125 22.86 2.42 -6.87
N ASP C 126 24.04 2.23 -6.31
CA ASP C 126 25.31 2.63 -6.93
C ASP C 126 26.15 1.36 -7.16
N ILE C 127 26.52 1.12 -8.42
CA ILE C 127 27.30 -0.05 -8.78
C ILE C 127 28.73 0.29 -9.19
N TYR C 128 29.72 -0.23 -8.47
CA TYR C 128 31.11 0.02 -8.86
C TYR C 128 31.51 -1.06 -9.86
N MET C 129 32.13 -0.65 -10.95
CA MET C 129 32.53 -1.56 -12.01
C MET C 129 33.80 -1.04 -12.68
N GLY C 130 34.82 -1.88 -12.76
CA GLY C 130 36.06 -1.47 -13.40
C GLY C 130 35.75 -0.93 -14.78
N ALA C 131 36.38 0.19 -15.12
CA ALA C 131 36.17 0.81 -16.42
C ALA C 131 36.40 -0.23 -17.54
N GLU C 132 37.37 -1.10 -17.34
CA GLU C 132 37.69 -2.15 -18.31
C GLU C 132 36.40 -2.95 -18.57
N ASP C 133 35.78 -3.47 -17.52
CA ASP C 133 34.56 -4.25 -17.64
C ASP C 133 33.39 -3.40 -18.15
N VAL C 134 33.33 -2.14 -17.72
CA VAL C 134 32.27 -1.26 -18.17
C VAL C 134 32.28 -1.18 -19.69
N GLU C 135 33.47 -0.99 -20.25
CA GLU C 135 33.60 -0.86 -21.70
C GLU C 135 33.40 -2.16 -22.47
N ARG C 136 33.30 -3.27 -21.75
CA ARG C 136 33.13 -4.57 -22.38
C ARG C 136 31.74 -5.15 -22.14
N GLN C 137 30.93 -4.50 -21.30
CA GLN C 137 29.59 -5.00 -21.01
C GLN C 137 28.57 -3.90 -21.26
N LYS C 138 28.62 -3.34 -22.46
CA LYS C 138 27.72 -2.25 -22.84
C LYS C 138 26.25 -2.53 -22.51
N MET C 139 25.76 -3.71 -22.85
CA MET C 139 24.36 -4.02 -22.58
C MET C 139 23.96 -4.12 -21.11
N ASN C 140 24.83 -4.68 -20.26
CA ASN C 140 24.46 -4.76 -18.84
C ASN C 140 24.52 -3.40 -18.18
N VAL C 141 25.48 -2.57 -18.60
CA VAL C 141 25.61 -1.22 -18.05
C VAL C 141 24.33 -0.47 -18.37
N PHE C 142 23.82 -0.66 -19.58
CA PHE C 142 22.60 -0.01 -20.01
C PHE C 142 21.43 -0.57 -19.21
N ARG C 143 21.41 -1.89 -19.05
CA ARG C 143 20.37 -2.56 -18.29
C ARG C 143 20.29 -1.95 -16.88
N MET C 144 21.45 -1.79 -16.25
CA MET C 144 21.51 -1.23 -14.90
C MET C 144 20.97 0.22 -14.85
N LYS C 145 21.28 1.00 -15.88
CA LYS C 145 20.81 2.37 -15.92
C LYS C 145 19.29 2.40 -16.13
N LEU C 146 18.78 1.52 -16.98
CA LEU C 146 17.35 1.44 -17.22
C LEU C 146 16.63 1.13 -15.92
N LEU C 147 17.30 0.38 -15.05
CA LEU C 147 16.72 -0.02 -13.78
C LEU C 147 16.88 1.10 -12.77
N GLY C 148 17.45 2.20 -13.21
CA GLY C 148 17.63 3.35 -12.34
C GLY C 148 18.83 3.31 -11.42
N ALA C 149 19.82 2.49 -11.75
CA ALA C 149 21.02 2.38 -10.93
C ALA C 149 22.14 3.23 -11.51
N ASN C 150 23.02 3.73 -10.65
CA ASN C 150 24.13 4.56 -11.08
C ASN C 150 25.40 3.72 -11.22
N VAL C 151 25.90 3.63 -12.44
CA VAL C 151 27.10 2.85 -12.71
C VAL C 151 28.34 3.72 -12.55
N ILE C 152 29.17 3.39 -11.56
CA ILE C 152 30.40 4.13 -11.29
C ILE C 152 31.62 3.45 -11.87
N PRO C 153 32.09 3.91 -13.04
CA PRO C 153 33.28 3.29 -13.62
C PRO C 153 34.45 3.53 -12.69
N VAL C 154 35.38 2.58 -12.64
CA VAL C 154 36.55 2.73 -11.79
C VAL C 154 37.79 2.64 -12.68
N ASN C 155 38.55 3.73 -12.70
CA ASN C 155 39.74 3.81 -13.53
C ASN C 155 41.05 3.65 -12.76
N SER C 156 40.97 3.59 -11.44
CA SER C 156 42.16 3.42 -10.63
C SER C 156 42.70 2.01 -10.81
N GLY C 157 43.89 1.76 -10.30
CA GLY C 157 44.50 0.45 -10.44
C GLY C 157 44.39 -0.06 -11.86
N SER C 158 44.11 -1.35 -12.02
CA SER C 158 44.00 -1.96 -13.33
C SER C 158 42.62 -1.78 -13.99
N ARG C 159 41.78 -0.93 -13.43
CA ARG C 159 40.45 -0.69 -14.00
C ARG C 159 39.61 -1.96 -14.13
N THR C 160 39.77 -2.88 -13.18
CA THR C 160 39.01 -4.12 -13.23
C THR C 160 38.26 -4.36 -11.93
N LEU C 161 37.76 -5.58 -11.76
CA LEU C 161 36.97 -5.96 -10.58
C LEU C 161 37.64 -5.72 -9.22
N LYS C 162 38.91 -6.07 -9.09
CA LYS C 162 39.62 -5.90 -7.82
C LYS C 162 39.65 -4.43 -7.43
N ASP C 163 39.66 -3.57 -8.43
CA ASP C 163 39.68 -2.13 -8.23
C ASP C 163 38.27 -1.70 -7.84
N ALA C 164 37.29 -2.33 -8.46
CA ALA C 164 35.88 -2.04 -8.17
C ALA C 164 35.59 -2.39 -6.72
N ILE C 165 36.11 -3.53 -6.28
CA ILE C 165 35.92 -4.00 -4.91
C ILE C 165 36.54 -3.03 -3.91
N ASN C 166 37.73 -2.50 -4.22
CA ASN C 166 38.35 -1.56 -3.31
C ASN C 166 37.53 -0.30 -3.15
N GLU C 167 36.92 0.17 -4.24
CA GLU C 167 36.12 1.37 -4.16
C GLU C 167 34.83 1.11 -3.41
N ALA C 168 34.32 -0.11 -3.52
CA ALA C 168 33.08 -0.45 -2.84
C ALA C 168 33.28 -0.48 -1.34
N LEU C 169 34.39 -1.07 -0.89
CA LEU C 169 34.67 -1.12 0.54
C LEU C 169 34.84 0.30 1.04
N ARG C 170 35.63 1.08 0.31
CA ARG C 170 35.89 2.48 0.64
C ARG C 170 34.57 3.15 0.97
N ASP C 171 33.69 3.20 -0.03
CA ASP C 171 32.37 3.81 0.10
C ASP C 171 31.63 3.32 1.34
N TRP C 172 31.57 2.01 1.52
CA TRP C 172 30.85 1.44 2.65
C TRP C 172 31.37 1.91 4.00
N VAL C 173 32.68 2.10 4.10
CA VAL C 173 33.29 2.54 5.35
C VAL C 173 32.73 3.90 5.76
N ALA C 174 32.54 4.77 4.78
CA ALA C 174 32.02 6.11 5.02
C ALA C 174 30.50 6.24 5.03
N THR C 175 29.81 5.35 4.32
CA THR C 175 28.36 5.43 4.23
C THR C 175 27.56 4.28 4.82
N PHE C 176 28.21 3.38 5.54
CA PHE C 176 27.48 2.24 6.10
C PHE C 176 26.32 2.63 6.99
N GLU C 177 26.24 3.91 7.36
CA GLU C 177 25.15 4.39 8.22
C GLU C 177 23.81 4.04 7.60
N TYR C 178 23.65 4.50 6.36
CA TYR C 178 22.45 4.33 5.53
C TYR C 178 22.69 3.48 4.29
N THR C 179 23.93 3.05 4.06
CA THR C 179 24.24 2.25 2.87
C THR C 179 24.59 0.79 3.18
N HIS C 180 23.98 -0.11 2.42
CA HIS C 180 24.25 -1.54 2.58
C HIS C 180 25.15 -2.02 1.45
N TYR C 181 26.20 -2.76 1.79
CA TYR C 181 27.12 -3.31 0.81
C TYR C 181 26.61 -4.71 0.45
N LEU C 182 26.00 -4.83 -0.72
CA LEU C 182 25.41 -6.09 -1.21
C LEU C 182 26.41 -6.94 -2.01
N ILE C 183 27.04 -7.92 -1.35
CA ILE C 183 27.99 -8.79 -2.03
C ILE C 183 27.24 -9.82 -2.87
N GLY C 184 27.73 -10.09 -4.08
CA GLY C 184 27.02 -10.99 -4.99
C GLY C 184 27.24 -12.49 -4.99
N SER C 185 28.20 -12.99 -4.21
CA SER C 185 28.49 -14.41 -4.17
C SER C 185 28.87 -14.82 -2.75
N VAL C 186 29.07 -16.11 -2.51
CA VAL C 186 29.44 -16.58 -1.17
C VAL C 186 30.89 -16.23 -0.86
N VAL C 187 31.23 -14.97 -1.04
CA VAL C 187 32.59 -14.52 -0.79
C VAL C 187 32.58 -13.32 0.14
N GLY C 188 33.76 -12.74 0.35
CA GLY C 188 33.87 -11.58 1.21
C GLY C 188 34.08 -11.91 2.68
N PRO C 189 34.13 -10.89 3.53
CA PRO C 189 34.32 -11.10 4.97
C PRO C 189 33.02 -11.54 5.62
N HIS C 190 33.14 -12.29 6.71
CA HIS C 190 31.97 -12.75 7.45
C HIS C 190 31.15 -11.50 7.79
N PRO C 191 29.81 -11.62 7.82
CA PRO C 191 28.94 -12.78 7.61
C PRO C 191 28.49 -13.10 6.17
N TYR C 192 28.98 -12.34 5.20
CA TYR C 192 28.60 -12.52 3.81
C TYR C 192 28.58 -13.95 3.25
N PRO C 193 29.70 -14.69 3.34
CA PRO C 193 29.65 -16.05 2.80
C PRO C 193 28.48 -16.86 3.37
N THR C 194 28.09 -16.59 4.60
CA THR C 194 26.99 -17.31 5.24
C THR C 194 25.62 -16.79 4.81
N ILE C 195 25.49 -15.47 4.71
CA ILE C 195 24.25 -14.84 4.30
C ILE C 195 23.90 -15.19 2.86
N VAL C 196 24.86 -15.03 1.95
CA VAL C 196 24.58 -15.34 0.56
C VAL C 196 24.11 -16.78 0.39
N ARG C 197 24.83 -17.72 1.00
CA ARG C 197 24.47 -19.13 0.91
C ARG C 197 23.08 -19.40 1.47
N ASP C 198 22.71 -18.72 2.55
CA ASP C 198 21.39 -18.92 3.13
C ASP C 198 20.32 -18.47 2.15
N PHE C 199 20.54 -17.32 1.51
CA PHE C 199 19.59 -16.80 0.53
C PHE C 199 19.55 -17.64 -0.75
N GLN C 200 20.59 -18.45 -0.97
CA GLN C 200 20.58 -19.28 -2.16
C GLN C 200 20.13 -20.71 -1.90
N SER C 201 20.17 -21.15 -0.65
CA SER C 201 19.78 -22.52 -0.32
C SER C 201 18.34 -22.89 -0.72
N VAL C 202 17.49 -21.89 -0.93
CA VAL C 202 16.13 -22.16 -1.36
C VAL C 202 16.15 -22.98 -2.65
N ILE C 203 17.22 -22.86 -3.42
CA ILE C 203 17.36 -23.61 -4.67
C ILE C 203 17.43 -25.11 -4.35
N GLY C 204 18.31 -25.46 -3.43
CA GLY C 204 18.46 -26.85 -3.05
C GLY C 204 17.19 -27.43 -2.46
N ARG C 205 16.58 -26.73 -1.52
CA ARG C 205 15.34 -27.20 -0.88
C ARG C 205 14.30 -27.56 -1.92
N GLU C 206 14.02 -26.62 -2.81
CA GLU C 206 13.03 -26.87 -3.85
C GLU C 206 13.45 -28.07 -4.66
N ALA C 207 14.70 -28.10 -5.07
CA ALA C 207 15.19 -29.20 -5.89
C ALA C 207 15.12 -30.55 -5.17
N LYS C 208 15.23 -30.51 -3.85
CA LYS C 208 15.18 -31.73 -3.05
C LYS C 208 13.77 -32.29 -3.08
N ALA C 209 12.81 -31.43 -2.77
CA ALA C 209 11.41 -31.80 -2.75
C ALA C 209 10.93 -32.21 -4.12
N GLN C 210 11.40 -31.51 -5.15
CA GLN C 210 10.99 -31.78 -6.52
C GLN C 210 11.52 -33.07 -7.10
N ILE C 211 12.71 -33.49 -6.67
CA ILE C 211 13.27 -34.71 -7.20
C ILE C 211 12.64 -35.91 -6.49
N LEU C 212 12.23 -35.69 -5.25
CA LEU C 212 11.58 -36.74 -4.47
C LEU C 212 10.20 -37.02 -5.08
N GLU C 213 9.57 -35.96 -5.59
CA GLU C 213 8.25 -36.09 -6.19
C GLU C 213 8.35 -36.72 -7.57
N ALA C 214 9.47 -36.47 -8.25
CA ALA C 214 9.64 -37.02 -9.58
C ALA C 214 10.37 -38.36 -9.63
N GLU C 215 11.11 -38.69 -8.58
CA GLU C 215 11.84 -39.95 -8.54
C GLU C 215 11.76 -40.67 -7.20
N GLY C 216 11.04 -40.09 -6.25
CA GLY C 216 10.88 -40.70 -4.94
C GLY C 216 12.17 -40.94 -4.19
N GLN C 217 13.30 -40.53 -4.77
CA GLN C 217 14.60 -40.71 -4.15
C GLN C 217 15.54 -39.56 -4.48
N LEU C 218 16.51 -39.34 -3.62
CA LEU C 218 17.49 -38.28 -3.83
C LEU C 218 18.29 -38.55 -5.09
N PRO C 219 19.06 -37.56 -5.57
CA PRO C 219 19.87 -37.74 -6.78
C PRO C 219 21.23 -38.38 -6.48
N ASP C 220 21.87 -38.91 -7.52
CA ASP C 220 23.18 -39.52 -7.37
C ASP C 220 24.24 -38.44 -7.38
N VAL C 221 24.14 -37.52 -8.33
CA VAL C 221 25.10 -36.42 -8.44
C VAL C 221 24.42 -35.08 -8.71
N ILE C 222 24.90 -34.05 -8.02
CA ILE C 222 24.40 -32.69 -8.21
C ILE C 222 25.56 -31.92 -8.85
N VAL C 223 25.31 -31.31 -10.00
CA VAL C 223 26.35 -30.57 -10.70
C VAL C 223 26.01 -29.10 -10.89
N ALA C 224 26.94 -28.21 -10.51
CA ALA C 224 26.73 -26.77 -10.65
C ALA C 224 28.02 -26.03 -10.96
N CYS C 225 27.97 -25.03 -11.84
CA CYS C 225 29.19 -24.29 -12.14
C CYS C 225 29.57 -23.51 -10.88
N VAL C 226 30.85 -23.15 -10.81
CA VAL C 226 31.39 -22.43 -9.67
C VAL C 226 32.28 -21.24 -10.04
N GLY C 227 31.77 -20.04 -9.76
CA GLY C 227 32.54 -18.83 -9.98
C GLY C 227 32.93 -18.50 -8.55
N GLY C 228 32.15 -17.63 -7.91
CA GLY C 228 32.39 -17.32 -6.51
C GLY C 228 31.83 -18.53 -5.75
N GLY C 229 30.80 -19.14 -6.32
CA GLY C 229 30.20 -20.33 -5.74
C GLY C 229 28.85 -20.23 -5.07
N SER C 230 28.06 -19.21 -5.41
CA SER C 230 26.76 -19.03 -4.77
C SER C 230 25.64 -19.94 -5.27
N ASN C 231 25.58 -20.20 -6.57
CA ASN C 231 24.50 -21.07 -7.05
C ASN C 231 24.85 -22.53 -6.72
N ALA C 232 26.14 -22.82 -6.57
CA ALA C 232 26.57 -24.16 -6.22
C ALA C 232 26.28 -24.40 -4.75
N MET C 233 26.58 -23.42 -3.91
CA MET C 233 26.33 -23.54 -2.48
C MET C 233 24.84 -23.56 -2.16
N GLY C 234 24.06 -22.85 -2.98
CA GLY C 234 22.63 -22.80 -2.76
C GLY C 234 21.96 -24.15 -3.02
N ILE C 235 22.41 -24.87 -4.03
CA ILE C 235 21.81 -26.15 -4.36
C ILE C 235 22.51 -27.32 -3.66
N PHE C 236 23.74 -27.10 -3.20
CA PHE C 236 24.51 -28.13 -2.50
C PHE C 236 24.05 -28.27 -1.05
N TYR C 237 24.08 -27.15 -0.35
CA TYR C 237 23.75 -27.08 1.06
C TYR C 237 22.68 -28.05 1.57
N PRO C 238 21.47 -27.99 0.99
CA PRO C 238 20.40 -28.90 1.44
C PRO C 238 20.73 -30.39 1.36
N PHE C 239 21.79 -30.74 0.65
CA PHE C 239 22.16 -32.15 0.50
C PHE C 239 23.48 -32.52 1.15
N VAL C 240 24.09 -31.57 1.87
CA VAL C 240 25.37 -31.81 2.50
C VAL C 240 25.38 -33.05 3.42
N ASN C 241 24.34 -33.17 4.23
CA ASN C 241 24.24 -34.31 5.16
C ASN C 241 23.74 -35.60 4.52
N ASP C 242 23.24 -35.52 3.29
CA ASP C 242 22.77 -36.70 2.61
C ASP C 242 23.98 -37.35 1.95
N LYS C 243 24.79 -37.98 2.79
CA LYS C 243 26.02 -38.66 2.40
C LYS C 243 26.06 -39.40 1.07
N LYS C 244 24.91 -39.91 0.62
CA LYS C 244 24.86 -40.64 -0.64
C LYS C 244 24.82 -39.72 -1.86
N VAL C 245 24.54 -38.44 -1.63
CA VAL C 245 24.48 -37.48 -2.73
C VAL C 245 25.86 -36.96 -3.10
N LYS C 246 26.23 -37.16 -4.36
CA LYS C 246 27.51 -36.72 -4.90
C LYS C 246 27.44 -35.24 -5.26
N LEU C 247 28.45 -34.47 -4.83
CA LEU C 247 28.48 -33.04 -5.11
C LEU C 247 29.64 -32.61 -6.01
N VAL C 248 29.32 -32.14 -7.21
CA VAL C 248 30.35 -31.72 -8.16
C VAL C 248 30.28 -30.25 -8.60
N GLY C 249 31.29 -29.47 -8.22
CA GLY C 249 31.37 -28.08 -8.62
C GLY C 249 32.23 -28.00 -9.85
N VAL C 250 31.81 -27.23 -10.85
CA VAL C 250 32.55 -27.09 -12.11
C VAL C 250 33.14 -25.68 -12.33
N GLU C 251 34.46 -25.58 -12.38
CA GLU C 251 35.13 -24.30 -12.60
C GLU C 251 35.46 -24.05 -14.09
N ALA C 252 35.77 -22.80 -14.43
CA ALA C 252 36.10 -22.41 -15.79
C ALA C 252 37.50 -22.88 -16.21
N GLY C 253 37.55 -23.79 -17.18
CA GLY C 253 38.82 -24.30 -17.66
C GLY C 253 39.37 -23.40 -18.74
N GLY C 254 38.53 -22.52 -19.26
CA GLY C 254 38.94 -21.58 -20.30
C GLY C 254 39.60 -22.20 -21.52
N LYS C 255 40.85 -21.79 -21.77
CA LYS C 255 41.65 -22.26 -22.89
C LYS C 255 42.34 -23.59 -22.51
N GLY C 256 42.18 -24.02 -21.27
CA GLY C 256 42.81 -25.24 -20.82
C GLY C 256 43.65 -24.97 -19.58
N LEU C 257 43.50 -25.79 -18.54
CA LEU C 257 44.25 -25.57 -17.32
C LEU C 257 45.73 -25.31 -17.49
N GLU C 258 46.44 -26.18 -18.18
CA GLU C 258 47.87 -26.00 -18.37
C GLU C 258 48.22 -24.69 -19.07
N SER C 259 47.28 -24.08 -19.77
CA SER C 259 47.60 -22.83 -20.45
C SER C 259 47.67 -21.66 -19.48
N GLY C 260 46.99 -21.79 -18.35
CA GLY C 260 46.97 -20.72 -17.37
C GLY C 260 45.85 -19.74 -17.70
N LYS C 261 45.25 -19.91 -18.87
CA LYS C 261 44.15 -19.07 -19.31
C LYS C 261 42.83 -19.71 -18.90
N HIS C 262 42.49 -19.55 -17.62
CA HIS C 262 41.28 -20.11 -17.05
C HIS C 262 40.88 -19.29 -15.82
N SER C 263 39.95 -19.82 -15.04
CA SER C 263 39.47 -19.18 -13.83
C SER C 263 39.14 -20.28 -12.82
N ALA C 264 40.06 -21.24 -12.68
CA ALA C 264 39.88 -22.36 -11.76
C ALA C 264 40.69 -22.17 -10.50
N SER C 265 40.12 -21.44 -9.54
CA SER C 265 40.79 -21.15 -8.28
C SER C 265 41.02 -22.39 -7.44
N LEU C 266 40.02 -23.25 -7.34
CA LEU C 266 40.15 -24.47 -6.57
C LEU C 266 41.16 -25.46 -7.15
N ASN C 267 41.05 -25.73 -8.44
CA ASN C 267 41.95 -26.67 -9.11
C ASN C 267 43.33 -26.14 -9.48
N ALA C 268 43.51 -24.83 -9.51
CA ALA C 268 44.82 -24.28 -9.88
C ALA C 268 45.24 -23.03 -9.12
N GLY C 269 44.49 -22.65 -8.09
CA GLY C 269 44.86 -21.46 -7.33
C GLY C 269 45.66 -21.80 -6.09
N GLN C 270 45.92 -20.79 -5.27
CA GLN C 270 46.68 -20.98 -4.03
C GLN C 270 45.91 -20.32 -2.88
N VAL C 271 46.16 -20.78 -1.66
CA VAL C 271 45.49 -20.18 -0.50
C VAL C 271 45.96 -18.73 -0.44
N GLY C 272 45.05 -17.81 -0.10
CA GLY C 272 45.40 -16.41 -0.01
C GLY C 272 44.38 -15.56 0.74
N VAL C 273 44.61 -14.26 0.80
CA VAL C 273 43.68 -13.34 1.48
C VAL C 273 43.28 -12.22 0.54
N PHE C 274 41.99 -12.13 0.24
CA PHE C 274 41.49 -11.10 -0.67
C PHE C 274 39.99 -10.89 -0.46
N HIS C 275 39.52 -9.67 -0.68
CA HIS C 275 38.10 -9.35 -0.51
C HIS C 275 37.70 -9.68 0.93
N GLY C 276 38.67 -9.57 1.84
CA GLY C 276 38.42 -9.84 3.25
C GLY C 276 38.31 -11.28 3.69
N MET C 277 38.71 -12.23 2.85
CA MET C 277 38.61 -13.64 3.20
C MET C 277 39.88 -14.44 2.88
N LEU C 278 40.05 -15.55 3.59
CA LEU C 278 41.17 -16.45 3.41
C LEU C 278 40.58 -17.63 2.68
N SER C 279 40.93 -17.80 1.41
CA SER C 279 40.39 -18.89 0.60
C SER C 279 41.32 -19.11 -0.60
N TYR C 280 40.85 -19.76 -1.65
CA TYR C 280 41.68 -19.97 -2.82
C TYR C 280 41.49 -18.84 -3.85
N PHE C 281 42.61 -18.34 -4.35
CA PHE C 281 42.60 -17.26 -5.32
C PHE C 281 43.66 -17.49 -6.39
N LEU C 282 43.48 -16.86 -7.53
CA LEU C 282 44.44 -16.96 -8.61
C LEU C 282 45.34 -15.73 -8.46
N GLN C 283 46.59 -15.96 -8.04
CA GLN C 283 47.52 -14.86 -7.84
C GLN C 283 48.84 -15.12 -8.57
N ASP C 284 49.50 -14.05 -9.01
CA ASP C 284 50.78 -14.20 -9.69
C ASP C 284 51.87 -14.45 -8.65
N GLU C 285 53.08 -14.69 -9.11
CA GLU C 285 54.20 -14.97 -8.22
C GLU C 285 54.44 -13.89 -7.18
N GLU C 286 53.72 -12.78 -7.29
CA GLU C 286 53.85 -11.68 -6.34
C GLU C 286 52.62 -11.44 -5.47
N GLY C 287 51.83 -12.49 -5.25
CA GLY C 287 50.65 -12.38 -4.42
C GLY C 287 49.63 -11.37 -4.91
N GLN C 288 49.71 -11.03 -6.18
CA GLN C 288 48.77 -10.07 -6.77
C GLN C 288 47.70 -10.83 -7.54
N ILE C 289 46.45 -10.36 -7.44
CA ILE C 289 45.35 -10.99 -8.15
C ILE C 289 45.67 -11.03 -9.64
N LYS C 290 45.63 -12.26 -10.16
CA LYS C 290 45.93 -12.55 -11.55
C LYS C 290 44.67 -12.46 -12.42
N PRO C 291 44.84 -12.12 -13.71
CA PRO C 291 43.67 -12.01 -14.60
C PRO C 291 43.06 -13.38 -14.88
N THR C 292 41.74 -13.44 -14.97
CA THR C 292 41.10 -14.73 -15.24
C THR C 292 40.52 -14.78 -16.65
N HIS C 293 40.30 -15.97 -17.16
CA HIS C 293 39.76 -16.11 -18.50
C HIS C 293 38.68 -17.16 -18.58
N SER C 294 37.56 -16.77 -19.16
CA SER C 294 36.48 -17.71 -19.38
C SER C 294 35.54 -17.11 -20.38
N ILE C 295 34.98 -17.97 -21.22
CA ILE C 295 34.04 -17.50 -22.21
C ILE C 295 32.76 -17.10 -21.46
N ALA C 296 32.60 -17.64 -20.26
CA ALA C 296 31.44 -17.35 -19.42
C ALA C 296 31.78 -16.15 -18.54
N PRO C 297 31.15 -14.98 -18.80
CA PRO C 297 31.39 -13.74 -18.05
C PRO C 297 31.36 -13.90 -16.54
N GLY C 298 30.30 -14.54 -16.03
CA GLY C 298 30.16 -14.71 -14.59
C GLY C 298 31.14 -15.61 -13.86
N LEU C 299 32.10 -16.23 -14.56
CA LEU C 299 33.08 -17.09 -13.88
C LEU C 299 34.39 -16.32 -13.79
N ASP C 300 34.29 -15.01 -13.84
CA ASP C 300 35.46 -14.12 -13.79
C ASP C 300 36.02 -13.86 -12.41
N TYR C 301 35.27 -14.15 -11.34
CA TYR C 301 35.79 -13.88 -10.00
C TYR C 301 37.12 -14.61 -9.82
N PRO C 302 38.18 -13.88 -9.43
CA PRO C 302 39.52 -14.45 -9.23
C PRO C 302 39.72 -15.42 -8.06
N GLY C 303 38.64 -15.82 -7.43
CA GLY C 303 38.78 -16.74 -6.32
C GLY C 303 37.55 -17.59 -6.14
N VAL C 304 37.33 -18.04 -4.90
CA VAL C 304 36.19 -18.89 -4.57
C VAL C 304 35.80 -18.72 -3.10
N GLY C 305 34.52 -18.92 -2.81
CA GLY C 305 34.04 -18.79 -1.46
C GLY C 305 34.70 -19.78 -0.51
N PRO C 306 34.94 -19.37 0.74
CA PRO C 306 35.58 -20.20 1.76
C PRO C 306 34.89 -21.53 2.02
N GLU C 307 33.57 -21.56 1.98
CA GLU C 307 32.86 -22.81 2.22
C GLU C 307 33.17 -23.88 1.17
N HIS C 308 33.49 -23.47 -0.05
CA HIS C 308 33.85 -24.44 -1.11
C HIS C 308 35.25 -24.98 -0.91
N ALA C 309 36.14 -24.12 -0.41
CA ALA C 309 37.51 -24.52 -0.14
C ALA C 309 37.46 -25.58 0.96
N TYR C 310 36.57 -25.36 1.93
CA TYR C 310 36.38 -26.27 3.04
C TYR C 310 35.80 -27.61 2.57
N LEU C 311 34.74 -27.54 1.77
CA LEU C 311 34.12 -28.76 1.26
C LEU C 311 35.09 -29.56 0.42
N LYS C 312 35.97 -28.87 -0.30
CA LYS C 312 36.97 -29.52 -1.12
C LYS C 312 37.92 -30.28 -0.22
N LYS C 313 38.39 -29.58 0.82
CA LYS C 313 39.32 -30.14 1.79
C LYS C 313 38.81 -31.46 2.37
N ILE C 314 37.71 -31.38 3.12
CA ILE C 314 37.13 -32.57 3.75
C ILE C 314 36.59 -33.54 2.72
N GLN C 315 36.80 -33.23 1.45
CA GLN C 315 36.34 -34.08 0.36
C GLN C 315 34.86 -34.39 0.30
N ARG C 316 34.04 -33.50 0.85
CA ARG C 316 32.60 -33.70 0.80
C ARG C 316 32.13 -33.41 -0.64
N ALA C 317 32.88 -32.57 -1.35
CA ALA C 317 32.55 -32.21 -2.73
C ALA C 317 33.76 -32.28 -3.65
N GLU C 318 33.51 -32.68 -4.89
CA GLU C 318 34.56 -32.77 -5.89
C GLU C 318 34.44 -31.62 -6.89
N TYR C 319 35.57 -31.02 -7.24
CA TYR C 319 35.60 -29.90 -8.17
C TYR C 319 36.43 -30.18 -9.41
N VAL C 320 35.78 -30.03 -10.57
CA VAL C 320 36.42 -30.25 -11.86
C VAL C 320 36.36 -28.97 -12.67
N THR C 321 36.92 -29.00 -13.88
CA THR C 321 36.91 -27.84 -14.77
C THR C 321 36.45 -28.27 -16.15
N VAL C 322 35.90 -27.31 -16.89
CA VAL C 322 35.40 -27.52 -18.24
C VAL C 322 35.89 -26.34 -19.07
N THR C 323 36.34 -26.61 -20.29
CA THR C 323 36.86 -25.56 -21.16
C THR C 323 35.79 -24.72 -21.84
N ASP C 324 36.22 -23.59 -22.41
CA ASP C 324 35.31 -22.71 -23.11
C ASP C 324 34.68 -23.53 -24.24
N GLU C 325 35.53 -24.23 -24.97
CA GLU C 325 35.10 -25.06 -26.09
C GLU C 325 34.01 -26.05 -25.66
N GLU C 326 34.22 -26.72 -24.54
CA GLU C 326 33.24 -27.70 -24.05
C GLU C 326 31.92 -27.03 -23.62
N ALA C 327 32.01 -25.94 -22.87
CA ALA C 327 30.81 -25.24 -22.42
C ALA C 327 30.05 -24.77 -23.65
N LEU C 328 30.78 -24.19 -24.60
CA LEU C 328 30.17 -23.69 -25.81
C LEU C 328 29.44 -24.80 -26.55
N LYS C 329 29.97 -26.02 -26.50
CA LYS C 329 29.33 -27.13 -27.17
C LYS C 329 28.00 -27.45 -26.48
N ALA C 330 28.01 -27.46 -25.14
CA ALA C 330 26.82 -27.75 -24.37
C ALA C 330 25.79 -26.65 -24.63
N PHE C 331 26.27 -25.43 -24.80
CA PHE C 331 25.39 -24.30 -25.06
C PHE C 331 24.52 -24.65 -26.27
N HIS C 332 25.18 -24.98 -27.38
CA HIS C 332 24.50 -25.34 -28.62
C HIS C 332 23.65 -26.59 -28.46
N GLU C 333 24.17 -27.59 -27.75
CA GLU C 333 23.44 -28.83 -27.52
C GLU C 333 22.09 -28.60 -26.84
N LEU C 334 22.13 -28.09 -25.59
CA LEU C 334 20.91 -27.83 -24.83
C LEU C 334 19.88 -27.04 -25.63
N SER C 335 20.37 -26.10 -26.43
CA SER C 335 19.52 -25.25 -27.24
C SER C 335 18.74 -26.01 -28.32
N ARG C 336 19.41 -26.89 -29.05
CA ARG C 336 18.76 -27.65 -30.11
C ARG C 336 17.99 -28.85 -29.59
N THR C 337 18.48 -29.44 -28.51
CA THR C 337 17.89 -30.63 -27.91
C THR C 337 16.67 -30.46 -27.00
N GLU C 338 16.67 -29.42 -26.17
CA GLU C 338 15.57 -29.20 -25.23
C GLU C 338 14.87 -27.87 -25.44
N GLY C 339 15.39 -27.05 -26.34
CA GLY C 339 14.76 -25.77 -26.56
C GLY C 339 15.00 -24.85 -25.38
N ILE C 340 16.16 -25.01 -24.73
CA ILE C 340 16.55 -24.19 -23.57
C ILE C 340 17.93 -23.60 -23.81
N ILE C 341 18.02 -22.29 -23.97
CA ILE C 341 19.30 -21.64 -24.18
C ILE C 341 19.86 -21.28 -22.80
N PRO C 342 20.86 -22.05 -22.33
CA PRO C 342 21.49 -21.84 -21.04
C PRO C 342 22.49 -20.71 -21.03
N ALA C 343 22.84 -20.26 -19.82
CA ALA C 343 23.84 -19.22 -19.67
C ALA C 343 25.16 -19.94 -19.89
N LEU C 344 26.15 -19.24 -20.41
CA LEU C 344 27.46 -19.84 -20.64
C LEU C 344 28.03 -20.40 -19.33
N GLU C 345 27.70 -19.76 -18.21
CA GLU C 345 28.16 -20.22 -16.90
C GLU C 345 27.63 -21.64 -16.67
N SER C 346 26.31 -21.75 -16.78
CA SER C 346 25.59 -23.01 -16.59
C SER C 346 25.98 -24.05 -17.66
N ALA C 347 26.41 -23.58 -18.83
CA ALA C 347 26.81 -24.48 -19.90
C ALA C 347 27.99 -25.34 -19.42
N HIS C 348 28.77 -24.80 -18.48
CA HIS C 348 29.90 -25.55 -17.93
C HIS C 348 29.37 -26.75 -17.15
N ALA C 349 28.37 -26.52 -16.31
CA ALA C 349 27.79 -27.60 -15.52
C ALA C 349 27.12 -28.63 -16.43
N VAL C 350 26.39 -28.13 -17.41
CA VAL C 350 25.70 -28.99 -18.37
C VAL C 350 26.71 -29.86 -19.10
N ALA C 351 27.79 -29.25 -19.59
CA ALA C 351 28.82 -29.97 -20.33
C ALA C 351 29.41 -31.13 -19.53
N TYR C 352 29.66 -30.90 -18.24
CA TYR C 352 30.24 -31.95 -17.40
C TYR C 352 29.23 -33.04 -17.10
N ALA C 353 28.05 -32.65 -16.66
CA ALA C 353 26.99 -33.61 -16.37
C ALA C 353 26.82 -34.53 -17.58
N MET C 354 26.86 -33.98 -18.78
CA MET C 354 26.72 -34.77 -19.99
C MET C 354 27.77 -35.85 -20.04
N LYS C 355 29.02 -35.49 -19.76
CA LYS C 355 30.11 -36.46 -19.76
C LYS C 355 29.83 -37.48 -18.66
N LEU C 356 29.57 -36.98 -17.46
CA LEU C 356 29.31 -37.81 -16.30
C LEU C 356 28.15 -38.78 -16.55
N ALA C 357 27.13 -38.31 -17.23
CA ALA C 357 25.95 -39.13 -17.52
C ALA C 357 26.32 -40.38 -18.31
N LYS C 358 26.99 -40.18 -19.43
CA LYS C 358 27.40 -41.27 -20.30
C LYS C 358 28.11 -42.41 -19.58
N GLU C 359 28.70 -42.12 -18.42
CA GLU C 359 29.39 -43.15 -17.65
C GLU C 359 28.57 -43.55 -16.44
N MET C 360 27.25 -43.54 -16.60
CA MET C 360 26.35 -43.90 -15.52
C MET C 360 25.22 -44.79 -16.03
N SER C 361 24.52 -45.46 -15.11
CA SER C 361 23.42 -46.33 -15.47
C SER C 361 22.16 -45.49 -15.64
N ARG C 362 21.25 -45.94 -16.51
CA ARG C 362 20.02 -45.22 -16.79
C ARG C 362 19.08 -45.01 -15.60
N ASP C 363 19.34 -45.68 -14.50
CA ASP C 363 18.49 -45.54 -13.33
C ASP C 363 19.07 -44.51 -12.37
N GLU C 364 20.22 -43.97 -12.75
CA GLU C 364 20.92 -42.98 -11.96
C GLU C 364 20.48 -41.55 -12.30
N ILE C 365 20.31 -40.74 -11.25
CA ILE C 365 19.87 -39.37 -11.38
C ILE C 365 20.96 -38.31 -11.21
N ILE C 366 20.98 -37.35 -12.13
CA ILE C 366 21.93 -36.25 -12.09
C ILE C 366 21.11 -34.97 -12.11
N ILE C 367 21.35 -34.09 -11.14
CA ILE C 367 20.64 -32.81 -11.12
C ILE C 367 21.62 -31.70 -11.43
N VAL C 368 21.44 -31.04 -12.56
CA VAL C 368 22.31 -29.94 -12.95
C VAL C 368 21.64 -28.63 -12.55
N ASN C 369 22.36 -27.75 -11.86
CA ASN C 369 21.76 -26.47 -11.50
C ASN C 369 21.96 -25.52 -12.69
N LEU C 370 20.89 -25.29 -13.44
CA LEU C 370 20.95 -24.41 -14.60
C LEU C 370 20.85 -22.98 -14.04
N SER C 371 21.97 -22.47 -13.55
CA SER C 371 22.02 -21.15 -12.92
C SER C 371 21.37 -20.00 -13.69
N GLY C 372 21.38 -20.04 -15.02
CA GLY C 372 20.76 -18.96 -15.76
C GLY C 372 20.48 -19.21 -17.23
N ARG C 373 19.77 -18.25 -17.84
CA ARG C 373 19.43 -18.32 -19.27
C ARG C 373 20.49 -17.65 -20.12
N GLY C 374 20.51 -18.00 -21.41
CA GLY C 374 21.52 -17.48 -22.32
C GLY C 374 21.25 -16.27 -23.18
N ASP C 375 20.11 -15.61 -23.00
CA ASP C 375 19.79 -14.43 -23.80
C ASP C 375 20.91 -13.40 -23.73
N LYS C 376 21.47 -13.24 -22.53
CA LYS C 376 22.56 -12.30 -22.26
C LYS C 376 23.86 -12.66 -22.99
N ASP C 377 23.97 -13.90 -23.45
CA ASP C 377 25.20 -14.37 -24.09
C ASP C 377 25.15 -14.49 -25.62
N LEU C 378 24.00 -14.21 -26.20
CA LEU C 378 23.83 -14.32 -27.65
C LEU C 378 24.90 -13.56 -28.45
N ASP C 379 25.23 -12.35 -28.03
CA ASP C 379 26.21 -11.57 -28.74
C ASP C 379 27.60 -12.20 -28.76
N ILE C 380 28.09 -12.63 -27.61
CA ILE C 380 29.40 -13.22 -27.58
C ILE C 380 29.37 -14.51 -28.42
N VAL C 381 28.37 -15.36 -28.21
CA VAL C 381 28.28 -16.59 -28.97
C VAL C 381 28.16 -16.35 -30.47
N LEU C 382 27.50 -15.26 -30.86
CA LEU C 382 27.36 -14.96 -32.27
C LEU C 382 28.74 -14.72 -32.86
N LYS C 383 29.56 -13.93 -32.17
CA LYS C 383 30.92 -13.64 -32.62
C LYS C 383 31.80 -14.88 -32.62
N VAL C 384 31.78 -15.60 -31.51
CA VAL C 384 32.60 -16.80 -31.35
C VAL C 384 32.27 -17.94 -32.31
N SER C 385 30.99 -18.25 -32.46
CA SER C 385 30.58 -19.35 -33.32
C SER C 385 30.23 -18.93 -34.74
N GLY C 386 29.53 -17.81 -34.88
CA GLY C 386 29.16 -17.35 -36.20
C GLY C 386 27.72 -17.70 -36.49
N ASN C 387 27.37 -17.78 -37.77
CA ASN C 387 26.01 -18.09 -38.21
C ASN C 387 25.09 -16.92 -37.88
N MET D 1 -16.84 -20.95 -35.80
CA MET D 1 -16.16 -20.27 -36.94
C MET D 1 -16.50 -18.79 -37.01
N TRP D 2 -17.63 -18.41 -36.40
CA TRP D 2 -18.05 -17.02 -36.43
C TRP D 2 -18.26 -16.35 -35.09
N PHE D 3 -17.69 -15.15 -34.98
CA PHE D 3 -17.82 -14.31 -33.80
C PHE D 3 -18.59 -13.14 -34.41
N GLY D 4 -19.91 -13.30 -34.53
CA GLY D 4 -20.72 -12.27 -35.13
C GLY D 4 -20.46 -12.38 -36.63
N GLU D 5 -20.07 -11.27 -37.26
CA GLU D 5 -19.77 -11.32 -38.69
C GLU D 5 -18.27 -11.28 -38.94
N PHE D 6 -17.49 -11.81 -38.00
CA PHE D 6 -16.04 -11.82 -38.13
C PHE D 6 -15.52 -13.23 -37.97
N GLY D 7 -14.60 -13.62 -38.86
CA GLY D 7 -14.02 -14.95 -38.81
C GLY D 7 -14.06 -15.63 -40.15
N GLY D 8 -14.54 -16.87 -40.18
CA GLY D 8 -14.64 -17.61 -41.42
C GLY D 8 -13.45 -18.48 -41.81
N GLN D 9 -13.47 -18.93 -43.06
CA GLN D 9 -12.43 -19.77 -43.64
C GLN D 9 -12.19 -19.41 -45.08
N TYR D 10 -11.83 -18.16 -45.33
CA TYR D 10 -11.59 -17.69 -46.69
C TYR D 10 -10.27 -18.27 -47.22
N VAL D 11 -10.31 -19.55 -47.62
CA VAL D 11 -9.15 -20.25 -48.14
C VAL D 11 -9.43 -21.06 -49.40
N PRO D 12 -8.40 -21.34 -50.20
CA PRO D 12 -8.55 -22.11 -51.43
C PRO D 12 -9.11 -23.50 -51.15
N GLU D 13 -9.51 -24.19 -52.21
CA GLU D 13 -10.07 -25.53 -52.09
C GLU D 13 -9.03 -26.43 -51.46
N THR D 14 -7.79 -26.29 -51.91
CA THR D 14 -6.65 -27.07 -51.44
C THR D 14 -6.45 -27.10 -49.93
N LEU D 15 -6.82 -26.01 -49.27
CA LEU D 15 -6.66 -25.91 -47.81
C LEU D 15 -7.82 -26.42 -46.98
N ILE D 16 -8.94 -26.71 -47.64
CA ILE D 16 -10.12 -27.18 -46.92
C ILE D 16 -9.89 -28.53 -46.25
N GLU D 17 -9.18 -29.43 -46.95
CA GLU D 17 -8.93 -30.74 -46.38
C GLU D 17 -8.11 -30.66 -45.10
N PRO D 18 -6.92 -30.06 -45.17
CA PRO D 18 -6.11 -29.96 -43.94
C PRO D 18 -6.84 -29.29 -42.78
N LEU D 19 -7.47 -28.15 -43.05
CA LEU D 19 -8.20 -27.42 -42.02
C LEU D 19 -9.28 -28.25 -41.33
N LYS D 20 -9.89 -29.19 -42.04
CA LYS D 20 -10.93 -30.02 -41.45
C LYS D 20 -10.28 -31.11 -40.61
N GLU D 21 -9.13 -31.60 -41.07
CA GLU D 21 -8.40 -32.62 -40.35
C GLU D 21 -7.96 -32.02 -39.03
N LEU D 22 -7.45 -30.79 -39.11
CA LEU D 22 -6.99 -30.05 -37.93
C LEU D 22 -8.11 -29.80 -36.93
N GLU D 23 -9.24 -29.32 -37.43
CA GLU D 23 -10.37 -29.05 -36.56
C GLU D 23 -10.91 -30.33 -35.93
N LYS D 24 -10.79 -31.44 -36.66
CA LYS D 24 -11.25 -32.73 -36.15
C LYS D 24 -10.32 -33.17 -35.03
N ALA D 25 -9.01 -33.14 -35.32
CA ALA D 25 -8.00 -33.53 -34.33
C ALA D 25 -8.15 -32.73 -33.05
N TYR D 26 -8.32 -31.42 -33.19
CA TYR D 26 -8.46 -30.55 -32.03
C TYR D 26 -9.69 -30.89 -31.20
N LYS D 27 -10.77 -31.27 -31.87
CA LYS D 27 -12.04 -31.63 -31.21
C LYS D 27 -11.86 -32.78 -30.23
N ARG D 28 -11.44 -33.93 -30.75
CA ARG D 28 -11.19 -35.11 -29.93
C ARG D 28 -10.20 -34.82 -28.81
N PHE D 29 -8.99 -34.41 -29.20
CA PHE D 29 -7.89 -34.11 -28.28
C PHE D 29 -8.15 -32.97 -27.31
N LYS D 30 -8.89 -31.95 -27.76
CA LYS D 30 -9.20 -30.79 -26.94
C LYS D 30 -9.32 -31.10 -25.45
N ASP D 31 -10.03 -32.18 -25.11
CA ASP D 31 -10.19 -32.54 -23.71
C ASP D 31 -9.78 -33.97 -23.39
N ASP D 32 -8.99 -34.57 -24.27
CA ASP D 32 -8.50 -35.93 -24.05
C ASP D 32 -7.65 -35.92 -22.79
N GLU D 33 -7.75 -36.97 -22.00
CA GLU D 33 -6.99 -37.06 -20.76
C GLU D 33 -5.48 -36.81 -20.97
N GLU D 34 -4.77 -37.80 -21.50
CA GLU D 34 -3.33 -37.70 -21.77
C GLU D 34 -2.86 -36.37 -22.38
N PHE D 35 -3.37 -36.04 -23.57
CA PHE D 35 -2.98 -34.80 -24.24
C PHE D 35 -2.89 -33.67 -23.23
N ASN D 36 -3.92 -33.51 -22.42
CA ASN D 36 -3.90 -32.44 -21.43
C ASN D 36 -2.91 -32.74 -20.32
N ARG D 37 -2.73 -34.02 -19.99
CA ARG D 37 -1.78 -34.38 -18.94
C ARG D 37 -0.39 -33.98 -19.43
N GLN D 38 -0.12 -34.29 -20.69
CA GLN D 38 1.16 -33.96 -21.30
C GLN D 38 1.34 -32.45 -21.43
N LEU D 39 0.31 -31.78 -21.96
CA LEU D 39 0.37 -30.33 -22.14
C LEU D 39 0.67 -29.60 -20.83
N ASN D 40 -0.02 -30.01 -19.76
CA ASN D 40 0.17 -29.40 -18.44
C ASN D 40 1.51 -29.75 -17.81
N TYR D 41 2.09 -30.86 -18.25
CA TYR D 41 3.38 -31.30 -17.75
C TYR D 41 4.48 -30.41 -18.32
N TYR D 42 4.42 -30.17 -19.63
CA TYR D 42 5.41 -29.33 -20.29
C TYR D 42 5.23 -27.89 -19.85
N LEU D 43 3.97 -27.45 -19.80
CA LEU D 43 3.64 -26.10 -19.39
C LEU D 43 4.20 -25.82 -18.00
N LYS D 44 4.28 -26.87 -17.19
CA LYS D 44 4.76 -26.74 -15.83
C LYS D 44 6.28 -26.86 -15.66
N THR D 45 6.82 -28.04 -15.97
CA THR D 45 8.26 -28.28 -15.81
C THR D 45 9.15 -27.62 -16.85
N TRP D 46 8.60 -27.23 -17.99
CA TRP D 46 9.40 -26.62 -19.05
C TRP D 46 9.16 -25.12 -19.19
N ALA D 47 7.89 -24.72 -19.27
CA ALA D 47 7.56 -23.31 -19.43
C ALA D 47 7.52 -22.59 -18.09
N GLY D 48 7.40 -23.35 -17.01
CA GLY D 48 7.36 -22.75 -15.69
C GLY D 48 6.02 -22.19 -15.26
N ARG D 49 4.94 -22.65 -15.88
CA ARG D 49 3.61 -22.19 -15.48
C ARG D 49 3.39 -22.77 -14.09
N PRO D 50 2.60 -22.07 -13.25
CA PRO D 50 1.94 -20.80 -13.57
C PRO D 50 2.82 -19.60 -13.26
N THR D 51 2.53 -18.49 -13.93
CA THR D 51 3.25 -17.25 -13.71
C THR D 51 2.53 -16.51 -12.59
N PRO D 52 3.27 -15.72 -11.81
CA PRO D 52 2.64 -14.99 -10.70
C PRO D 52 1.91 -13.73 -11.12
N LEU D 53 1.05 -13.26 -10.22
CA LEU D 53 0.31 -12.02 -10.40
C LEU D 53 1.00 -11.09 -9.41
N TYR D 54 1.72 -10.11 -9.94
CA TYR D 54 2.46 -9.19 -9.11
C TYR D 54 1.78 -7.85 -8.91
N TYR D 55 1.74 -7.41 -7.66
CA TYR D 55 1.14 -6.13 -7.32
C TYR D 55 2.24 -5.07 -7.35
N ALA D 56 2.15 -4.16 -8.33
CA ALA D 56 3.15 -3.10 -8.47
C ALA D 56 2.83 -1.99 -7.48
N LYS D 57 3.11 -2.22 -6.22
CA LYS D 57 2.83 -1.24 -5.17
C LYS D 57 3.44 0.12 -5.46
N ARG D 58 4.75 0.17 -5.68
CA ARG D 58 5.44 1.44 -5.96
C ARG D 58 4.82 2.24 -7.10
N LEU D 59 4.49 1.56 -8.18
CA LEU D 59 3.91 2.23 -9.33
C LEU D 59 2.53 2.79 -9.01
N THR D 60 1.69 1.98 -8.37
CA THR D 60 0.35 2.42 -8.02
C THR D 60 0.41 3.67 -7.17
N GLU D 61 1.19 3.60 -6.10
CA GLU D 61 1.33 4.72 -5.18
C GLU D 61 1.88 5.96 -5.86
N LYS D 62 2.82 5.77 -6.78
CA LYS D 62 3.40 6.91 -7.50
C LYS D 62 2.32 7.61 -8.33
N ILE D 63 1.23 6.89 -8.61
CA ILE D 63 0.14 7.46 -9.39
C ILE D 63 -1.05 7.82 -8.49
N GLY D 64 -1.12 7.20 -7.32
CA GLY D 64 -2.21 7.48 -6.40
C GLY D 64 -3.58 7.25 -7.02
N GLY D 65 -3.75 6.09 -7.64
CA GLY D 65 -5.01 5.76 -8.27
C GLY D 65 -5.39 4.33 -7.94
N ALA D 66 -5.92 3.61 -8.91
CA ALA D 66 -6.31 2.22 -8.69
C ALA D 66 -5.08 1.36 -8.42
N LYS D 67 -5.32 0.12 -8.00
CA LYS D 67 -4.22 -0.82 -7.75
C LYS D 67 -3.84 -1.40 -9.11
N ILE D 68 -2.55 -1.41 -9.41
CA ILE D 68 -2.08 -1.96 -10.69
C ILE D 68 -1.39 -3.30 -10.51
N TYR D 69 -2.05 -4.36 -10.97
CA TYR D 69 -1.50 -5.70 -10.87
C TYR D 69 -0.95 -6.15 -12.21
N LEU D 70 0.21 -6.81 -12.20
CA LEU D 70 0.83 -7.27 -13.42
C LEU D 70 0.78 -8.79 -13.50
N LYS D 71 0.10 -9.33 -14.50
CA LYS D 71 0.09 -10.77 -14.67
C LYS D 71 1.43 -11.01 -15.39
N ARG D 72 2.38 -11.58 -14.65
CA ARG D 72 3.74 -11.82 -15.11
C ARG D 72 4.02 -12.87 -16.20
N GLU D 73 3.54 -12.63 -17.42
CA GLU D 73 3.79 -13.57 -18.52
C GLU D 73 5.23 -13.42 -19.00
N ASP D 74 5.89 -12.38 -18.52
CA ASP D 74 7.28 -12.12 -18.88
C ASP D 74 8.18 -13.17 -18.24
N LEU D 75 7.61 -13.96 -17.32
CA LEU D 75 8.40 -14.97 -16.63
C LEU D 75 8.30 -16.37 -17.21
N VAL D 76 7.40 -16.56 -18.16
CA VAL D 76 7.29 -17.88 -18.77
C VAL D 76 8.53 -18.15 -19.65
N HIS D 77 8.95 -19.41 -19.70
CA HIS D 77 10.11 -19.83 -20.49
C HIS D 77 10.06 -19.23 -21.90
N GLY D 78 11.08 -18.44 -22.25
CA GLY D 78 11.12 -17.81 -23.55
C GLY D 78 10.95 -16.30 -23.40
N GLY D 79 10.29 -15.89 -22.33
CA GLY D 79 10.08 -14.48 -22.08
C GLY D 79 8.78 -13.88 -22.59
N ALA D 80 7.95 -14.69 -23.26
CA ALA D 80 6.69 -14.19 -23.78
C ALA D 80 5.56 -15.21 -23.70
N HIS D 81 4.32 -14.72 -23.76
CA HIS D 81 3.14 -15.58 -23.69
C HIS D 81 3.05 -16.52 -24.89
N LYS D 82 3.61 -16.09 -26.03
CA LYS D 82 3.57 -16.91 -27.24
C LYS D 82 3.92 -18.37 -26.98
N THR D 83 4.76 -18.61 -25.97
CA THR D 83 5.16 -19.98 -25.63
C THR D 83 4.00 -20.90 -25.30
N ASN D 84 2.96 -20.36 -24.67
CA ASN D 84 1.78 -21.15 -24.31
C ASN D 84 1.19 -21.77 -25.57
N ASN D 85 0.79 -20.89 -26.48
CA ASN D 85 0.20 -21.30 -27.74
C ASN D 85 1.13 -22.22 -28.55
N ALA D 86 2.43 -21.98 -28.48
CA ALA D 86 3.41 -22.77 -29.23
C ALA D 86 3.51 -24.21 -28.75
N ILE D 87 3.50 -24.41 -27.44
CA ILE D 87 3.59 -25.75 -26.89
C ILE D 87 2.31 -26.48 -27.29
N GLY D 88 1.18 -25.80 -27.13
CA GLY D 88 -0.11 -26.38 -27.45
C GLY D 88 -0.24 -26.98 -28.84
N GLN D 89 -0.12 -26.14 -29.86
CA GLN D 89 -0.23 -26.61 -31.24
C GLN D 89 0.87 -27.60 -31.61
N ALA D 90 2.05 -27.41 -31.03
CA ALA D 90 3.17 -28.31 -31.32
C ALA D 90 2.86 -29.70 -30.78
N LEU D 91 2.32 -29.72 -29.56
CA LEU D 91 1.96 -30.97 -28.91
C LEU D 91 0.79 -31.61 -29.65
N LEU D 92 -0.13 -30.78 -30.15
CA LEU D 92 -1.27 -31.28 -30.90
C LEU D 92 -0.78 -31.91 -32.19
N ALA D 93 0.13 -31.22 -32.88
CA ALA D 93 0.70 -31.72 -34.12
C ALA D 93 1.38 -33.06 -33.88
N LYS D 94 1.98 -33.21 -32.70
CA LYS D 94 2.64 -34.45 -32.33
C LYS D 94 1.56 -35.53 -32.24
N PHE D 95 0.48 -35.22 -31.53
CA PHE D 95 -0.63 -36.16 -31.37
C PHE D 95 -1.28 -36.48 -32.71
N MET D 96 -1.12 -35.58 -33.68
CA MET D 96 -1.67 -35.79 -35.01
C MET D 96 -0.68 -36.60 -35.86
N GLY D 97 0.43 -37.02 -35.24
CA GLY D 97 1.44 -37.80 -35.95
C GLY D 97 2.33 -36.96 -36.85
N LYS D 98 2.21 -35.64 -36.72
CA LYS D 98 3.01 -34.73 -37.52
C LYS D 98 4.46 -34.75 -37.04
N THR D 99 5.40 -34.46 -37.95
CA THR D 99 6.81 -34.46 -37.59
C THR D 99 7.52 -33.17 -38.00
N ARG D 100 6.77 -32.23 -38.56
CA ARG D 100 7.35 -30.97 -39.02
C ARG D 100 6.46 -29.78 -38.73
N LEU D 101 7.07 -28.70 -38.23
CA LEU D 101 6.33 -27.49 -37.92
C LEU D 101 6.77 -26.38 -38.87
N ILE D 102 5.82 -25.60 -39.33
CA ILE D 102 6.15 -24.47 -40.20
C ILE D 102 5.41 -23.28 -39.62
N ALA D 103 5.88 -22.09 -39.91
CA ALA D 103 5.23 -20.89 -39.42
C ALA D 103 5.83 -19.68 -40.08
N GLU D 104 5.13 -18.57 -39.99
CA GLU D 104 5.61 -17.32 -40.55
C GLU D 104 5.91 -16.47 -39.33
N THR D 105 6.68 -15.41 -39.52
CA THR D 105 6.99 -14.52 -38.42
C THR D 105 7.45 -13.16 -38.89
N GLY D 106 6.90 -12.11 -38.29
CA GLY D 106 7.27 -10.76 -38.67
C GLY D 106 8.51 -10.33 -37.94
N ALA D 107 8.37 -10.12 -36.63
CA ALA D 107 9.49 -9.69 -35.80
C ALA D 107 10.46 -10.87 -35.57
N GLY D 108 9.94 -12.09 -35.71
CA GLY D 108 10.76 -13.27 -35.50
C GLY D 108 10.47 -13.87 -34.13
N GLN D 109 9.68 -13.15 -33.35
CA GLN D 109 9.30 -13.59 -32.02
C GLN D 109 8.46 -14.86 -32.03
N HIS D 110 7.48 -14.96 -32.92
CA HIS D 110 6.69 -16.18 -32.96
C HIS D 110 7.58 -17.31 -33.47
N GLY D 111 8.44 -16.99 -34.42
CA GLY D 111 9.34 -17.97 -34.99
C GLY D 111 10.16 -18.64 -33.91
N VAL D 112 10.67 -17.83 -32.98
CA VAL D 112 11.47 -18.35 -31.88
C VAL D 112 10.61 -19.25 -31.00
N ALA D 113 9.40 -18.77 -30.68
CA ALA D 113 8.48 -19.54 -29.86
C ALA D 113 8.23 -20.91 -30.48
N THR D 114 8.05 -20.92 -31.80
CA THR D 114 7.82 -22.16 -32.53
C THR D 114 9.08 -23.02 -32.46
N ALA D 115 10.23 -22.42 -32.78
CA ALA D 115 11.50 -23.15 -32.74
C ALA D 115 11.73 -23.82 -31.38
N MET D 116 11.40 -23.11 -30.31
CA MET D 116 11.55 -23.65 -28.95
C MET D 116 10.72 -24.91 -28.74
N ALA D 117 9.45 -24.82 -29.12
CA ALA D 117 8.49 -25.93 -29.00
C ALA D 117 8.96 -27.09 -29.89
N GLY D 118 9.21 -26.77 -31.15
CA GLY D 118 9.68 -27.80 -32.07
C GLY D 118 10.84 -28.55 -31.44
N ALA D 119 11.87 -27.82 -31.01
CA ALA D 119 13.06 -28.38 -30.40
C ALA D 119 12.71 -29.26 -29.21
N LEU D 120 11.79 -28.77 -28.38
CA LEU D 120 11.34 -29.50 -27.20
C LEU D 120 10.75 -30.87 -27.54
N LEU D 121 9.89 -30.90 -28.55
CA LEU D 121 9.23 -32.13 -28.98
C LEU D 121 9.86 -32.87 -30.16
N GLY D 122 11.13 -32.61 -30.43
CA GLY D 122 11.81 -33.29 -31.52
C GLY D 122 11.18 -33.20 -32.90
N MET D 123 10.70 -32.03 -33.27
CA MET D 123 10.08 -31.84 -34.58
C MET D 123 10.90 -30.90 -35.46
N LYS D 124 10.89 -31.15 -36.76
CA LYS D 124 11.62 -30.32 -37.70
C LYS D 124 10.89 -28.97 -37.73
N VAL D 125 11.63 -27.88 -37.87
CA VAL D 125 11.00 -26.55 -37.89
C VAL D 125 11.50 -25.63 -39.00
N ASP D 126 10.58 -25.19 -39.85
CA ASP D 126 10.91 -24.27 -40.94
C ASP D 126 10.13 -22.99 -40.72
N ILE D 127 10.82 -21.86 -40.71
CA ILE D 127 10.19 -20.57 -40.47
C ILE D 127 10.30 -19.64 -41.66
N TYR D 128 9.16 -19.24 -42.22
CA TYR D 128 9.19 -18.34 -43.34
C TYR D 128 9.24 -16.93 -42.81
N MET D 129 10.09 -16.11 -43.42
CA MET D 129 10.23 -14.74 -42.96
C MET D 129 10.58 -13.80 -44.11
N GLY D 130 9.84 -12.70 -44.19
CA GLY D 130 10.11 -11.75 -45.24
C GLY D 130 11.55 -11.30 -45.16
N ALA D 131 12.25 -11.38 -46.28
CA ALA D 131 13.65 -10.99 -46.32
C ALA D 131 13.83 -9.62 -45.69
N GLU D 132 12.80 -8.78 -45.80
CA GLU D 132 12.90 -7.45 -45.21
C GLU D 132 13.09 -7.58 -43.72
N ASP D 133 12.27 -8.43 -43.11
CA ASP D 133 12.31 -8.67 -41.67
C ASP D 133 13.58 -9.40 -41.26
N VAL D 134 13.96 -10.42 -42.03
CA VAL D 134 15.16 -11.19 -41.72
C VAL D 134 16.39 -10.30 -41.55
N GLU D 135 16.52 -9.28 -42.40
CA GLU D 135 17.64 -8.36 -42.34
C GLU D 135 17.48 -7.32 -41.23
N ARG D 136 16.32 -7.30 -40.61
CA ARG D 136 16.01 -6.38 -39.53
C ARG D 136 16.15 -7.05 -38.17
N GLN D 137 15.88 -8.36 -38.14
CA GLN D 137 15.93 -9.16 -36.92
C GLN D 137 17.06 -10.18 -36.92
N LYS D 138 18.30 -9.72 -36.90
CA LYS D 138 19.46 -10.59 -36.91
C LYS D 138 19.49 -11.53 -35.70
N MET D 139 19.18 -11.00 -34.53
CA MET D 139 19.20 -11.81 -33.31
C MET D 139 18.13 -12.89 -33.23
N ASN D 140 16.89 -12.57 -33.60
CA ASN D 140 15.85 -13.59 -33.55
C ASN D 140 16.15 -14.69 -34.57
N VAL D 141 16.69 -14.30 -35.73
CA VAL D 141 17.03 -15.29 -36.75
C VAL D 141 18.09 -16.20 -36.15
N PHE D 142 19.10 -15.59 -35.52
CA PHE D 142 20.17 -16.32 -34.88
C PHE D 142 19.62 -17.24 -33.78
N ARG D 143 18.67 -16.70 -33.02
CA ARG D 143 18.04 -17.41 -31.93
C ARG D 143 17.33 -18.67 -32.44
N MET D 144 16.53 -18.50 -33.49
CA MET D 144 15.80 -19.62 -34.10
C MET D 144 16.79 -20.68 -34.56
N LYS D 145 17.90 -20.24 -35.16
CA LYS D 145 18.92 -21.16 -35.66
C LYS D 145 19.62 -21.93 -34.55
N LEU D 146 19.80 -21.29 -33.39
CA LEU D 146 20.44 -21.94 -32.25
C LEU D 146 19.53 -23.05 -31.74
N LEU D 147 18.23 -22.80 -31.79
CA LEU D 147 17.22 -23.75 -31.33
C LEU D 147 17.05 -24.90 -32.31
N GLY D 148 17.67 -24.78 -33.49
CA GLY D 148 17.59 -25.85 -34.47
C GLY D 148 16.55 -25.70 -35.57
N ALA D 149 15.96 -24.53 -35.70
CA ALA D 149 14.98 -24.32 -36.74
C ALA D 149 15.65 -23.78 -37.99
N ASN D 150 14.99 -23.88 -39.12
CA ASN D 150 15.53 -23.39 -40.39
C ASN D 150 14.78 -22.12 -40.78
N VAL D 151 15.53 -21.04 -41.05
CA VAL D 151 14.91 -19.79 -41.44
C VAL D 151 14.92 -19.62 -42.95
N ILE D 152 13.73 -19.63 -43.54
CA ILE D 152 13.59 -19.49 -44.98
C ILE D 152 13.18 -18.08 -45.39
N PRO D 153 14.14 -17.30 -45.91
CA PRO D 153 13.85 -15.93 -46.34
C PRO D 153 12.86 -15.93 -47.50
N VAL D 154 12.08 -14.86 -47.60
CA VAL D 154 11.10 -14.74 -48.67
C VAL D 154 11.32 -13.43 -49.40
N ASN D 155 11.81 -13.53 -50.64
CA ASN D 155 12.10 -12.36 -51.46
C ASN D 155 10.99 -11.99 -52.43
N SER D 156 9.98 -12.86 -52.55
CA SER D 156 8.87 -12.59 -53.44
C SER D 156 8.02 -11.47 -52.84
N GLY D 157 7.22 -10.81 -53.67
CA GLY D 157 6.39 -9.73 -53.18
C GLY D 157 7.18 -8.58 -52.60
N SER D 158 6.70 -8.03 -51.48
CA SER D 158 7.37 -6.92 -50.82
C SER D 158 8.40 -7.41 -49.81
N ARG D 159 8.65 -8.71 -49.80
CA ARG D 159 9.62 -9.32 -48.89
C ARG D 159 9.27 -9.05 -47.43
N THR D 160 7.97 -9.06 -47.11
CA THR D 160 7.51 -8.81 -45.75
C THR D 160 6.65 -9.96 -45.21
N LEU D 161 5.93 -9.70 -44.12
CA LEU D 161 5.08 -10.70 -43.48
C LEU D 161 4.00 -11.34 -44.35
N LYS D 162 3.26 -10.49 -45.06
CA LYS D 162 2.18 -10.99 -45.93
C LYS D 162 2.76 -11.99 -46.92
N ASP D 163 3.98 -11.73 -47.36
CA ASP D 163 4.66 -12.61 -48.30
C ASP D 163 5.04 -13.91 -47.61
N ALA D 164 5.44 -13.81 -46.35
CA ALA D 164 5.82 -15.00 -45.58
C ALA D 164 4.60 -15.87 -45.40
N ILE D 165 3.49 -15.23 -45.06
CA ILE D 165 2.22 -15.94 -44.85
C ILE D 165 1.83 -16.74 -46.09
N ASN D 166 1.92 -16.12 -47.26
CA ASN D 166 1.59 -16.79 -48.51
C ASN D 166 2.47 -18.02 -48.69
N GLU D 167 3.77 -17.83 -48.50
CA GLU D 167 4.71 -18.94 -48.65
C GLU D 167 4.41 -20.05 -47.66
N ALA D 168 4.05 -19.67 -46.44
CA ALA D 168 3.74 -20.65 -45.41
C ALA D 168 2.53 -21.46 -45.88
N LEU D 169 1.48 -20.78 -46.34
CA LEU D 169 0.30 -21.48 -46.82
C LEU D 169 0.67 -22.43 -47.94
N ARG D 170 1.44 -21.91 -48.89
CA ARG D 170 1.88 -22.71 -50.04
C ARG D 170 2.44 -24.04 -49.54
N ASP D 171 3.44 -23.94 -48.67
CA ASP D 171 4.10 -25.12 -48.11
C ASP D 171 3.12 -26.10 -47.47
N TRP D 172 2.21 -25.58 -46.64
CA TRP D 172 1.25 -26.43 -45.95
C TRP D 172 0.37 -27.21 -46.91
N VAL D 173 -0.16 -26.53 -47.92
CA VAL D 173 -1.02 -27.17 -48.90
C VAL D 173 -0.43 -28.48 -49.40
N ALA D 174 0.87 -28.47 -49.67
CA ALA D 174 1.57 -29.64 -50.17
C ALA D 174 2.16 -30.59 -49.14
N THR D 175 2.46 -30.08 -47.95
CA THR D 175 3.07 -30.90 -46.91
C THR D 175 2.21 -31.19 -45.69
N PHE D 176 1.01 -30.63 -45.65
CA PHE D 176 0.12 -30.80 -44.51
C PHE D 176 0.00 -32.24 -44.00
N GLU D 177 0.37 -33.20 -44.84
CA GLU D 177 0.31 -34.61 -44.47
C GLU D 177 1.09 -34.86 -43.18
N TYR D 178 2.33 -34.38 -43.15
CA TYR D 178 3.22 -34.56 -42.02
C TYR D 178 3.68 -33.21 -41.44
N THR D 179 3.20 -32.11 -42.00
CA THR D 179 3.57 -30.78 -41.56
C THR D 179 2.41 -29.98 -40.92
N HIS D 180 2.68 -29.34 -39.79
CA HIS D 180 1.67 -28.53 -39.11
C HIS D 180 1.96 -27.05 -39.23
N TYR D 181 0.93 -26.30 -39.59
CA TYR D 181 1.03 -24.87 -39.75
C TYR D 181 0.69 -24.17 -38.43
N LEU D 182 1.72 -23.89 -37.64
CA LEU D 182 1.59 -23.24 -36.33
C LEU D 182 1.33 -21.73 -36.43
N ILE D 183 0.08 -21.30 -36.27
CA ILE D 183 -0.24 -19.87 -36.34
C ILE D 183 0.02 -19.21 -34.98
N GLY D 184 0.65 -18.03 -35.02
CA GLY D 184 1.03 -17.34 -33.79
C GLY D 184 0.08 -16.46 -32.98
N SER D 185 -1.08 -16.10 -33.52
CA SER D 185 -2.02 -15.24 -32.79
C SER D 185 -3.45 -15.74 -33.05
N VAL D 186 -4.44 -15.08 -32.45
CA VAL D 186 -5.83 -15.47 -32.64
C VAL D 186 -6.35 -15.01 -34.02
N VAL D 187 -5.61 -15.35 -35.07
CA VAL D 187 -5.96 -14.98 -36.43
C VAL D 187 -5.93 -16.17 -37.37
N GLY D 188 -6.12 -15.89 -38.65
CA GLY D 188 -6.11 -16.93 -39.66
C GLY D 188 -7.49 -17.55 -39.84
N PRO D 189 -7.60 -18.57 -40.70
CA PRO D 189 -8.89 -19.24 -40.93
C PRO D 189 -9.24 -20.18 -39.79
N HIS D 190 -10.53 -20.42 -39.60
CA HIS D 190 -11.00 -21.34 -38.57
C HIS D 190 -10.29 -22.67 -38.79
N PRO D 191 -9.97 -23.41 -37.71
CA PRO D 191 -10.19 -23.14 -36.29
C PRO D 191 -9.09 -22.37 -35.55
N TYR D 192 -8.14 -21.79 -36.27
CA TYR D 192 -7.05 -21.08 -35.61
C TYR D 192 -7.42 -20.01 -34.58
N PRO D 193 -8.31 -19.07 -34.93
CA PRO D 193 -8.64 -18.06 -33.92
C PRO D 193 -9.15 -18.66 -32.61
N THR D 194 -9.79 -19.82 -32.72
CA THR D 194 -10.33 -20.48 -31.54
C THR D 194 -9.27 -21.28 -30.80
N ILE D 195 -8.45 -22.00 -31.57
CA ILE D 195 -7.40 -22.84 -30.99
C ILE D 195 -6.39 -21.99 -30.20
N VAL D 196 -5.89 -20.93 -30.83
CA VAL D 196 -4.93 -20.04 -30.17
C VAL D 196 -5.50 -19.48 -28.87
N ARG D 197 -6.72 -18.97 -28.92
CA ARG D 197 -7.35 -18.41 -27.73
C ARG D 197 -7.47 -19.42 -26.59
N ASP D 198 -7.86 -20.66 -26.92
CA ASP D 198 -8.00 -21.68 -25.89
C ASP D 198 -6.66 -21.95 -25.22
N PHE D 199 -5.60 -21.98 -26.02
CA PHE D 199 -4.27 -22.24 -25.51
C PHE D 199 -3.71 -21.11 -24.63
N GLN D 200 -4.21 -19.90 -24.83
CA GLN D 200 -3.78 -18.75 -24.05
C GLN D 200 -4.69 -18.43 -22.85
N SER D 201 -5.92 -18.93 -22.89
CA SER D 201 -6.87 -18.68 -21.80
C SER D 201 -6.31 -19.03 -20.42
N VAL D 202 -5.40 -20.00 -20.37
CA VAL D 202 -4.77 -20.40 -19.12
C VAL D 202 -4.22 -19.16 -18.38
N ILE D 203 -3.88 -18.12 -19.14
CA ILE D 203 -3.38 -16.90 -18.53
C ILE D 203 -4.51 -16.33 -17.69
N GLY D 204 -5.69 -16.23 -18.31
CA GLY D 204 -6.87 -15.70 -17.64
C GLY D 204 -7.35 -16.51 -16.46
N ARG D 205 -7.25 -17.83 -16.54
CA ARG D 205 -7.70 -18.68 -15.45
C ARG D 205 -6.86 -18.44 -14.21
N GLU D 206 -5.53 -18.49 -14.38
CA GLU D 206 -4.60 -18.28 -13.28
C GLU D 206 -4.85 -16.89 -12.73
N ALA D 207 -4.79 -15.89 -13.61
CA ALA D 207 -4.98 -14.50 -13.22
C ALA D 207 -6.27 -14.28 -12.43
N LYS D 208 -7.28 -15.10 -12.70
CA LYS D 208 -8.56 -14.98 -12.00
C LYS D 208 -8.40 -15.54 -10.59
N ALA D 209 -7.95 -16.79 -10.52
CA ALA D 209 -7.72 -17.46 -9.26
C ALA D 209 -6.77 -16.66 -8.37
N GLN D 210 -5.77 -16.05 -8.99
CA GLN D 210 -4.77 -15.28 -8.26
C GLN D 210 -5.28 -13.96 -7.72
N ILE D 211 -6.16 -13.29 -8.46
CA ILE D 211 -6.69 -12.00 -8.01
C ILE D 211 -7.75 -12.22 -6.93
N LEU D 212 -8.34 -13.41 -6.91
CA LEU D 212 -9.35 -13.71 -5.91
C LEU D 212 -8.65 -13.99 -4.59
N GLU D 213 -7.43 -14.52 -4.66
CA GLU D 213 -6.66 -14.82 -3.47
C GLU D 213 -6.03 -13.57 -2.89
N ALA D 214 -5.63 -12.64 -3.77
CA ALA D 214 -4.98 -11.42 -3.35
C ALA D 214 -5.94 -10.29 -2.99
N GLU D 215 -7.14 -10.32 -3.56
CA GLU D 215 -8.12 -9.28 -3.31
C GLU D 215 -9.51 -9.81 -2.98
N GLY D 216 -9.67 -11.12 -3.04
CA GLY D 216 -10.97 -11.71 -2.73
C GLY D 216 -12.09 -11.27 -3.65
N GLN D 217 -11.73 -10.58 -4.74
CA GLN D 217 -12.72 -10.12 -5.73
C GLN D 217 -12.12 -10.03 -7.13
N LEU D 218 -12.98 -10.03 -8.13
CA LEU D 218 -12.53 -9.93 -9.52
C LEU D 218 -12.06 -8.50 -9.72
N PRO D 219 -11.29 -8.24 -10.80
CA PRO D 219 -10.78 -6.89 -11.06
C PRO D 219 -11.81 -5.99 -11.72
N ASP D 220 -11.57 -4.67 -11.65
CA ASP D 220 -12.46 -3.71 -12.27
C ASP D 220 -12.13 -3.55 -13.75
N VAL D 221 -10.84 -3.54 -14.06
CA VAL D 221 -10.39 -3.40 -15.44
C VAL D 221 -9.22 -4.32 -15.77
N ILE D 222 -9.28 -4.93 -16.94
CA ILE D 222 -8.19 -5.78 -17.41
C ILE D 222 -7.64 -5.14 -18.67
N VAL D 223 -6.36 -4.83 -18.67
CA VAL D 223 -5.72 -4.20 -19.82
C VAL D 223 -4.61 -5.05 -20.42
N ALA D 224 -4.65 -5.22 -21.73
CA ALA D 224 -3.64 -5.99 -22.43
C ALA D 224 -3.38 -5.28 -23.77
N CYS D 225 -2.17 -5.46 -24.29
CA CYS D 225 -1.83 -4.85 -25.57
C CYS D 225 -2.41 -5.78 -26.64
N VAL D 226 -2.65 -5.24 -27.83
CA VAL D 226 -3.23 -6.03 -28.93
C VAL D 226 -2.49 -5.91 -30.26
N GLY D 227 -1.99 -7.05 -30.73
CA GLY D 227 -1.32 -7.11 -32.02
C GLY D 227 -2.31 -7.96 -32.79
N GLY D 228 -2.06 -9.26 -32.81
CA GLY D 228 -3.00 -10.15 -33.45
C GLY D 228 -4.12 -10.22 -32.43
N GLY D 229 -3.73 -10.16 -31.16
CA GLY D 229 -4.68 -10.19 -30.05
C GLY D 229 -4.68 -11.44 -29.19
N SER D 230 -3.67 -12.29 -29.31
CA SER D 230 -3.65 -13.51 -28.51
C SER D 230 -3.45 -13.35 -27.00
N ASN D 231 -2.58 -12.47 -26.54
CA ASN D 231 -2.39 -12.35 -25.10
C ASN D 231 -3.57 -11.61 -24.47
N ALA D 232 -4.28 -10.84 -25.29
CA ALA D 232 -5.44 -10.09 -24.83
C ALA D 232 -6.58 -11.07 -24.62
N MET D 233 -6.79 -11.96 -25.59
CA MET D 233 -7.85 -12.95 -25.50
C MET D 233 -7.55 -13.96 -24.40
N GLY D 234 -6.30 -14.40 -24.33
CA GLY D 234 -5.90 -15.37 -23.32
C GLY D 234 -6.22 -14.94 -21.90
N ILE D 235 -6.16 -13.64 -21.64
CA ILE D 235 -6.46 -13.14 -20.31
C ILE D 235 -7.86 -12.51 -20.25
N PHE D 236 -8.43 -12.20 -21.41
CA PHE D 236 -9.77 -11.61 -21.48
C PHE D 236 -10.86 -12.66 -21.26
N TYR D 237 -10.81 -13.71 -22.09
CA TYR D 237 -11.77 -14.80 -22.09
C TYR D 237 -12.38 -15.24 -20.76
N PRO D 238 -11.55 -15.67 -19.80
CA PRO D 238 -12.11 -16.11 -18.52
C PRO D 238 -12.99 -15.09 -17.79
N PHE D 239 -12.96 -13.85 -18.25
CA PHE D 239 -13.74 -12.78 -17.61
C PHE D 239 -14.86 -12.22 -18.50
N VAL D 240 -15.04 -12.81 -19.68
CA VAL D 240 -16.07 -12.35 -20.62
C VAL D 240 -17.48 -12.35 -20.05
N ASN D 241 -17.78 -13.33 -19.21
CA ASN D 241 -19.10 -13.46 -18.59
C ASN D 241 -19.27 -12.67 -17.30
N ASP D 242 -18.15 -12.26 -16.71
CA ASP D 242 -18.20 -11.48 -15.48
C ASP D 242 -18.45 -10.02 -15.84
N LYS D 243 -19.67 -9.76 -16.27
CA LYS D 243 -20.12 -8.44 -16.68
C LYS D 243 -19.45 -7.22 -16.07
N LYS D 244 -19.16 -7.28 -14.77
CA LYS D 244 -18.55 -6.15 -14.08
C LYS D 244 -17.09 -5.92 -14.48
N VAL D 245 -16.47 -6.94 -15.08
CA VAL D 245 -15.07 -6.84 -15.48
C VAL D 245 -14.89 -6.13 -16.83
N LYS D 246 -14.39 -4.91 -16.76
CA LYS D 246 -14.16 -4.11 -17.95
C LYS D 246 -12.93 -4.69 -18.65
N LEU D 247 -12.97 -4.73 -19.98
CA LEU D 247 -11.86 -5.25 -20.78
C LEU D 247 -11.34 -4.16 -21.72
N VAL D 248 -10.06 -3.81 -21.59
CA VAL D 248 -9.46 -2.78 -22.42
C VAL D 248 -8.27 -3.32 -23.22
N GLY D 249 -8.36 -3.22 -24.55
CA GLY D 249 -7.30 -3.67 -25.42
C GLY D 249 -6.56 -2.46 -25.92
N VAL D 250 -5.23 -2.51 -25.97
CA VAL D 250 -4.45 -1.38 -26.44
C VAL D 250 -3.71 -1.70 -27.73
N GLU D 251 -3.89 -0.86 -28.74
CA GLU D 251 -3.23 -1.03 -30.01
C GLU D 251 -2.11 0.00 -30.15
N ALA D 252 -1.19 -0.26 -31.07
CA ALA D 252 -0.07 0.65 -31.28
C ALA D 252 -0.47 1.93 -32.01
N GLY D 253 -0.25 3.07 -31.34
CA GLY D 253 -0.57 4.35 -31.93
C GLY D 253 0.56 4.84 -32.83
N GLY D 254 1.71 4.17 -32.72
CA GLY D 254 2.87 4.52 -33.51
C GLY D 254 3.27 5.96 -33.33
N LYS D 255 3.33 6.70 -34.43
CA LYS D 255 3.69 8.12 -34.39
C LYS D 255 2.43 8.95 -34.14
N GLY D 256 1.29 8.29 -34.07
CA GLY D 256 0.03 8.98 -33.87
C GLY D 256 -0.94 8.49 -34.91
N LEU D 257 -2.20 8.28 -34.54
CA LEU D 257 -3.21 7.78 -35.47
C LEU D 257 -3.37 8.63 -36.73
N GLU D 258 -3.35 9.94 -36.56
CA GLU D 258 -3.51 10.86 -37.68
C GLU D 258 -2.29 10.93 -38.57
N SER D 259 -1.21 10.24 -38.19
CA SER D 259 0.02 10.27 -38.97
C SER D 259 0.15 9.09 -39.94
N GLY D 260 -0.81 8.16 -39.89
CA GLY D 260 -0.76 7.00 -40.77
C GLY D 260 0.28 5.99 -40.35
N LYS D 261 1.18 6.39 -39.46
CA LYS D 261 2.24 5.52 -38.97
C LYS D 261 1.89 4.86 -37.64
N HIS D 262 1.12 3.78 -37.72
CA HIS D 262 0.69 3.03 -36.55
C HIS D 262 0.32 1.63 -37.00
N SER D 263 -0.36 0.89 -36.14
CA SER D 263 -0.78 -0.47 -36.47
C SER D 263 -2.09 -0.75 -35.74
N ALA D 264 -2.94 0.25 -35.68
CA ALA D 264 -4.24 0.16 -35.01
C ALA D 264 -5.35 -0.27 -35.97
N SER D 265 -5.43 -1.57 -36.22
CA SER D 265 -6.45 -2.13 -37.11
C SER D 265 -7.87 -1.81 -36.66
N LEU D 266 -8.17 -2.11 -35.40
CA LEU D 266 -9.50 -1.88 -34.86
C LEU D 266 -9.90 -0.43 -34.88
N ASN D 267 -9.00 0.45 -34.44
CA ASN D 267 -9.32 1.86 -34.40
C ASN D 267 -9.20 2.61 -35.72
N ALA D 268 -8.36 2.14 -36.64
CA ALA D 268 -8.21 2.85 -37.90
C ALA D 268 -8.22 1.97 -39.15
N GLY D 269 -8.52 0.70 -38.95
CA GLY D 269 -8.56 -0.22 -40.07
C GLY D 269 -9.96 -0.38 -40.59
N GLN D 270 -10.08 -1.08 -41.71
CA GLN D 270 -11.37 -1.33 -42.32
C GLN D 270 -11.63 -2.83 -42.38
N VAL D 271 -12.89 -3.21 -42.55
CA VAL D 271 -13.23 -4.62 -42.61
C VAL D 271 -12.76 -5.16 -43.95
N GLY D 272 -12.29 -6.40 -43.96
CA GLY D 272 -11.81 -7.01 -45.18
C GLY D 272 -11.44 -8.45 -44.97
N VAL D 273 -10.77 -9.05 -45.95
CA VAL D 273 -10.35 -10.44 -45.83
C VAL D 273 -8.86 -10.57 -46.07
N PHE D 274 -8.20 -11.22 -45.12
CA PHE D 274 -6.76 -11.45 -45.20
C PHE D 274 -6.39 -12.56 -44.25
N HIS D 275 -5.42 -13.39 -44.66
CA HIS D 275 -4.97 -14.51 -43.84
C HIS D 275 -6.13 -15.48 -43.59
N GLY D 276 -7.04 -15.56 -44.55
CA GLY D 276 -8.18 -16.47 -44.44
C GLY D 276 -9.28 -16.10 -43.45
N MET D 277 -9.38 -14.82 -43.10
CA MET D 277 -10.40 -14.40 -42.15
C MET D 277 -10.99 -13.04 -42.47
N LEU D 278 -12.18 -12.79 -41.92
CA LEU D 278 -12.86 -11.52 -42.13
C LEU D 278 -12.74 -10.77 -40.83
N SER D 279 -12.09 -9.61 -40.87
CA SER D 279 -11.89 -8.79 -39.68
C SER D 279 -11.35 -7.41 -40.08
N TYR D 280 -10.84 -6.67 -39.11
CA TYR D 280 -10.29 -5.35 -39.39
C TYR D 280 -8.82 -5.43 -39.81
N PHE D 281 -8.48 -4.81 -40.93
CA PHE D 281 -7.11 -4.80 -41.44
C PHE D 281 -6.76 -3.39 -41.90
N LEU D 282 -5.46 -3.12 -42.00
CA LEU D 282 -5.00 -1.84 -42.45
C LEU D 282 -4.65 -1.96 -43.93
N GLN D 283 -5.53 -1.47 -44.79
CA GLN D 283 -5.27 -1.53 -46.22
C GLN D 283 -4.92 -0.15 -46.72
N ASP D 284 -4.83 -0.07 -48.04
CA ASP D 284 -4.58 1.18 -48.72
C ASP D 284 -5.82 1.29 -49.60
N GLU D 285 -5.98 2.43 -50.26
CA GLU D 285 -7.15 2.66 -51.10
C GLU D 285 -7.44 1.59 -52.15
N GLU D 286 -6.55 0.61 -52.27
CA GLU D 286 -6.74 -0.45 -53.24
C GLU D 286 -6.95 -1.82 -52.61
N GLY D 287 -7.29 -1.82 -51.32
CA GLY D 287 -7.54 -3.07 -50.62
C GLY D 287 -6.32 -3.92 -50.37
N GLN D 288 -5.14 -3.33 -50.52
CA GLN D 288 -3.90 -4.06 -50.31
C GLN D 288 -3.37 -3.80 -48.90
N ILE D 289 -2.86 -4.84 -48.26
CA ILE D 289 -2.32 -4.72 -46.91
C ILE D 289 -1.32 -3.57 -46.79
N LYS D 290 -1.68 -2.59 -45.97
CA LYS D 290 -0.88 -1.40 -45.69
C LYS D 290 0.08 -1.61 -44.53
N PRO D 291 1.12 -0.78 -44.44
CA PRO D 291 2.14 -0.86 -43.40
C PRO D 291 1.69 -0.86 -41.96
N THR D 292 2.67 -1.09 -41.10
CA THR D 292 2.45 -1.11 -39.68
C THR D 292 3.67 -0.46 -39.09
N HIS D 293 3.44 0.40 -38.12
CA HIS D 293 4.58 0.97 -37.44
C HIS D 293 4.30 1.07 -35.98
N SER D 294 5.27 0.58 -35.23
CA SER D 294 5.21 0.61 -33.79
C SER D 294 6.59 0.33 -33.24
N ILE D 295 7.01 1.10 -32.26
CA ILE D 295 8.32 0.90 -31.66
C ILE D 295 8.37 -0.55 -31.14
N ALA D 296 7.19 -1.17 -31.05
CA ALA D 296 7.06 -2.55 -30.58
C ALA D 296 7.07 -3.49 -31.77
N PRO D 297 8.08 -4.36 -31.85
CA PRO D 297 8.18 -5.32 -32.97
C PRO D 297 6.95 -6.21 -33.12
N GLY D 298 6.47 -6.74 -32.00
CA GLY D 298 5.33 -7.65 -32.02
C GLY D 298 3.97 -7.12 -32.40
N LEU D 299 3.83 -5.79 -32.44
CA LEU D 299 2.56 -5.15 -32.82
C LEU D 299 2.63 -4.79 -34.31
N ASP D 300 3.20 -5.69 -35.10
CA ASP D 300 3.38 -5.49 -36.54
C ASP D 300 2.32 -6.09 -37.45
N TYR D 301 1.58 -7.08 -36.97
CA TYR D 301 0.53 -7.73 -37.76
C TYR D 301 -0.40 -6.66 -38.34
N PRO D 302 -0.65 -6.71 -39.67
CA PRO D 302 -1.52 -5.72 -40.33
C PRO D 302 -3.02 -5.85 -40.04
N GLY D 303 -3.38 -6.52 -38.96
CA GLY D 303 -4.78 -6.68 -38.62
C GLY D 303 -5.03 -7.07 -37.17
N VAL D 304 -6.16 -7.73 -36.94
CA VAL D 304 -6.53 -8.17 -35.60
C VAL D 304 -7.48 -9.37 -35.67
N GLY D 305 -7.43 -10.23 -34.66
CA GLY D 305 -8.28 -11.41 -34.61
C GLY D 305 -9.76 -11.10 -34.70
N PRO D 306 -10.57 -12.04 -35.23
CA PRO D 306 -12.02 -11.86 -35.37
C PRO D 306 -12.81 -11.70 -34.07
N GLU D 307 -12.37 -12.40 -33.04
CA GLU D 307 -13.05 -12.35 -31.76
C GLU D 307 -12.96 -10.96 -31.16
N HIS D 308 -11.88 -10.25 -31.48
CA HIS D 308 -11.71 -8.90 -30.98
C HIS D 308 -12.63 -7.93 -31.70
N ALA D 309 -12.71 -8.07 -33.03
CA ALA D 309 -13.59 -7.22 -33.82
C ALA D 309 -14.99 -7.44 -33.29
N TYR D 310 -15.32 -8.70 -32.99
CA TYR D 310 -16.62 -9.05 -32.45
C TYR D 310 -16.84 -8.33 -31.12
N LEU D 311 -15.97 -8.62 -30.16
CA LEU D 311 -16.04 -8.00 -28.84
C LEU D 311 -16.21 -6.49 -28.95
N LYS D 312 -15.58 -5.90 -29.95
CA LYS D 312 -15.67 -4.45 -30.15
C LYS D 312 -17.08 -4.07 -30.58
N LYS D 313 -17.65 -4.88 -31.46
CA LYS D 313 -18.99 -4.64 -31.99
C LYS D 313 -20.03 -4.65 -30.88
N ILE D 314 -20.10 -5.75 -30.14
CA ILE D 314 -21.06 -5.90 -29.06
C ILE D 314 -20.64 -5.11 -27.82
N GLN D 315 -19.61 -4.29 -27.98
CA GLN D 315 -19.08 -3.44 -26.92
C GLN D 315 -18.71 -4.09 -25.57
N ARG D 316 -18.37 -5.37 -25.61
CA ARG D 316 -17.96 -6.07 -24.39
C ARG D 316 -16.57 -5.59 -23.97
N ALA D 317 -15.79 -5.14 -24.95
CA ALA D 317 -14.44 -4.66 -24.69
C ALA D 317 -14.13 -3.37 -25.44
N GLU D 318 -13.39 -2.49 -24.79
CA GLU D 318 -12.98 -1.21 -25.38
C GLU D 318 -11.55 -1.29 -25.91
N TYR D 319 -11.29 -0.70 -27.07
CA TYR D 319 -9.95 -0.72 -27.68
C TYR D 319 -9.39 0.67 -27.90
N VAL D 320 -8.23 0.93 -27.29
CA VAL D 320 -7.59 2.23 -27.41
C VAL D 320 -6.25 2.13 -28.11
N THR D 321 -5.48 3.21 -28.09
CA THR D 321 -4.17 3.21 -28.71
C THR D 321 -3.25 4.07 -27.88
N VAL D 322 -1.97 3.74 -27.94
CA VAL D 322 -0.95 4.46 -27.20
C VAL D 322 0.16 4.71 -28.21
N THR D 323 0.81 5.86 -28.14
CA THR D 323 1.88 6.18 -29.09
C THR D 323 3.21 5.54 -28.71
N ASP D 324 4.16 5.57 -29.64
CA ASP D 324 5.49 5.02 -29.39
C ASP D 324 6.07 5.74 -28.17
N GLU D 325 5.96 7.06 -28.19
CA GLU D 325 6.48 7.89 -27.11
C GLU D 325 5.93 7.49 -25.74
N GLU D 326 4.64 7.23 -25.67
CA GLU D 326 4.00 6.83 -24.43
C GLU D 326 4.48 5.46 -23.97
N ALA D 327 4.45 4.49 -24.87
CA ALA D 327 4.90 3.13 -24.56
C ALA D 327 6.33 3.18 -24.06
N LEU D 328 7.17 3.90 -24.79
CA LEU D 328 8.58 4.04 -24.47
C LEU D 328 8.78 4.67 -23.09
N LYS D 329 7.86 5.55 -22.69
CA LYS D 329 7.97 6.16 -21.37
C LYS D 329 7.58 5.15 -20.30
N ALA D 330 6.57 4.33 -20.59
CA ALA D 330 6.09 3.30 -19.67
C ALA D 330 7.19 2.25 -19.46
N PHE D 331 7.90 1.95 -20.54
CA PHE D 331 9.01 1.00 -20.52
C PHE D 331 10.02 1.45 -19.47
N HIS D 332 10.45 2.70 -19.57
CA HIS D 332 11.40 3.25 -18.61
C HIS D 332 10.84 3.31 -17.18
N GLU D 333 9.55 3.63 -17.07
CA GLU D 333 8.89 3.73 -15.76
C GLU D 333 8.84 2.42 -14.95
N LEU D 334 8.34 1.34 -15.56
CA LEU D 334 8.26 0.06 -14.87
C LEU D 334 9.67 -0.36 -14.40
N SER D 335 10.63 -0.28 -15.33
CA SER D 335 12.01 -0.65 -15.06
C SER D 335 12.54 0.02 -13.81
N ARG D 336 12.42 1.34 -13.76
CA ARG D 336 12.86 2.15 -12.64
C ARG D 336 12.06 1.97 -11.37
N THR D 337 10.75 1.83 -11.53
CA THR D 337 9.81 1.72 -10.41
C THR D 337 9.60 0.33 -9.81
N GLU D 338 9.52 -0.69 -10.66
CA GLU D 338 9.31 -2.05 -10.18
C GLU D 338 10.47 -3.01 -10.44
N GLY D 339 11.54 -2.48 -11.04
CA GLY D 339 12.67 -3.33 -11.34
C GLY D 339 12.31 -4.40 -12.36
N ILE D 340 11.34 -4.09 -13.22
CA ILE D 340 10.94 -5.03 -14.25
C ILE D 340 11.04 -4.36 -15.61
N ILE D 341 11.77 -4.98 -16.53
CA ILE D 341 11.92 -4.43 -17.88
C ILE D 341 10.90 -5.16 -18.75
N PRO D 342 9.82 -4.48 -19.13
CA PRO D 342 8.76 -5.08 -19.96
C PRO D 342 9.07 -5.05 -21.45
N ALA D 343 8.40 -5.92 -22.20
CA ALA D 343 8.56 -5.92 -23.66
C ALA D 343 7.94 -4.61 -24.14
N LEU D 344 8.39 -4.12 -25.29
CA LEU D 344 7.83 -2.87 -25.80
C LEU D 344 6.34 -3.02 -26.09
N GLU D 345 5.92 -4.25 -26.41
CA GLU D 345 4.50 -4.54 -26.66
C GLU D 345 3.74 -4.28 -25.35
N SER D 346 4.16 -4.99 -24.31
CA SER D 346 3.55 -4.87 -22.99
C SER D 346 3.56 -3.42 -22.47
N ALA D 347 4.60 -2.67 -22.81
CA ALA D 347 4.71 -1.29 -22.37
C ALA D 347 3.52 -0.45 -22.86
N HIS D 348 2.84 -0.94 -23.89
CA HIS D 348 1.68 -0.23 -24.41
C HIS D 348 0.51 -0.38 -23.44
N ALA D 349 0.33 -1.58 -22.91
CA ALA D 349 -0.73 -1.83 -21.95
C ALA D 349 -0.41 -1.12 -20.64
N VAL D 350 0.86 -1.16 -20.25
CA VAL D 350 1.31 -0.50 -19.02
C VAL D 350 1.04 1.01 -19.12
N ALA D 351 1.41 1.60 -20.25
CA ALA D 351 1.22 3.03 -20.46
C ALA D 351 -0.24 3.43 -20.26
N TYR D 352 -1.15 2.66 -20.84
CA TYR D 352 -2.57 2.96 -20.71
C TYR D 352 -3.13 2.69 -19.31
N ALA D 353 -2.73 1.57 -18.71
CA ALA D 353 -3.19 1.23 -17.37
C ALA D 353 -2.79 2.33 -16.41
N MET D 354 -1.69 3.02 -16.73
CA MET D 354 -1.19 4.11 -15.90
C MET D 354 -2.14 5.30 -15.96
N LYS D 355 -2.53 5.70 -17.17
CA LYS D 355 -3.45 6.82 -17.33
C LYS D 355 -4.74 6.46 -16.63
N LEU D 356 -5.25 5.28 -16.96
CA LEU D 356 -6.49 4.76 -16.41
C LEU D 356 -6.48 4.75 -14.88
N ALA D 357 -5.41 4.24 -14.28
CA ALA D 357 -5.28 4.16 -12.83
C ALA D 357 -5.42 5.53 -12.16
N LYS D 358 -4.78 6.54 -12.75
CA LYS D 358 -4.81 7.89 -12.20
C LYS D 358 -6.23 8.43 -12.04
N GLU D 359 -7.12 8.00 -12.94
CA GLU D 359 -8.50 8.46 -12.91
C GLU D 359 -9.43 7.45 -12.25
N MET D 360 -8.92 6.73 -11.27
CA MET D 360 -9.73 5.74 -10.57
C MET D 360 -9.48 5.86 -9.07
N SER D 361 -10.27 5.14 -8.29
CA SER D 361 -10.15 5.18 -6.83
C SER D 361 -9.17 4.14 -6.30
N ARG D 362 -8.50 4.51 -5.23
CA ARG D 362 -7.48 3.68 -4.58
C ARG D 362 -7.70 2.17 -4.55
N ASP D 363 -8.93 1.75 -4.33
CA ASP D 363 -9.18 0.32 -4.27
C ASP D 363 -9.91 -0.29 -5.44
N GLU D 364 -9.70 0.34 -6.56
CA GLU D 364 -10.24 -0.26 -7.75
C GLU D 364 -9.05 -1.07 -8.30
N ILE D 365 -9.30 -2.28 -8.78
CA ILE D 365 -8.24 -3.16 -9.27
C ILE D 365 -8.08 -3.21 -10.78
N ILE D 366 -6.85 -2.98 -11.23
CA ILE D 366 -6.52 -3.03 -12.65
C ILE D 366 -5.52 -4.15 -12.88
N ILE D 367 -5.86 -5.11 -13.72
CA ILE D 367 -4.93 -6.21 -14.01
C ILE D 367 -4.34 -6.05 -15.40
N VAL D 368 -3.05 -5.73 -15.45
CA VAL D 368 -2.35 -5.54 -16.71
C VAL D 368 -1.67 -6.83 -17.10
N ASN D 369 -1.82 -7.23 -18.36
CA ASN D 369 -1.19 -8.45 -18.81
C ASN D 369 0.20 -8.10 -19.32
N LEU D 370 1.23 -8.42 -18.53
CA LEU D 370 2.59 -8.15 -18.95
C LEU D 370 2.96 -9.35 -19.80
N SER D 371 2.70 -9.23 -21.10
CA SER D 371 2.93 -10.31 -22.06
C SER D 371 4.39 -10.77 -22.21
N GLY D 372 5.36 -9.92 -21.90
CA GLY D 372 6.74 -10.34 -22.00
C GLY D 372 7.80 -9.43 -21.42
N ARG D 373 9.02 -9.95 -21.32
CA ARG D 373 10.16 -9.18 -20.81
C ARG D 373 10.81 -8.40 -21.98
N GLY D 374 11.54 -7.34 -21.66
CA GLY D 374 12.14 -6.52 -22.71
C GLY D 374 13.60 -6.73 -23.07
N ASP D 375 14.19 -7.82 -22.62
CA ASP D 375 15.61 -8.06 -22.91
C ASP D 375 15.84 -7.95 -24.40
N LYS D 376 14.86 -8.43 -25.16
CA LYS D 376 14.87 -8.44 -26.61
C LYS D 376 14.77 -7.05 -27.24
N ASP D 377 14.30 -6.07 -26.47
CA ASP D 377 14.13 -4.73 -27.01
C ASP D 377 15.21 -3.77 -26.56
N LEU D 378 16.19 -4.27 -25.82
CA LEU D 378 17.24 -3.40 -25.33
C LEU D 378 17.94 -2.64 -26.46
N ASP D 379 18.29 -3.33 -27.53
CA ASP D 379 18.95 -2.69 -28.66
C ASP D 379 18.13 -1.53 -29.23
N ILE D 380 16.89 -1.81 -29.62
CA ILE D 380 16.06 -0.76 -30.19
C ILE D 380 15.89 0.41 -29.23
N VAL D 381 15.68 0.13 -27.94
CA VAL D 381 15.52 1.21 -26.98
C VAL D 381 16.82 1.99 -26.90
N LEU D 382 17.94 1.28 -26.92
CA LEU D 382 19.24 1.92 -26.85
C LEU D 382 19.48 2.80 -28.08
N VAL D 384 17.23 4.37 -29.86
CA VAL D 384 16.13 5.34 -29.78
C VAL D 384 16.36 6.34 -28.66
N SER D 385 16.52 5.83 -27.45
CA SER D 385 16.74 6.69 -26.28
C SER D 385 18.13 7.30 -26.33
N GLY D 386 18.92 6.91 -27.31
CA GLY D 386 20.26 7.44 -27.44
C GLY D 386 20.60 7.84 -28.87
NA NA E . 9.25 9.15 27.23
N1 PLP F . -1.42 10.20 24.17
C2 PLP F . -1.85 11.28 23.41
C2A PLP F . -3.19 11.08 22.71
C3 PLP F . -1.04 12.42 23.37
O3 PLP F . -1.53 13.45 22.60
C4 PLP F . 0.19 12.52 24.05
C4A PLP F . 1.05 13.81 23.99
C5 PLP F . 0.63 11.42 24.82
C6 PLP F . -0.21 10.30 24.84
C5A PLP F . 1.92 11.33 25.62
O4P PLP F . 2.16 12.28 26.65
P PLP F . 1.92 11.95 28.15
O1P PLP F . 2.31 13.20 28.81
O2P PLP F . 2.81 10.80 28.48
O3P PLP F . 0.50 11.65 28.38
NA NA G . -30.12 21.00 1.11
N1 PLP H . -23.04 19.43 9.67
C2 PLP H . -22.16 18.36 9.72
C2A PLP H . -20.98 18.53 10.67
C3 PLP H . -22.42 17.26 8.92
O3 PLP H . -21.49 16.25 9.03
C4 PLP H . -23.52 17.18 8.06
C4A PLP H . -23.79 15.92 7.18
C5 PLP H . -24.43 18.27 8.00
C6 PLP H . -24.14 19.35 8.82
C5A PLP H . -25.68 18.40 7.15
O4P PLP H . -26.67 17.38 7.19
P PLP H . -27.99 17.59 8.01
O1P PLP H . -28.74 16.33 7.75
O2P PLP H . -28.65 18.79 7.43
O3P PLP H . -27.66 17.72 9.43
NA NA I . 36.10 -19.03 -9.05
N1 PLP J . 25.73 -18.69 -13.19
C2 PLP J . 25.08 -17.50 -13.55
C2A PLP J . 23.86 -17.66 -14.46
C3 PLP J . 25.59 -16.31 -13.07
O3 PLP J . 24.91 -15.20 -13.45
C4 PLP J . 26.71 -16.23 -12.24
C4A PLP J . 27.24 -14.86 -11.73
C5 PLP J . 27.38 -17.44 -11.87
C6 PLP J . 26.85 -18.62 -12.38
C5A PLP J . 28.60 -17.56 -11.01
O4P PLP J . 28.53 -17.09 -9.68
P PLP J . 28.26 -18.06 -8.51
O1P PLP J . 28.32 -17.15 -7.33
O2P PLP J . 29.39 -19.06 -8.53
O3P PLP J . 26.94 -18.68 -8.65
N1 PLP K . 3.40 -9.02 -26.46
C2 PLP K . 4.50 -9.82 -26.64
C2A PLP K . 5.47 -9.87 -25.45
C3 PLP K . 4.63 -10.52 -27.83
O3 PLP K . 5.74 -11.31 -27.94
C4 PLP K . 3.69 -10.43 -28.87
C4A PLP K . 3.87 -11.22 -30.20
C5 PLP K . 2.55 -9.60 -28.70
C6 PLP K . 2.46 -8.92 -27.48
C5A PLP K . 1.43 -9.36 -29.69
O4P PLP K . 0.72 -10.50 -30.16
P PLP K . -0.68 -10.88 -29.59
O1P PLP K . -1.02 -12.10 -30.39
O2P PLP K . -1.58 -9.74 -29.90
O3P PLP K . -0.59 -11.17 -28.16
#